data_1W2Z
#
_entry.id   1W2Z
#
_cell.length_a   89.507
_cell.length_b   196.268
_cell.length_c   89.665
_cell.angle_alpha   90.00
_cell.angle_beta   107.46
_cell.angle_gamma   90.00
#
_symmetry.space_group_name_H-M   'P 1 21 1'
#
loop_
_entity.id
_entity.type
_entity.pdbx_description
1 polymer 'AMINE OXIDASE, COPPER CONTAINING'
2 non-polymer 'COPPER (II) ION'
3 non-polymer 'MANGANESE (II) ION'
4 non-polymer XENON
5 non-polymer 2-acetamido-2-deoxy-beta-D-glucopyranose
6 non-polymer 'IODIDE ION'
7 water water
#
_entity_poly.entity_id   1
_entity_poly.type   'polypeptide(L)'
_entity_poly.pdbx_seq_one_letter_code
;VTPLHVQHPLDPLTKEEFLAVQTIVQNKYPISNNRLAFHYIGLDDPEKDHVLRYETHPTLVSIPRKIFVVAIINSQTHEI
LINLRIRSIVSDNIHNGYGFPILSVDEQSLAIKLPLKYPPFIDSVKKRGLNLSEIVCSSFTMGWFGEEKNVRTVRLDCFM
KESTVNIYVRPITGITIVADLDLMKIVEYHDRDIEAVPTAENTEYQVSKQSPPFGPKQHSLTSHQPQGPGFQINGHSVSW
ANWKFHIGFDVRAGIVISLASIYDLEKHKSRRVLYKGYISELFVPYQDPTEEFYFKTFFDSGEFGFGLSTVSLIPNRDCP
PHAQFIDTYVHSANGTPILLKNAICVFEQYGNIMWRHTENGIPNESIEESRTEVNLIVRTIVTVGN(TPQ)DNVIDWEFK
ASGSIKPSIALSGILEIKGTNIKHKDEIKEDLHGKLVSANSIGIYHDHFYIYYLDFDIDGTHNSFEKTSLKTVRIKDGSS
KRKSYWTTETQTAKTESDAKITIGLAPAELVVVNPNIKTAVGNEVGYRLIPAIPAHPLLTEDDYPQIRGAFTNYNVWVTA
YNRTEKWAGGLYVDHSRGDDTLAVWTKQNREIVNKDIVMWHVVGIHHVPAQEDFPIMPLLSTSFELRPTNFFERNPVLKT
LSPRDVAWPGCSN
;
_entity_poly.pdbx_strand_id   A,B,C,D
#
# COMPACT_ATOMS: atom_id res chain seq x y z
N VAL A 6 11.88 -41.64 48.21
CA VAL A 6 12.58 -40.70 47.28
C VAL A 6 13.21 -41.45 46.09
N GLN A 7 13.98 -42.51 46.36
CA GLN A 7 14.49 -43.35 45.28
C GLN A 7 13.36 -44.17 44.61
N HIS A 8 13.24 -44.01 43.30
CA HIS A 8 12.32 -44.81 42.47
C HIS A 8 12.98 -46.13 42.03
N PRO A 9 12.22 -47.23 42.00
CA PRO A 9 12.80 -48.53 41.65
C PRO A 9 13.51 -48.61 40.28
N LEU A 10 13.20 -47.71 39.36
CA LEU A 10 13.82 -47.72 38.03
C LEU A 10 14.95 -46.70 37.88
N ASP A 11 15.26 -45.97 38.97
CA ASP A 11 16.33 -44.98 38.96
C ASP A 11 17.65 -45.62 38.48
N PRO A 12 18.52 -44.81 37.89
CA PRO A 12 19.86 -45.30 37.55
C PRO A 12 20.64 -45.60 38.83
N LEU A 13 21.68 -46.41 38.70
CA LEU A 13 22.57 -46.68 39.82
C LEU A 13 23.27 -45.38 40.29
N THR A 14 23.28 -45.17 41.59
CA THR A 14 23.94 -44.02 42.19
C THR A 14 25.40 -44.32 42.47
N LYS A 15 26.16 -43.28 42.76
CA LYS A 15 27.54 -43.41 43.18
C LYS A 15 27.67 -44.47 44.27
N GLU A 16 26.85 -44.34 45.32
CA GLU A 16 26.89 -45.22 46.49
C GLU A 16 26.65 -46.70 46.12
N GLU A 17 25.74 -46.94 45.17
CA GLU A 17 25.41 -48.31 44.75
C GLU A 17 26.53 -48.93 43.96
N PHE A 18 27.20 -48.14 43.14
CA PHE A 18 28.37 -48.66 42.42
C PHE A 18 29.49 -49.06 43.43
N LEU A 19 29.74 -48.22 44.43
CA LEU A 19 30.73 -48.51 45.45
C LEU A 19 30.40 -49.77 46.28
N ALA A 20 29.13 -50.01 46.55
CA ALA A 20 28.74 -51.19 47.31
C ALA A 20 28.90 -52.45 46.44
N VAL A 21 28.58 -52.33 45.15
CA VAL A 21 28.80 -53.43 44.22
C VAL A 21 30.30 -53.74 44.16
N GLN A 22 31.13 -52.72 44.00
CA GLN A 22 32.58 -52.88 43.91
C GLN A 22 33.08 -53.64 45.14
N THR A 23 32.63 -53.19 46.32
CA THR A 23 32.96 -53.77 47.59
C THR A 23 32.51 -55.23 47.73
N ILE A 24 31.25 -55.52 47.38
CA ILE A 24 30.70 -56.88 47.53
C ILE A 24 31.41 -57.89 46.62
N VAL A 25 31.75 -57.46 45.41
CA VAL A 25 32.37 -58.35 44.44
C VAL A 25 33.84 -58.56 44.80
N GLN A 26 34.53 -57.48 45.15
CA GLN A 26 35.91 -57.56 45.66
C GLN A 26 36.06 -58.44 46.91
N ASN A 27 35.06 -58.47 47.77
CA ASN A 27 35.10 -59.29 48.98
C ASN A 27 35.19 -60.78 48.66
N LYS A 28 34.46 -61.19 47.63
CA LYS A 28 34.46 -62.58 47.18
C LYS A 28 35.71 -62.87 46.35
N TYR A 29 36.16 -61.85 45.61
CA TYR A 29 37.28 -61.98 44.70
C TYR A 29 38.27 -60.86 44.96
N PRO A 30 39.05 -60.97 46.05
CA PRO A 30 40.04 -59.94 46.37
C PRO A 30 41.06 -59.78 45.25
N ILE A 31 41.48 -58.54 45.05
CA ILE A 31 42.41 -58.19 43.96
C ILE A 31 43.83 -58.69 44.21
N SER A 32 44.12 -59.07 45.46
CA SER A 32 45.39 -59.70 45.81
C SER A 32 45.61 -61.04 45.11
N ASN A 33 44.56 -61.84 45.00
CA ASN A 33 44.63 -63.17 44.36
C ASN A 33 43.76 -63.35 43.12
N ASN A 34 43.15 -62.27 42.63
CA ASN A 34 42.28 -62.32 41.46
C ASN A 34 42.55 -61.16 40.53
N ARG A 35 42.51 -61.43 39.23
CA ARG A 35 42.43 -60.37 38.23
C ARG A 35 40.95 -60.12 37.98
N LEU A 36 40.50 -58.91 38.30
CA LEU A 36 39.08 -58.60 38.33
C LEU A 36 38.78 -57.39 37.47
N ALA A 37 37.91 -57.55 36.49
CA ALA A 37 37.48 -56.47 35.61
C ALA A 37 35.96 -56.45 35.53
N PHE A 38 35.37 -55.29 35.79
CA PHE A 38 33.92 -55.10 35.67
C PHE A 38 33.64 -54.55 34.29
N HIS A 39 32.89 -55.29 33.48
CA HIS A 39 32.55 -54.87 32.12
C HIS A 39 31.11 -54.38 31.96
N TYR A 40 30.24 -54.74 32.91
CA TYR A 40 28.89 -54.20 33.00
C TYR A 40 28.40 -54.22 34.45
N ILE A 41 27.88 -53.09 34.91
CA ILE A 41 27.20 -53.03 36.21
C ILE A 41 25.93 -52.21 36.01
N GLY A 42 24.78 -52.88 36.12
CA GLY A 42 23.50 -52.26 35.86
C GLY A 42 22.40 -52.79 36.77
N LEU A 43 21.27 -52.11 36.71
CA LEU A 43 20.11 -52.49 37.46
C LEU A 43 19.51 -53.73 36.82
N ASP A 44 19.35 -54.78 37.60
CA ASP A 44 18.52 -55.92 37.21
C ASP A 44 17.04 -55.48 37.19
N ASP A 45 16.43 -55.53 36.02
CA ASP A 45 15.05 -55.07 35.84
C ASP A 45 14.12 -55.67 36.90
N PRO A 46 13.44 -54.82 37.66
CA PRO A 46 12.47 -55.34 38.62
C PRO A 46 11.35 -55.99 37.84
N GLU A 47 10.67 -56.95 38.45
CA GLU A 47 9.57 -57.64 37.81
C GLU A 47 8.47 -56.63 37.54
N LYS A 48 7.87 -56.72 36.36
CA LYS A 48 6.93 -55.70 35.88
C LYS A 48 5.72 -55.60 36.81
N ASP A 49 5.13 -56.72 37.17
CA ASP A 49 4.00 -56.73 38.12
C ASP A 49 4.32 -56.03 39.46
N HIS A 50 5.57 -56.09 39.92
CA HIS A 50 5.93 -55.37 41.12
C HIS A 50 5.99 -53.86 40.85
N VAL A 51 6.56 -53.48 39.72
CA VAL A 51 6.62 -52.08 39.33
C VAL A 51 5.21 -51.45 39.21
N LEU A 52 4.28 -52.19 38.61
CA LEU A 52 2.91 -51.70 38.43
C LEU A 52 2.20 -51.57 39.77
N ARG A 53 2.47 -52.48 40.70
CA ARG A 53 1.99 -52.39 42.09
C ARG A 53 2.57 -51.14 42.76
N TYR A 54 3.88 -50.88 42.58
CA TYR A 54 4.55 -49.70 43.17
C TYR A 54 3.95 -48.39 42.68
N GLU A 55 3.66 -48.30 41.39
CA GLU A 55 3.05 -47.12 40.79
C GLU A 55 1.79 -46.68 41.51
N THR A 56 0.91 -47.64 41.80
CA THR A 56 -0.37 -47.31 42.44
C THR A 56 -0.23 -47.06 43.95
N HIS A 57 0.79 -47.64 44.60
CA HIS A 57 1.05 -47.40 46.05
C HIS A 57 2.54 -47.17 46.31
N PRO A 58 3.09 -46.05 45.84
CA PRO A 58 4.55 -45.81 45.89
C PRO A 58 5.16 -45.59 47.28
N THR A 59 4.35 -45.27 48.29
CA THR A 59 4.83 -45.14 49.68
C THR A 59 4.85 -46.49 50.41
N LEU A 60 4.12 -47.46 49.87
CA LEU A 60 3.93 -48.76 50.55
C LEU A 60 4.74 -49.93 49.97
N VAL A 61 4.88 -49.98 48.65
CA VAL A 61 5.49 -51.12 47.97
C VAL A 61 7.01 -51.02 48.02
N SER A 62 7.64 -52.07 48.48
CA SER A 62 9.06 -52.06 48.68
C SER A 62 9.68 -53.05 47.70
N ILE A 63 10.53 -52.54 46.82
CA ILE A 63 11.25 -53.36 45.88
C ILE A 63 12.74 -53.28 46.20
N PRO A 64 13.40 -54.42 46.40
CA PRO A 64 14.86 -54.40 46.59
C PRO A 64 15.58 -54.02 45.30
N ARG A 65 16.61 -53.18 45.45
CA ARG A 65 17.51 -52.86 44.37
C ARG A 65 18.41 -54.08 44.11
N LYS A 66 18.27 -54.65 42.93
CA LYS A 66 19.09 -55.77 42.53
C LYS A 66 19.96 -55.30 41.36
N ILE A 67 21.19 -55.78 41.35
CA ILE A 67 22.22 -55.36 40.42
C ILE A 67 22.69 -56.56 39.63
N PHE A 68 22.77 -56.43 38.31
CA PHE A 68 23.41 -57.43 37.45
C PHE A 68 24.81 -56.95 37.09
N VAL A 69 25.78 -57.84 37.22
CA VAL A 69 27.20 -57.53 36.97
C VAL A 69 27.77 -58.55 36.01
N VAL A 70 28.46 -58.08 34.96
CA VAL A 70 29.26 -58.93 34.09
C VAL A 70 30.72 -58.57 34.33
N ALA A 71 31.50 -59.55 34.76
CA ALA A 71 32.87 -59.36 35.17
C ALA A 71 33.74 -60.45 34.58
N ILE A 72 34.93 -60.09 34.12
CA ILE A 72 35.92 -61.08 33.75
C ILE A 72 36.81 -61.25 34.97
N ILE A 73 36.79 -62.46 35.54
CA ILE A 73 37.59 -62.79 36.72
C ILE A 73 38.50 -63.96 36.35
N ASN A 74 39.80 -63.70 36.35
CA ASN A 74 40.79 -64.71 36.00
C ASN A 74 40.45 -65.30 34.63
N SER A 75 40.19 -64.41 33.68
CA SER A 75 39.95 -64.77 32.27
C SER A 75 38.70 -65.67 32.04
N GLN A 76 37.76 -65.63 32.99
CA GLN A 76 36.47 -66.27 32.81
C GLN A 76 35.40 -65.22 32.98
N THR A 77 34.33 -65.33 32.21
CA THR A 77 33.24 -64.36 32.29
C THR A 77 32.25 -64.83 33.34
N HIS A 78 31.99 -63.97 34.32
CA HIS A 78 31.06 -64.27 35.41
C HIS A 78 29.80 -63.39 35.31
N GLU A 79 28.65 -64.00 35.55
CA GLU A 79 27.38 -63.31 35.66
C GLU A 79 26.99 -63.28 37.13
N ILE A 80 26.93 -62.08 37.71
CA ILE A 80 26.72 -61.94 39.14
C ILE A 80 25.49 -61.11 39.41
N LEU A 81 24.57 -61.67 40.20
CA LEU A 81 23.37 -60.96 40.63
C LEU A 81 23.52 -60.65 42.10
N ILE A 82 23.29 -59.38 42.45
CA ILE A 82 23.46 -58.86 43.78
C ILE A 82 22.15 -58.26 44.28
N ASN A 83 21.73 -58.63 45.49
CA ASN A 83 20.65 -57.94 46.20
C ASN A 83 21.28 -56.88 47.11
N LEU A 84 21.19 -55.62 46.71
CA LEU A 84 21.82 -54.53 47.45
C LEU A 84 21.16 -54.19 48.77
N ARG A 85 19.88 -54.53 48.94
CA ARG A 85 19.21 -54.30 50.21
C ARG A 85 19.94 -55.04 51.32
N ILE A 86 20.28 -56.30 51.06
CA ILE A 86 20.96 -57.12 52.05
C ILE A 86 22.45 -57.31 51.75
N ARG A 87 22.94 -56.59 50.74
CA ARG A 87 24.35 -56.62 50.36
C ARG A 87 24.91 -58.06 50.16
N SER A 88 24.18 -58.88 49.41
CA SER A 88 24.59 -60.28 49.20
C SER A 88 24.57 -60.62 47.72
N ILE A 89 25.43 -61.58 47.35
CA ILE A 89 25.41 -62.16 46.02
C ILE A 89 24.42 -63.33 46.03
N VAL A 90 23.37 -63.23 45.21
CA VAL A 90 22.35 -64.28 45.11
C VAL A 90 22.75 -65.35 44.09
N SER A 91 23.44 -64.95 43.01
CA SER A 91 24.01 -65.92 42.07
C SER A 91 25.29 -65.44 41.37
N ASP A 92 26.10 -66.41 40.97
CA ASP A 92 27.42 -66.21 40.39
C ASP A 92 27.66 -67.42 39.51
N ASN A 93 27.42 -67.24 38.22
CA ASN A 93 27.54 -68.32 37.23
C ASN A 93 28.56 -67.91 36.17
N ILE A 94 29.25 -68.90 35.62
CA ILE A 94 30.18 -68.68 34.54
C ILE A 94 29.42 -68.83 33.23
N HIS A 95 29.67 -67.90 32.31
CA HIS A 95 29.07 -67.93 30.98
C HIS A 95 29.90 -68.89 30.16
N ASN A 96 29.27 -69.94 29.65
CA ASN A 96 29.95 -70.95 28.84
C ASN A 96 29.76 -70.80 27.31
N GLY A 97 28.80 -69.98 26.89
CA GLY A 97 28.52 -69.79 25.47
C GLY A 97 29.53 -68.90 24.73
N TYR A 98 29.18 -68.57 23.50
CA TYR A 98 30.00 -67.74 22.63
C TYR A 98 29.81 -66.26 22.96
N GLY A 99 30.79 -65.47 22.58
CA GLY A 99 30.70 -64.04 22.69
C GLY A 99 31.28 -63.57 24.02
N PHE A 100 31.59 -62.27 24.06
CA PHE A 100 32.31 -61.66 25.17
C PHE A 100 31.64 -60.34 25.58
N PRO A 101 31.93 -59.87 26.78
CA PRO A 101 31.29 -58.64 27.25
C PRO A 101 31.71 -57.38 26.50
N ILE A 102 31.07 -56.29 26.90
CA ILE A 102 31.46 -54.94 26.47
C ILE A 102 32.92 -54.72 26.82
N LEU A 103 33.68 -54.22 25.86
CA LEU A 103 35.05 -53.80 26.12
C LEU A 103 35.10 -52.72 27.19
N SER A 104 36.10 -52.78 28.07
CA SER A 104 36.32 -51.71 29.05
C SER A 104 37.15 -50.60 28.45
N VAL A 105 36.98 -49.39 28.98
CA VAL A 105 37.83 -48.27 28.60
C VAL A 105 39.29 -48.54 28.98
N ASP A 106 39.53 -49.06 30.19
CA ASP A 106 40.91 -49.24 30.66
C ASP A 106 41.73 -50.16 29.75
N GLU A 107 41.17 -51.32 29.40
CA GLU A 107 41.92 -52.29 28.60
C GLU A 107 42.20 -51.76 27.19
N GLN A 108 41.30 -50.97 26.63
CA GLN A 108 41.56 -50.24 25.38
C GLN A 108 42.72 -49.26 25.51
N SER A 109 42.74 -48.45 26.59
CA SER A 109 43.84 -47.50 26.84
C SER A 109 45.19 -48.19 26.86
N LEU A 110 45.23 -49.41 27.40
CA LEU A 110 46.45 -50.23 27.42
C LEU A 110 46.78 -50.79 26.05
N ALA A 111 45.75 -51.28 25.33
CA ALA A 111 45.93 -51.91 24.05
C ALA A 111 46.48 -50.97 22.98
N ILE A 112 46.06 -49.70 23.02
CA ILE A 112 46.44 -48.74 21.99
C ILE A 112 47.87 -48.23 22.13
N LYS A 113 48.50 -48.47 23.27
CA LYS A 113 49.92 -48.15 23.47
C LYS A 113 50.85 -49.19 22.90
N LEU A 114 50.37 -50.44 22.74
CA LEU A 114 51.24 -51.57 22.31
C LEU A 114 52.00 -51.36 20.99
N PRO A 115 51.35 -50.86 19.94
CA PRO A 115 52.06 -50.63 18.67
C PRO A 115 53.29 -49.72 18.84
N LEU A 116 53.20 -48.73 19.71
CA LEU A 116 54.25 -47.72 19.88
C LEU A 116 55.57 -48.28 20.44
N LYS A 117 55.50 -49.44 21.08
CA LYS A 117 56.69 -50.14 21.57
C LYS A 117 56.96 -51.46 20.83
N TYR A 118 56.25 -51.69 19.74
CA TYR A 118 56.36 -52.94 19.02
C TYR A 118 57.37 -52.77 17.87
N PRO A 119 58.54 -53.39 17.97
CA PRO A 119 59.60 -53.13 16.99
C PRO A 119 59.17 -53.21 15.51
N PRO A 120 58.42 -54.22 15.08
CA PRO A 120 57.93 -54.22 13.70
C PRO A 120 57.07 -53.00 13.33
N PHE A 121 56.23 -52.51 14.25
CA PHE A 121 55.50 -51.26 13.99
C PHE A 121 56.41 -50.06 13.90
N ILE A 122 57.35 -49.95 14.84
CA ILE A 122 58.36 -48.89 14.84
C ILE A 122 59.13 -48.85 13.52
N ASP A 123 59.53 -50.02 13.00
CA ASP A 123 60.22 -50.13 11.71
C ASP A 123 59.31 -49.76 10.53
N SER A 124 58.04 -50.18 10.57
CA SER A 124 57.08 -49.82 9.53
C SER A 124 56.86 -48.30 9.47
N VAL A 125 56.82 -47.68 10.64
CA VAL A 125 56.60 -46.25 10.77
C VAL A 125 57.83 -45.48 10.23
N LYS A 126 59.01 -45.95 10.59
CA LYS A 126 60.25 -45.34 10.14
C LYS A 126 60.38 -45.40 8.62
N LYS A 127 60.03 -46.54 8.04
CA LYS A 127 60.07 -46.76 6.61
C LYS A 127 59.15 -45.80 5.85
N ARG A 128 58.10 -45.34 6.52
CA ARG A 128 57.17 -44.36 5.92
C ARG A 128 57.58 -42.90 6.22
N GLY A 129 58.58 -42.72 7.09
CA GLY A 129 59.06 -41.40 7.42
C GLY A 129 58.11 -40.63 8.34
N LEU A 130 57.34 -41.35 9.15
CA LEU A 130 56.37 -40.76 10.05
C LEU A 130 56.92 -40.60 11.47
N ASN A 131 56.42 -39.58 12.17
CA ASN A 131 56.85 -39.24 13.52
C ASN A 131 56.13 -40.13 14.54
N LEU A 132 56.88 -41.06 15.12
CA LEU A 132 56.38 -42.03 16.07
C LEU A 132 55.73 -41.36 17.27
N SER A 133 56.27 -40.23 17.68
CA SER A 133 55.78 -39.51 18.85
C SER A 133 54.40 -38.84 18.66
N GLU A 134 53.90 -38.79 17.42
CA GLU A 134 52.60 -38.18 17.13
C GLU A 134 51.61 -39.19 16.55
N ILE A 135 51.77 -40.45 16.90
CA ILE A 135 50.87 -41.52 16.47
C ILE A 135 49.92 -41.85 17.60
N VAL A 136 48.63 -41.95 17.27
CA VAL A 136 47.64 -42.48 18.17
C VAL A 136 46.95 -43.65 17.51
N CYS A 137 46.69 -44.68 18.30
CA CYS A 137 45.99 -45.86 17.84
C CYS A 137 44.65 -45.99 18.54
N SER A 138 43.77 -46.78 17.95
CA SER A 138 42.40 -47.00 18.41
C SER A 138 42.03 -48.50 18.25
N SER A 139 41.25 -49.06 19.16
CA SER A 139 40.94 -50.50 19.11
C SER A 139 39.62 -50.75 18.40
N PHE A 140 39.61 -51.61 17.40
CA PHE A 140 38.40 -51.93 16.65
C PHE A 140 37.99 -53.38 16.90
N THR A 141 36.71 -53.61 17.16
CA THR A 141 36.23 -54.99 17.27
C THR A 141 36.34 -55.72 15.91
N MET A 142 36.48 -57.03 15.97
CA MET A 142 36.80 -57.90 14.84
C MET A 142 35.71 -58.94 14.55
N GLY A 143 34.71 -59.05 15.42
CA GLY A 143 33.62 -59.97 15.21
C GLY A 143 34.04 -61.42 15.07
N TRP A 144 33.36 -62.12 14.16
CA TRP A 144 33.52 -63.57 13.95
C TRP A 144 33.28 -63.83 12.48
N PHE A 145 34.09 -64.69 11.89
CA PHE A 145 33.99 -65.00 10.47
C PHE A 145 34.13 -66.50 10.21
N GLY A 146 33.50 -67.32 11.05
CA GLY A 146 33.46 -68.74 10.81
C GLY A 146 34.50 -69.57 11.52
N GLU A 147 35.54 -68.92 12.06
CA GLU A 147 36.58 -69.60 12.82
C GLU A 147 36.06 -70.22 14.13
N GLU A 148 36.70 -71.31 14.55
CA GLU A 148 36.36 -72.01 15.79
C GLU A 148 37.07 -71.35 16.97
N LYS A 149 38.19 -70.70 16.70
CA LYS A 149 38.91 -69.86 17.66
C LYS A 149 37.99 -68.81 18.31
N ASN A 150 38.08 -68.73 19.64
CA ASN A 150 37.24 -67.85 20.43
C ASN A 150 38.08 -67.14 21.49
N VAL A 151 38.78 -66.09 21.05
CA VAL A 151 39.60 -65.26 21.94
C VAL A 151 39.26 -63.79 21.77
N ARG A 152 39.53 -63.03 22.83
CA ARG A 152 39.24 -61.60 22.90
C ARG A 152 40.25 -60.73 22.15
N THR A 153 40.23 -60.78 20.82
CA THR A 153 41.17 -60.00 20.03
C THR A 153 40.47 -58.82 19.39
N VAL A 154 41.26 -57.78 19.13
CA VAL A 154 40.84 -56.60 18.41
C VAL A 154 41.88 -56.27 17.35
N ARG A 155 41.46 -55.48 16.38
CA ARG A 155 42.38 -54.88 15.42
C ARG A 155 42.77 -53.49 15.93
N LEU A 156 44.04 -53.14 15.82
CA LEU A 156 44.51 -51.82 16.19
C LEU A 156 44.86 -51.08 14.92
N ASP A 157 44.24 -49.93 14.73
CA ASP A 157 44.53 -49.02 13.63
C ASP A 157 45.17 -47.78 14.21
N CYS A 158 46.09 -47.17 13.48
CA CYS A 158 46.81 -46.00 13.98
C CYS A 158 46.66 -44.78 13.06
N PHE A 159 46.92 -43.60 13.61
CA PHE A 159 46.62 -42.32 12.97
C PHE A 159 47.65 -41.28 13.34
N MET A 160 47.91 -40.34 12.44
CA MET A 160 48.78 -39.20 12.70
C MET A 160 48.01 -38.05 13.31
N LYS A 161 48.69 -37.33 14.20
CA LYS A 161 48.09 -36.20 14.93
C LYS A 161 48.81 -34.92 14.49
N GLU A 162 49.97 -34.64 15.07
CA GLU A 162 50.78 -33.46 14.70
C GLU A 162 49.92 -32.18 14.81
N SER A 163 49.69 -31.45 13.72
CA SER A 163 49.04 -30.13 13.81
C SER A 163 47.51 -30.16 13.98
N THR A 164 46.91 -31.33 14.15
CA THR A 164 45.46 -31.46 14.21
C THR A 164 45.06 -32.54 15.23
N VAL A 165 43.89 -32.36 15.83
CA VAL A 165 43.29 -33.40 16.68
C VAL A 165 42.38 -34.30 15.89
N ASN A 166 42.19 -33.98 14.62
CA ASN A 166 41.29 -34.76 13.77
C ASN A 166 41.97 -36.03 13.26
N ILE A 167 42.22 -36.96 14.16
CA ILE A 167 43.05 -38.13 13.84
C ILE A 167 42.40 -39.10 12.88
N TYR A 168 41.08 -39.21 12.91
CA TYR A 168 40.35 -40.18 12.09
C TYR A 168 40.48 -39.88 10.58
N VAL A 169 40.76 -38.62 10.19
CA VAL A 169 40.98 -38.31 8.79
C VAL A 169 42.46 -38.46 8.34
N ARG A 170 43.32 -38.92 9.25
CA ARG A 170 44.73 -39.16 8.98
C ARG A 170 45.15 -40.59 9.34
N PRO A 171 44.53 -41.58 8.72
CA PRO A 171 44.93 -42.98 8.98
C PRO A 171 46.30 -43.29 8.42
N ILE A 172 47.01 -44.17 9.12
CA ILE A 172 48.13 -44.91 8.57
C ILE A 172 47.53 -46.21 8.04
N THR A 173 47.21 -46.25 6.75
CA THR A 173 46.51 -47.37 6.14
C THR A 173 47.50 -48.41 5.60
N GLY A 174 47.17 -49.69 5.75
CA GLY A 174 47.92 -50.79 5.16
C GLY A 174 48.62 -51.74 6.12
N ILE A 175 48.34 -51.64 7.42
CA ILE A 175 48.97 -52.50 8.43
C ILE A 175 47.95 -53.28 9.27
N THR A 176 48.09 -54.59 9.29
CA THR A 176 47.31 -55.47 10.13
C THR A 176 47.98 -55.63 11.51
N ILE A 177 47.27 -55.25 12.54
CA ILE A 177 47.72 -55.46 13.90
C ILE A 177 46.55 -56.07 14.63
N VAL A 178 46.76 -57.26 15.16
CA VAL A 178 45.79 -57.90 16.03
C VAL A 178 46.38 -57.98 17.42
N ALA A 179 45.59 -57.61 18.43
CA ALA A 179 46.01 -57.65 19.82
C ALA A 179 45.01 -58.48 20.64
N ASP A 180 45.52 -59.40 21.45
CA ASP A 180 44.69 -60.18 22.37
C ASP A 180 44.61 -59.39 23.66
N LEU A 181 43.40 -59.00 24.06
CA LEU A 181 43.19 -58.11 25.22
C LEU A 181 43.44 -58.80 26.56
N ASP A 182 43.15 -60.10 26.62
CA ASP A 182 43.37 -60.90 27.82
C ASP A 182 44.88 -61.02 28.09
N LEU A 183 45.66 -61.38 27.06
CA LEU A 183 47.11 -61.44 27.16
C LEU A 183 47.74 -60.05 27.12
N MET A 184 46.98 -59.07 26.68
CA MET A 184 47.49 -57.72 26.41
C MET A 184 48.77 -57.72 25.57
N LYS A 185 48.75 -58.39 24.44
CA LYS A 185 49.87 -58.31 23.50
C LYS A 185 49.45 -58.49 22.05
N ILE A 186 50.32 -58.03 21.16
CA ILE A 186 50.10 -58.15 19.73
C ILE A 186 50.39 -59.59 19.38
N VAL A 187 49.41 -60.25 18.77
CA VAL A 187 49.53 -61.65 18.38
C VAL A 187 49.59 -61.84 16.87
N GLU A 188 49.44 -60.76 16.11
CA GLU A 188 49.54 -60.83 14.66
C GLU A 188 49.96 -59.47 14.10
N TYR A 189 50.86 -59.49 13.13
CA TYR A 189 51.34 -58.27 12.47
C TYR A 189 51.68 -58.56 11.02
N HIS A 190 51.13 -57.77 10.09
CA HIS A 190 51.44 -57.88 8.67
C HIS A 190 51.40 -56.46 8.04
N ASP A 191 52.57 -55.95 7.68
CA ASP A 191 52.70 -54.68 6.97
C ASP A 191 52.48 -54.97 5.48
N ARG A 192 51.30 -54.62 4.97
CA ARG A 192 50.90 -54.96 3.62
C ARG A 192 51.20 -53.90 2.56
N ASP A 193 50.73 -52.68 2.79
CA ASP A 193 50.76 -51.61 1.78
C ASP A 193 51.18 -50.31 2.41
N ILE A 194 51.94 -49.54 1.63
CA ILE A 194 52.30 -48.18 1.98
C ILE A 194 51.32 -47.23 1.26
N GLU A 195 50.56 -46.49 2.06
CA GLU A 195 49.64 -45.50 1.53
C GLU A 195 50.01 -44.15 2.13
N ALA A 196 49.84 -43.10 1.35
CA ALA A 196 50.05 -41.76 1.87
C ALA A 196 49.11 -41.48 3.05
N VAL A 197 49.62 -40.74 4.03
CA VAL A 197 48.79 -40.18 5.10
C VAL A 197 48.24 -38.83 4.63
N PRO A 198 46.92 -38.65 4.62
CA PRO A 198 46.32 -37.38 4.22
C PRO A 198 46.84 -36.25 5.05
N THR A 199 46.94 -35.09 4.43
CA THR A 199 47.47 -33.91 5.10
C THR A 199 46.59 -33.52 6.31
N ALA A 200 47.18 -32.81 7.24
CA ALA A 200 46.48 -32.23 8.36
C ALA A 200 45.82 -30.91 7.98
N GLU A 201 46.30 -30.25 6.93
CA GLU A 201 45.79 -28.96 6.52
C GLU A 201 44.26 -28.96 6.35
N ASN A 202 43.62 -27.99 6.99
CA ASN A 202 42.20 -27.77 6.89
C ASN A 202 41.36 -28.95 7.43
N THR A 203 41.92 -29.74 8.36
CA THR A 203 41.15 -30.81 9.06
C THR A 203 40.66 -30.39 10.44
N GLU A 204 41.05 -29.20 10.86
CA GLU A 204 40.76 -28.79 12.21
C GLU A 204 39.31 -28.32 12.37
N TYR A 205 38.65 -28.78 13.43
CA TYR A 205 37.27 -28.43 13.67
C TYR A 205 37.08 -27.57 14.93
N GLN A 206 38.12 -27.47 15.74
CA GLN A 206 38.06 -26.61 16.92
C GLN A 206 38.22 -25.15 16.51
N VAL A 207 37.29 -24.31 16.93
CA VAL A 207 37.34 -22.88 16.63
C VAL A 207 38.65 -22.21 17.06
N SER A 208 39.20 -22.61 18.21
CA SER A 208 40.47 -22.07 18.68
C SER A 208 41.66 -22.38 17.77
N LYS A 209 41.53 -23.42 16.93
CA LYS A 209 42.62 -23.82 16.02
C LYS A 209 42.32 -23.50 14.55
N GLN A 210 41.24 -22.75 14.28
CA GLN A 210 40.93 -22.35 12.92
C GLN A 210 41.33 -20.88 12.71
N SER A 211 41.59 -20.50 11.46
CA SER A 211 41.86 -19.10 11.14
C SER A 211 40.75 -18.49 10.26
N PRO A 212 40.62 -17.16 10.28
CA PRO A 212 39.68 -16.47 9.39
C PRO A 212 39.88 -16.78 7.89
N PRO A 213 38.90 -16.47 7.05
CA PRO A 213 37.63 -15.84 7.46
C PRO A 213 36.58 -16.84 8.00
N PHE A 214 35.71 -16.35 8.86
CA PHE A 214 34.55 -17.09 9.36
C PHE A 214 33.27 -16.51 8.79
N GLY A 215 32.21 -17.31 8.82
CA GLY A 215 30.93 -16.92 8.23
C GLY A 215 30.03 -18.10 7.86
N PRO A 216 28.76 -17.84 7.58
CA PRO A 216 28.15 -16.51 7.73
C PRO A 216 27.84 -16.19 9.19
N LYS A 217 27.80 -14.90 9.51
CA LYS A 217 27.43 -14.45 10.84
C LYS A 217 26.00 -14.89 11.17
N GLN A 218 25.80 -15.45 12.36
CA GLN A 218 24.48 -15.86 12.83
C GLN A 218 24.07 -15.01 14.01
N HIS A 219 22.91 -14.34 13.91
CA HIS A 219 22.44 -13.43 14.94
C HIS A 219 21.97 -14.16 16.18
N SER A 220 22.29 -13.58 17.32
CA SER A 220 21.97 -14.16 18.62
C SER A 220 20.50 -13.96 18.95
N LEU A 221 20.03 -14.81 19.84
CA LEU A 221 18.68 -14.71 20.40
C LEU A 221 18.77 -14.95 21.88
N THR A 222 18.01 -14.18 22.66
CA THR A 222 17.89 -14.45 24.08
C THR A 222 16.43 -14.67 24.39
N SER A 223 16.17 -15.54 25.36
CA SER A 223 14.80 -15.88 25.69
C SER A 223 14.64 -16.19 27.20
N HIS A 224 13.41 -16.12 27.68
CA HIS A 224 13.12 -16.24 29.10
C HIS A 224 11.69 -16.74 29.24
N GLN A 225 11.47 -17.62 30.22
CA GLN A 225 10.15 -18.10 30.61
C GLN A 225 9.71 -17.35 31.85
N PRO A 226 8.77 -16.41 31.73
CA PRO A 226 8.33 -15.64 32.89
C PRO A 226 7.93 -16.50 34.09
N GLN A 227 7.26 -17.63 33.85
CA GLN A 227 6.79 -18.50 34.93
C GLN A 227 7.67 -19.74 35.08
N GLY A 228 8.88 -19.68 34.53
CA GLY A 228 9.84 -20.76 34.64
C GLY A 228 9.48 -21.94 33.74
N PRO A 229 10.18 -23.05 33.91
CA PRO A 229 9.97 -24.24 33.10
C PRO A 229 8.61 -24.89 33.35
N GLY A 230 8.03 -25.46 32.30
CA GLY A 230 6.74 -26.15 32.41
C GLY A 230 6.88 -27.56 32.92
N PHE A 231 8.11 -28.07 33.03
CA PHE A 231 8.33 -29.42 33.58
C PHE A 231 8.97 -29.32 34.96
N GLN A 232 8.69 -30.31 35.80
CA GLN A 232 9.36 -30.50 37.07
C GLN A 232 10.02 -31.90 37.07
N ILE A 233 11.30 -31.98 37.44
CA ILE A 233 11.97 -33.24 37.63
C ILE A 233 12.14 -33.51 39.14
N ASN A 234 11.38 -34.47 39.64
CA ASN A 234 11.54 -34.99 41.00
C ASN A 234 12.44 -36.22 40.98
N GLY A 235 13.74 -36.01 41.23
CA GLY A 235 14.73 -37.07 41.12
C GLY A 235 14.94 -37.43 39.66
N HIS A 236 14.30 -38.53 39.20
CA HIS A 236 14.31 -38.94 37.82
C HIS A 236 12.91 -38.97 37.19
N SER A 237 11.90 -38.58 37.95
CA SER A 237 10.51 -38.62 37.52
C SER A 237 10.08 -37.26 36.99
N VAL A 238 9.67 -37.23 35.72
CA VAL A 238 9.30 -36.00 35.04
C VAL A 238 7.79 -35.86 35.00
N SER A 239 7.35 -34.67 35.34
CA SER A 239 5.96 -34.22 35.15
C SER A 239 6.01 -33.02 34.25
N TRP A 240 5.29 -33.10 33.13
CA TRP A 240 5.26 -32.02 32.15
C TRP A 240 3.94 -32.05 31.39
N ALA A 241 3.22 -30.92 31.40
CA ALA A 241 1.98 -30.77 30.66
C ALA A 241 1.05 -31.96 31.01
N ASN A 242 0.67 -32.82 30.06
CA ASN A 242 -0.21 -33.97 30.40
C ASN A 242 0.53 -35.31 30.51
N TRP A 243 1.84 -35.25 30.57
CA TRP A 243 2.69 -36.43 30.58
C TRP A 243 3.38 -36.60 31.93
N LYS A 244 3.58 -37.88 32.27
CA LYS A 244 4.49 -38.33 33.33
C LYS A 244 5.37 -39.45 32.76
N PHE A 245 6.64 -39.42 33.09
CA PHE A 245 7.53 -40.50 32.67
C PHE A 245 8.81 -40.49 33.50
N HIS A 246 9.55 -41.59 33.45
CA HIS A 246 10.75 -41.75 34.24
C HIS A 246 11.93 -41.76 33.31
N ILE A 247 12.97 -41.01 33.68
CA ILE A 247 14.22 -41.01 32.96
C ILE A 247 15.20 -41.94 33.68
N GLY A 248 15.59 -43.02 33.00
CA GLY A 248 16.60 -43.93 33.48
C GLY A 248 17.85 -43.92 32.61
N PHE A 249 18.87 -44.65 33.04
CA PHE A 249 20.19 -44.63 32.44
C PHE A 249 20.90 -45.90 32.84
N ASP A 250 21.55 -46.51 31.84
CA ASP A 250 22.17 -47.82 31.99
C ASP A 250 23.48 -47.75 31.21
N VAL A 251 24.53 -48.41 31.69
CA VAL A 251 25.86 -48.26 31.05
C VAL A 251 25.88 -48.83 29.65
N ARG A 252 25.04 -49.82 29.40
CA ARG A 252 24.96 -50.43 28.08
C ARG A 252 23.97 -49.76 27.16
N ALA A 253 22.74 -49.60 27.63
CA ALA A 253 21.67 -49.05 26.79
C ALA A 253 21.76 -47.52 26.57
N GLY A 254 22.29 -46.81 27.55
CA GLY A 254 22.19 -45.36 27.60
C GLY A 254 20.89 -44.97 28.23
N ILE A 255 20.23 -43.97 27.65
CA ILE A 255 18.95 -43.50 28.20
C ILE A 255 17.78 -44.52 28.09
N VAL A 256 16.93 -44.54 29.10
CA VAL A 256 15.77 -45.43 29.13
C VAL A 256 14.54 -44.61 29.57
N ILE A 257 13.54 -44.56 28.73
CA ILE A 257 12.31 -43.87 29.06
C ILE A 257 11.34 -44.93 29.56
N SER A 258 10.82 -44.74 30.76
CA SER A 258 9.91 -45.72 31.37
C SER A 258 8.64 -45.05 31.90
N LEU A 259 7.58 -45.85 32.02
CA LEU A 259 6.33 -45.47 32.67
C LEU A 259 5.68 -44.21 32.06
N ALA A 260 5.73 -44.12 30.72
CA ALA A 260 5.22 -42.96 30.01
C ALA A 260 3.69 -43.07 29.92
N SER A 261 3.01 -42.14 30.60
CA SER A 261 1.55 -42.09 30.67
C SER A 261 1.07 -40.65 30.43
N ILE A 262 -0.04 -40.56 29.73
CA ILE A 262 -0.62 -39.29 29.36
C ILE A 262 -1.97 -39.15 30.05
N TYR A 263 -2.20 -37.96 30.63
CA TYR A 263 -3.43 -37.62 31.27
C TYR A 263 -4.50 -37.30 30.22
N ASP A 264 -5.59 -38.05 30.26
CA ASP A 264 -6.72 -37.86 29.38
C ASP A 264 -7.73 -36.96 30.12
N LEU A 265 -7.86 -35.71 29.65
CA LEU A 265 -8.66 -34.71 30.37
C LEU A 265 -10.15 -35.06 30.34
N GLU A 266 -10.60 -35.62 29.22
CA GLU A 266 -11.98 -36.03 29.05
C GLU A 266 -12.37 -37.16 30.03
N LYS A 267 -11.47 -38.12 30.27
CA LYS A 267 -11.71 -39.26 31.18
C LYS A 267 -11.18 -39.02 32.59
N HIS A 268 -10.54 -37.88 32.80
CA HIS A 268 -9.84 -37.56 34.07
C HIS A 268 -9.03 -38.75 34.63
N LYS A 269 -8.15 -39.30 33.78
CA LYS A 269 -7.32 -40.45 34.16
C LYS A 269 -5.97 -40.47 33.44
N SER A 270 -4.93 -40.89 34.16
CA SER A 270 -3.60 -41.07 33.61
C SER A 270 -3.57 -42.42 32.90
N ARG A 271 -3.14 -42.45 31.64
CA ARG A 271 -3.22 -43.65 30.82
C ARG A 271 -1.87 -44.01 30.23
N ARG A 272 -1.46 -45.25 30.43
CA ARG A 272 -0.17 -45.72 29.99
C ARG A 272 -0.09 -45.83 28.47
N VAL A 273 1.08 -45.50 27.94
CA VAL A 273 1.42 -45.69 26.55
C VAL A 273 2.65 -46.62 26.45
N LEU A 274 3.75 -46.22 27.06
CA LEU A 274 5.04 -46.89 26.92
C LEU A 274 5.64 -47.25 28.28
N TYR A 275 5.73 -48.54 28.56
CA TYR A 275 6.33 -48.98 29.80
C TYR A 275 7.83 -48.76 29.80
N LYS A 276 8.48 -49.02 28.68
CA LYS A 276 9.92 -48.95 28.56
C LYS A 276 10.37 -48.80 27.10
N GLY A 277 11.26 -47.86 26.88
CA GLY A 277 11.73 -47.50 25.55
C GLY A 277 13.23 -47.21 25.61
N TYR A 278 14.01 -47.91 24.78
CA TYR A 278 15.43 -47.61 24.63
C TYR A 278 15.98 -48.13 23.33
N ILE A 279 17.21 -47.77 23.04
CA ILE A 279 17.94 -48.31 21.91
C ILE A 279 18.68 -49.54 22.40
N SER A 280 18.35 -50.69 21.81
CA SER A 280 18.80 -51.99 22.32
C SER A 280 20.15 -52.37 21.74
N GLU A 281 20.37 -52.01 20.48
CA GLU A 281 21.62 -52.29 19.81
C GLU A 281 21.81 -51.39 18.60
N LEU A 282 23.06 -51.26 18.21
CA LEU A 282 23.45 -50.60 17.00
C LEU A 282 24.19 -51.62 16.12
N PHE A 283 24.29 -51.34 14.82
CA PHE A 283 25.05 -52.18 13.88
C PHE A 283 25.51 -51.25 12.75
N VAL A 284 26.83 -51.12 12.59
CA VAL A 284 27.43 -50.16 11.66
C VAL A 284 28.41 -50.90 10.72
N PRO A 285 27.84 -51.65 9.77
CA PRO A 285 28.65 -52.48 8.89
C PRO A 285 29.33 -51.64 7.82
N TYR A 286 30.64 -51.76 7.71
CA TYR A 286 31.38 -51.14 6.60
C TYR A 286 31.35 -52.09 5.42
N GLN A 287 31.69 -51.57 4.24
CA GLN A 287 31.50 -52.29 2.98
C GLN A 287 32.76 -52.47 2.17
N ASP A 288 33.90 -52.50 2.87
CA ASP A 288 35.22 -52.74 2.31
C ASP A 288 35.69 -54.14 2.72
N PRO A 289 35.69 -55.08 1.78
CA PRO A 289 35.97 -56.48 2.08
C PRO A 289 37.43 -56.85 2.14
N THR A 290 38.33 -55.93 1.87
CA THR A 290 39.78 -56.21 1.95
C THR A 290 40.19 -56.37 3.40
N GLU A 291 41.44 -56.79 3.58
CA GLU A 291 42.02 -57.03 4.87
C GLU A 291 41.99 -55.80 5.78
N GLU A 292 41.98 -54.60 5.18
CA GLU A 292 41.97 -53.35 5.92
C GLU A 292 40.71 -53.12 6.75
N PHE A 293 39.56 -53.52 6.24
CA PHE A 293 38.29 -53.18 6.89
C PHE A 293 37.19 -54.26 6.94
N TYR A 294 37.47 -55.49 6.49
CA TYR A 294 36.43 -56.53 6.37
C TYR A 294 35.70 -56.79 7.70
N PHE A 295 36.45 -56.68 8.78
CA PHE A 295 36.05 -56.98 10.15
C PHE A 295 35.29 -55.85 10.86
N LYS A 296 35.23 -54.66 10.26
CA LYS A 296 34.66 -53.50 10.93
C LYS A 296 33.14 -53.36 10.69
N THR A 297 32.40 -53.91 11.65
CA THR A 297 30.95 -53.81 11.69
C THR A 297 30.54 -53.69 13.17
N PHE A 298 30.82 -52.54 13.76
CA PHE A 298 30.62 -52.30 15.19
C PHE A 298 29.16 -52.54 15.64
N PHE A 299 29.01 -53.14 16.81
CA PHE A 299 27.74 -53.15 17.53
C PHE A 299 27.96 -52.27 18.74
N ASP A 300 27.74 -50.96 18.56
CA ASP A 300 28.17 -49.95 19.53
C ASP A 300 27.74 -50.27 20.95
N SER A 301 26.49 -50.65 21.14
CA SER A 301 25.95 -50.83 22.48
C SER A 301 26.53 -52.06 23.16
N GLY A 302 26.57 -53.19 22.48
CA GLY A 302 27.09 -54.41 23.08
C GLY A 302 28.61 -54.51 23.10
N GLU A 303 29.30 -53.73 22.27
CA GLU A 303 30.77 -53.84 22.18
C GLU A 303 31.46 -52.70 22.94
N PHE A 304 30.82 -51.54 23.03
CA PHE A 304 31.42 -50.37 23.73
C PHE A 304 30.57 -49.73 24.83
N GLY A 305 29.26 -50.00 24.83
CA GLY A 305 28.38 -49.42 25.81
C GLY A 305 27.94 -48.02 25.43
N PHE A 306 26.65 -47.88 25.16
CA PHE A 306 26.05 -46.60 24.85
C PHE A 306 26.11 -45.64 26.07
N GLY A 307 25.87 -46.17 27.25
CA GLY A 307 25.98 -45.39 28.46
C GLY A 307 27.44 -45.06 28.77
N LEU A 308 28.32 -46.07 28.74
CA LEU A 308 29.75 -45.86 28.90
C LEU A 308 30.33 -44.81 27.96
N SER A 309 29.74 -44.69 26.78
CA SER A 309 30.21 -43.77 25.73
C SER A 309 29.39 -42.48 25.64
N THR A 310 28.55 -42.22 26.64
CA THR A 310 27.74 -41.01 26.66
C THR A 310 28.67 -39.84 27.05
N VAL A 311 28.53 -38.72 26.37
CA VAL A 311 29.40 -37.58 26.59
C VAL A 311 28.67 -36.53 27.40
N SER A 312 29.42 -35.59 27.96
CA SER A 312 28.82 -34.44 28.65
C SER A 312 28.30 -33.44 27.62
N LEU A 313 27.05 -33.07 27.80
CA LEU A 313 26.40 -32.08 26.93
C LEU A 313 26.94 -30.69 27.21
N ILE A 314 27.24 -29.95 26.14
CA ILE A 314 27.86 -28.66 26.24
C ILE A 314 26.71 -27.65 26.34
N PRO A 315 26.58 -26.97 27.46
CA PRO A 315 25.45 -26.03 27.65
C PRO A 315 25.37 -24.99 26.53
N ASN A 316 24.16 -24.67 26.13
CA ASN A 316 23.85 -23.66 25.12
C ASN A 316 24.11 -24.10 23.69
N ARG A 317 24.76 -25.25 23.50
CA ARG A 317 25.09 -25.76 22.20
C ARG A 317 24.40 -27.10 21.94
N ASP A 318 24.76 -28.14 22.71
CA ASP A 318 24.08 -29.42 22.59
C ASP A 318 22.64 -29.37 23.02
N CYS A 319 22.32 -28.44 23.93
CA CYS A 319 20.96 -28.16 24.39
C CYS A 319 20.75 -26.62 24.35
N PRO A 320 19.55 -26.12 24.13
CA PRO A 320 19.30 -24.68 24.19
C PRO A 320 19.52 -24.12 25.58
N PRO A 321 19.67 -22.79 25.69
CA PRO A 321 19.80 -22.15 27.00
C PRO A 321 18.61 -22.43 27.91
N HIS A 322 18.85 -22.57 29.21
CA HIS A 322 17.80 -22.84 30.20
C HIS A 322 17.31 -24.29 30.21
N ALA A 323 17.93 -25.15 29.41
CA ALA A 323 17.70 -26.59 29.52
C ALA A 323 18.16 -27.03 30.90
N GLN A 324 17.50 -28.03 31.45
CA GLN A 324 17.88 -28.61 32.73
C GLN A 324 18.69 -29.90 32.49
N PHE A 325 19.76 -30.08 33.26
CA PHE A 325 20.68 -31.19 33.08
C PHE A 325 20.55 -32.21 34.21
N ILE A 326 20.77 -33.46 33.87
CA ILE A 326 20.79 -34.56 34.80
C ILE A 326 22.17 -35.23 34.69
N ASP A 327 22.84 -35.33 35.83
CA ASP A 327 24.09 -36.07 35.94
C ASP A 327 23.78 -37.57 36.08
N THR A 328 24.66 -38.39 35.53
CA THR A 328 24.61 -39.83 35.78
C THR A 328 25.97 -40.34 36.19
N TYR A 329 26.01 -41.58 36.63
CA TYR A 329 27.26 -42.24 36.93
C TYR A 329 27.44 -43.44 35.99
N VAL A 330 28.67 -43.66 35.53
CA VAL A 330 29.10 -44.89 34.87
C VAL A 330 30.10 -45.54 35.80
N HIS A 331 30.84 -46.53 35.30
CA HIS A 331 31.91 -47.15 36.07
C HIS A 331 33.09 -47.49 35.18
N SER A 332 34.27 -47.61 35.81
CA SER A 332 35.50 -48.02 35.16
C SER A 332 35.66 -49.54 35.28
N ALA A 333 36.76 -50.07 34.74
CA ALA A 333 37.06 -51.51 34.81
C ALA A 333 37.28 -52.07 36.22
N ASN A 334 37.76 -51.24 37.14
CA ASN A 334 37.96 -51.72 38.52
C ASN A 334 36.71 -51.51 39.39
N GLY A 335 35.63 -51.01 38.79
CA GLY A 335 34.35 -50.92 39.48
C GLY A 335 34.08 -49.58 40.12
N THR A 336 34.97 -48.61 39.90
CA THR A 336 34.84 -47.29 40.53
C THR A 336 33.82 -46.45 39.76
N PRO A 337 32.89 -45.80 40.45
CA PRO A 337 31.94 -44.91 39.79
C PRO A 337 32.61 -43.68 39.19
N ILE A 338 32.16 -43.27 38.02
CA ILE A 338 32.65 -42.07 37.35
C ILE A 338 31.49 -41.16 37.10
N LEU A 339 31.60 -39.92 37.60
CA LEU A 339 30.59 -38.90 37.38
C LEU A 339 30.59 -38.49 35.91
N LEU A 340 29.42 -38.55 35.30
CA LEU A 340 29.19 -38.09 33.96
C LEU A 340 28.25 -36.87 34.05
N LYS A 341 28.87 -35.69 34.14
CA LYS A 341 28.16 -34.41 34.19
C LYS A 341 27.34 -34.18 32.93
N ASN A 342 26.14 -33.62 33.07
CA ASN A 342 25.33 -33.21 31.94
C ASN A 342 25.11 -34.35 30.94
N ALA A 343 24.82 -35.56 31.45
CA ALA A 343 24.63 -36.71 30.59
C ALA A 343 23.34 -36.63 29.77
N ILE A 344 22.31 -36.03 30.38
CA ILE A 344 20.98 -35.87 29.78
C ILE A 344 20.52 -34.44 29.99
N CYS A 345 19.80 -33.88 29.03
CA CYS A 345 19.12 -32.62 29.26
C CYS A 345 17.66 -32.68 28.86
N VAL A 346 16.88 -31.80 29.46
CA VAL A 346 15.45 -31.70 29.25
C VAL A 346 15.15 -30.26 28.99
N PHE A 347 14.38 -29.97 27.94
CA PHE A 347 13.99 -28.60 27.60
C PHE A 347 12.71 -28.58 26.81
N GLU A 348 12.17 -27.37 26.68
CA GLU A 348 10.91 -27.16 25.99
C GLU A 348 11.18 -26.45 24.68
N GLN A 349 10.38 -26.78 23.67
CA GLN A 349 10.56 -26.28 22.31
C GLN A 349 9.28 -25.56 21.86
N TYR A 350 9.44 -24.36 21.31
CA TYR A 350 8.33 -23.47 20.95
C TYR A 350 8.27 -23.22 19.44
N GLY A 351 7.13 -22.71 19.00
CA GLY A 351 6.94 -22.30 17.62
C GLY A 351 6.00 -23.17 16.76
N ASN A 352 5.83 -24.44 17.12
CA ASN A 352 5.07 -25.35 16.27
C ASN A 352 3.58 -24.99 16.33
N ILE A 353 2.93 -25.05 15.18
CA ILE A 353 1.48 -25.00 15.12
C ILE A 353 0.93 -26.34 15.64
N MET A 354 -0.04 -26.27 16.54
CA MET A 354 -0.66 -27.45 17.13
C MET A 354 -1.78 -27.93 16.22
N TRP A 355 -2.60 -26.98 15.80
CA TRP A 355 -3.61 -27.22 14.81
C TRP A 355 -4.25 -25.91 14.44
N ARG A 356 -5.00 -25.91 13.35
CA ARG A 356 -5.64 -24.67 12.88
C ARG A 356 -6.75 -24.94 11.89
N HIS A 357 -7.63 -23.94 11.74
CA HIS A 357 -8.51 -23.85 10.57
C HIS A 357 -8.94 -22.42 10.32
N THR A 358 -8.94 -22.04 9.05
CA THR A 358 -9.60 -20.82 8.59
C THR A 358 -10.80 -21.27 7.80
N GLU A 359 -11.98 -20.77 8.20
CA GLU A 359 -13.23 -21.11 7.57
C GLU A 359 -13.77 -19.94 6.75
N ASN A 360 -13.87 -20.14 5.42
CA ASN A 360 -14.33 -19.10 4.50
C ASN A 360 -15.64 -19.47 3.81
N GLY A 361 -16.20 -20.63 4.17
CA GLY A 361 -17.42 -21.14 3.54
C GLY A 361 -18.73 -20.61 4.13
N ILE A 362 -18.69 -19.88 5.22
CA ILE A 362 -19.91 -19.28 5.78
C ILE A 362 -20.03 -17.84 5.32
N PRO A 363 -21.00 -17.55 4.45
CA PRO A 363 -21.16 -16.18 3.93
C PRO A 363 -21.16 -15.10 5.03
N ASN A 364 -20.32 -14.07 4.85
CA ASN A 364 -20.29 -12.88 5.71
C ASN A 364 -19.78 -13.12 7.13
N GLU A 365 -19.03 -14.20 7.30
CA GLU A 365 -18.41 -14.51 8.57
C GLU A 365 -16.93 -14.82 8.34
N SER A 366 -16.08 -14.18 9.13
CA SER A 366 -14.67 -14.51 9.13
C SER A 366 -14.38 -15.34 10.37
N ILE A 367 -13.96 -16.57 10.16
CA ILE A 367 -13.63 -17.46 11.25
C ILE A 367 -12.25 -18.01 11.03
N GLU A 368 -11.43 -17.88 12.05
CA GLU A 368 -10.11 -18.46 12.04
C GLU A 368 -9.66 -18.80 13.44
N GLU A 369 -8.91 -19.89 13.54
CA GLU A 369 -8.34 -20.33 14.82
C GLU A 369 -7.04 -21.02 14.51
N SER A 370 -5.98 -20.56 15.14
CA SER A 370 -4.68 -21.24 15.06
C SER A 370 -4.05 -21.23 16.44
N ARG A 371 -3.68 -22.42 16.93
CA ARG A 371 -3.07 -22.58 18.23
C ARG A 371 -1.70 -23.19 18.11
N THR A 372 -0.83 -22.86 19.06
CA THR A 372 0.52 -23.40 19.10
C THR A 372 0.70 -24.34 20.26
N GLU A 373 1.69 -25.22 20.09
CA GLU A 373 2.04 -26.21 21.11
C GLU A 373 3.42 -25.93 21.66
N VAL A 374 3.63 -26.34 22.90
CA VAL A 374 4.96 -26.41 23.49
C VAL A 374 5.27 -27.90 23.62
N ASN A 375 6.42 -28.28 23.08
CA ASN A 375 6.87 -29.67 23.11
C ASN A 375 8.04 -29.87 24.08
N LEU A 376 8.26 -31.10 24.50
CA LEU A 376 9.29 -31.43 25.46
C LEU A 376 10.30 -32.32 24.80
N ILE A 377 11.57 -31.99 24.99
CA ILE A 377 12.68 -32.78 24.44
C ILE A 377 13.58 -33.25 25.58
N VAL A 378 13.91 -34.54 25.56
CA VAL A 378 14.87 -35.15 26.43
C VAL A 378 15.97 -35.63 25.49
N ARG A 379 17.19 -35.15 25.72
CA ARG A 379 18.30 -35.36 24.82
C ARG A 379 19.52 -35.95 25.53
N THR A 380 20.21 -36.83 24.83
CA THR A 380 21.48 -37.35 25.28
C THR A 380 22.32 -37.60 24.01
N ILE A 381 23.65 -37.55 24.17
CA ILE A 381 24.57 -37.71 23.06
C ILE A 381 25.59 -38.79 23.35
N VAL A 382 25.72 -39.74 22.42
CA VAL A 382 26.60 -40.87 22.57
C VAL A 382 27.61 -40.81 21.46
N THR A 383 28.88 -40.82 21.83
CA THR A 383 29.96 -40.79 20.88
C THR A 383 30.83 -42.03 21.01
N VAL A 384 30.83 -42.86 19.97
CA VAL A 384 31.67 -44.05 19.92
C VAL A 384 32.68 -43.83 18.81
N GLY A 385 33.94 -43.66 19.20
CA GLY A 385 35.03 -43.34 18.29
C GLY A 385 34.76 -42.09 17.47
N ASN A 386 34.55 -42.29 16.16
CA ASN A 386 34.33 -41.17 15.24
C ASN A 386 32.87 -40.70 15.09
N ASP A 388 29.11 -39.46 16.34
CA ASP A 388 28.33 -38.81 17.39
C ASP A 388 26.84 -39.00 17.06
N ASN A 389 26.08 -39.51 18.02
CA ASN A 389 24.65 -39.81 17.85
C ASN A 389 23.88 -38.95 18.82
N VAL A 390 23.11 -38.02 18.30
CA VAL A 390 22.23 -37.20 19.13
C VAL A 390 20.89 -37.93 19.24
N ILE A 391 20.58 -38.41 20.44
CA ILE A 391 19.38 -39.20 20.74
C ILE A 391 18.34 -38.36 21.49
N ASP A 392 17.18 -38.15 20.87
CA ASP A 392 16.09 -37.39 21.46
C ASP A 392 14.83 -38.23 21.69
N TRP A 393 14.12 -37.93 22.74
CA TRP A 393 12.73 -38.35 22.91
C TRP A 393 11.90 -37.08 23.07
N GLU A 394 10.99 -36.86 22.13
CA GLU A 394 10.14 -35.69 22.16
C GLU A 394 8.71 -36.08 22.48
N PHE A 395 8.09 -35.35 23.41
CA PHE A 395 6.72 -35.61 23.85
C PHE A 395 5.87 -34.41 23.49
N LYS A 396 4.65 -34.65 23.04
CA LYS A 396 3.71 -33.60 22.68
C LYS A 396 2.41 -33.77 23.44
N ALA A 397 1.75 -32.66 23.76
CA ALA A 397 0.47 -32.70 24.44
C ALA A 397 -0.57 -33.46 23.64
N SER A 398 -0.42 -33.45 22.32
CA SER A 398 -1.30 -34.18 21.41
C SER A 398 -1.17 -35.70 21.57
N GLY A 399 -0.15 -36.15 22.29
CA GLY A 399 0.01 -37.56 22.56
C GLY A 399 1.05 -38.24 21.74
N SER A 400 1.56 -37.56 20.72
CA SER A 400 2.64 -38.09 19.91
C SER A 400 3.94 -38.14 20.70
N ILE A 401 4.69 -39.21 20.48
CA ILE A 401 6.06 -39.34 20.95
C ILE A 401 6.91 -39.49 19.71
N LYS A 402 7.99 -38.73 19.63
CA LYS A 402 8.84 -38.72 18.44
C LYS A 402 10.28 -39.01 18.84
N PRO A 403 10.70 -40.28 18.81
CA PRO A 403 12.10 -40.60 19.04
C PRO A 403 12.91 -40.24 17.80
N SER A 404 14.03 -39.54 17.98
CA SER A 404 14.86 -39.17 16.85
C SER A 404 16.35 -39.43 17.11
N ILE A 405 17.08 -39.65 16.02
CA ILE A 405 18.50 -39.82 16.05
C ILE A 405 19.12 -38.95 14.97
N ALA A 406 20.09 -38.13 15.36
CA ALA A 406 20.81 -37.29 14.44
C ALA A 406 22.29 -37.69 14.52
N LEU A 407 22.98 -37.68 13.38
CA LEU A 407 24.36 -38.16 13.24
C LEU A 407 25.27 -37.01 12.89
N SER A 408 26.41 -36.95 13.55
CA SER A 408 27.50 -36.06 13.16
C SER A 408 28.81 -36.75 13.51
N GLY A 409 29.89 -35.98 13.66
CA GLY A 409 31.21 -36.53 13.91
C GLY A 409 32.04 -36.58 12.64
N ILE A 410 32.92 -37.58 12.58
CA ILE A 410 33.97 -37.69 11.59
C ILE A 410 33.79 -38.94 10.72
N LEU A 411 34.04 -38.80 9.42
CA LEU A 411 34.11 -39.96 8.53
C LEU A 411 35.26 -40.87 8.88
N GLU A 412 35.04 -42.16 8.77
CA GLU A 412 36.14 -43.11 8.79
C GLU A 412 36.79 -43.06 7.40
N ILE A 413 38.08 -42.71 7.40
CA ILE A 413 38.84 -42.50 6.19
C ILE A 413 39.78 -43.66 5.99
N LYS A 414 39.84 -44.16 4.77
CA LYS A 414 40.88 -45.11 4.37
C LYS A 414 41.89 -44.34 3.52
N GLY A 415 43.15 -44.36 3.94
CA GLY A 415 44.20 -43.69 3.21
C GLY A 415 44.52 -44.32 1.87
N THR A 416 44.90 -43.49 0.90
CA THR A 416 45.26 -43.95 -0.43
C THR A 416 46.21 -42.97 -1.11
N ASN A 417 46.95 -43.47 -2.09
CA ASN A 417 47.85 -42.63 -2.88
C ASN A 417 47.11 -41.80 -3.91
N ILE A 418 45.88 -42.20 -4.24
CA ILE A 418 45.04 -41.47 -5.18
C ILE A 418 44.68 -40.06 -4.68
N LYS A 419 44.84 -39.06 -5.56
CA LYS A 419 44.51 -37.67 -5.28
C LYS A 419 43.32 -37.12 -6.09
N HIS A 420 42.96 -37.78 -7.20
CA HIS A 420 41.87 -37.34 -8.06
C HIS A 420 41.06 -38.52 -8.53
N LYS A 421 39.78 -38.28 -8.77
CA LYS A 421 38.83 -39.30 -9.22
C LYS A 421 39.22 -39.94 -10.55
N ASP A 422 39.88 -39.18 -11.44
CA ASP A 422 40.31 -39.73 -12.74
C ASP A 422 41.43 -40.77 -12.64
N GLU A 423 42.05 -40.92 -11.48
CA GLU A 423 43.08 -41.92 -11.25
C GLU A 423 42.52 -43.28 -10.79
N ILE A 424 41.22 -43.34 -10.49
CA ILE A 424 40.60 -44.56 -9.94
C ILE A 424 40.38 -45.65 -11.02
N LYS A 425 40.94 -46.83 -10.77
CA LYS A 425 40.89 -47.92 -11.74
C LYS A 425 40.17 -49.16 -11.21
N GLU A 426 39.68 -49.09 -9.97
CA GLU A 426 38.88 -50.16 -9.40
C GLU A 426 37.96 -49.63 -8.29
N ASP A 427 37.10 -50.52 -7.80
CA ASP A 427 36.20 -50.19 -6.71
C ASP A 427 36.98 -49.94 -5.41
N LEU A 428 37.01 -48.69 -4.98
CA LEU A 428 37.64 -48.27 -3.73
C LEU A 428 36.81 -48.58 -2.47
N HIS A 429 35.53 -48.89 -2.66
CA HIS A 429 34.60 -49.19 -1.56
C HIS A 429 34.26 -47.96 -0.73
N GLY A 430 34.28 -46.82 -1.41
CA GLY A 430 33.96 -45.54 -0.83
C GLY A 430 34.10 -44.45 -1.87
N LYS A 431 33.79 -43.21 -1.48
CA LYS A 431 34.00 -42.05 -2.37
C LYS A 431 35.30 -41.33 -1.97
N LEU A 432 36.00 -40.80 -2.96
CA LEU A 432 37.13 -39.92 -2.70
C LEU A 432 36.61 -38.58 -2.21
N VAL A 433 36.73 -38.32 -0.91
CA VAL A 433 36.16 -37.07 -0.33
C VAL A 433 37.20 -35.96 -0.19
N SER A 434 38.47 -36.31 -0.28
CA SER A 434 39.57 -35.35 -0.24
C SER A 434 40.77 -36.08 -0.78
N ALA A 435 41.83 -35.36 -1.10
CA ALA A 435 43.05 -35.99 -1.58
C ALA A 435 43.48 -37.07 -0.57
N ASN A 436 43.83 -38.24 -1.11
CA ASN A 436 44.33 -39.38 -0.32
C ASN A 436 43.32 -39.96 0.67
N SER A 437 42.05 -39.57 0.53
CA SER A 437 41.06 -39.86 1.57
C SER A 437 39.80 -40.51 0.98
N ILE A 438 39.65 -41.80 1.25
CA ILE A 438 38.41 -42.53 0.91
C ILE A 438 37.42 -42.56 2.09
N GLY A 439 36.22 -42.05 1.89
CA GLY A 439 35.15 -42.24 2.83
C GLY A 439 34.48 -43.56 2.49
N ILE A 440 34.72 -44.58 3.32
CA ILE A 440 34.26 -45.92 3.00
C ILE A 440 32.77 -45.99 3.19
N TYR A 441 32.08 -46.63 2.24
CA TYR A 441 30.64 -46.87 2.38
C TYR A 441 30.31 -47.64 3.67
N HIS A 442 29.22 -47.30 4.33
CA HIS A 442 28.79 -48.00 5.54
C HIS A 442 27.35 -47.69 5.83
N ASP A 443 26.77 -48.45 6.76
CA ASP A 443 25.39 -48.24 7.23
C ASP A 443 25.39 -47.95 8.73
N HIS A 444 24.33 -47.29 9.18
CA HIS A 444 24.02 -47.17 10.59
C HIS A 444 22.64 -47.77 10.80
N PHE A 445 22.55 -48.83 11.60
CA PHE A 445 21.26 -49.42 11.96
C PHE A 445 21.12 -49.34 13.47
N TYR A 446 19.98 -48.83 13.91
CA TYR A 446 19.68 -48.75 15.31
C TYR A 446 18.41 -49.54 15.52
N ILE A 447 18.30 -50.32 16.58
CA ILE A 447 17.04 -50.99 16.90
C ILE A 447 16.51 -50.57 18.27
N TYR A 448 15.29 -50.03 18.28
CA TYR A 448 14.60 -49.61 19.48
C TYR A 448 13.80 -50.79 20.07
N TYR A 449 13.90 -50.94 21.39
CA TYR A 449 12.98 -51.77 22.16
C TYR A 449 11.87 -50.84 22.59
N LEU A 450 10.65 -51.19 22.26
CA LEU A 450 9.50 -50.34 22.60
C LEU A 450 8.44 -51.20 23.26
N ASP A 451 8.52 -51.32 24.59
CA ASP A 451 7.53 -52.07 25.34
C ASP A 451 6.28 -51.21 25.55
N PHE A 452 5.45 -51.12 24.52
CA PHE A 452 4.15 -50.45 24.63
C PHE A 452 3.26 -51.27 25.53
N ASP A 453 2.60 -50.60 26.46
CA ASP A 453 1.48 -51.15 27.20
C ASP A 453 0.33 -50.17 26.96
N ILE A 454 -0.29 -50.30 25.79
CA ILE A 454 -1.32 -49.36 25.36
C ILE A 454 -2.53 -49.48 26.29
N ASP A 455 -2.64 -48.49 27.19
CA ASP A 455 -3.68 -48.42 28.19
C ASP A 455 -3.82 -49.71 29.00
N GLY A 456 -2.69 -50.34 29.29
CA GLY A 456 -2.66 -51.64 29.95
C GLY A 456 -1.70 -52.57 29.20
N THR A 457 -1.40 -53.71 29.81
CA THR A 457 -0.43 -54.65 29.26
C THR A 457 -0.95 -55.54 28.14
N HIS A 458 -2.25 -55.83 28.15
CA HIS A 458 -2.80 -56.81 27.21
C HIS A 458 -3.07 -56.10 25.89
N ASN A 459 -2.20 -56.32 24.91
CA ASN A 459 -2.26 -55.61 23.64
C ASN A 459 -2.22 -56.59 22.47
N SER A 460 -2.51 -56.08 21.27
CA SER A 460 -2.33 -56.82 20.02
C SER A 460 -1.69 -55.92 19.00
N PHE A 461 -1.14 -56.52 17.94
CA PHE A 461 -0.49 -55.79 16.84
C PHE A 461 -1.37 -55.96 15.62
N GLU A 462 -1.83 -54.84 15.06
CA GLU A 462 -2.70 -54.83 13.87
C GLU A 462 -1.99 -54.23 12.67
N LYS A 463 -2.11 -54.92 11.54
CA LYS A 463 -1.66 -54.41 10.26
C LYS A 463 -2.89 -53.98 9.50
N THR A 464 -3.02 -52.69 9.23
CA THR A 464 -4.13 -52.20 8.43
C THR A 464 -3.65 -52.01 7.00
N SER A 465 -3.94 -53.00 6.17
CA SER A 465 -3.56 -52.97 4.77
C SER A 465 -4.46 -52.03 3.99
N LEU A 466 -3.88 -51.30 3.05
CA LEU A 466 -4.65 -50.48 2.12
C LEU A 466 -4.74 -51.30 0.83
N LYS A 467 -5.95 -51.62 0.39
CA LYS A 467 -6.11 -52.40 -0.80
C LYS A 467 -7.00 -51.71 -1.83
N THR A 468 -6.58 -51.86 -3.07
CA THR A 468 -7.29 -51.36 -4.22
C THR A 468 -8.41 -52.33 -4.62
N VAL A 469 -9.62 -51.80 -4.75
CA VAL A 469 -10.78 -52.48 -5.30
C VAL A 469 -11.08 -51.91 -6.69
N ARG A 470 -11.22 -52.78 -7.69
CA ARG A 470 -11.63 -52.40 -9.02
C ARG A 470 -13.14 -52.61 -9.19
N ILE A 471 -13.83 -51.61 -9.71
CA ILE A 471 -15.26 -51.73 -9.98
C ILE A 471 -15.46 -52.05 -11.46
N LYS A 472 -16.05 -53.22 -11.75
CA LYS A 472 -16.26 -53.70 -13.12
C LYS A 472 -17.74 -53.86 -13.49
N ASP A 473 -18.65 -53.69 -12.52
CA ASP A 473 -20.07 -54.06 -12.68
C ASP A 473 -21.04 -52.89 -12.94
N GLY A 474 -20.53 -51.70 -13.24
CA GLY A 474 -21.38 -50.57 -13.65
C GLY A 474 -22.02 -49.88 -12.46
N SER A 475 -21.66 -50.33 -11.27
CA SER A 475 -22.29 -49.85 -10.05
C SER A 475 -21.76 -48.47 -9.63
N SER A 476 -20.70 -48.00 -10.29
CA SER A 476 -20.17 -46.65 -10.06
C SER A 476 -19.53 -46.11 -11.33
N LYS A 477 -19.47 -44.79 -11.44
CA LYS A 477 -18.72 -44.14 -12.51
C LYS A 477 -17.21 -44.27 -12.29
N ARG A 478 -16.82 -44.50 -11.03
CA ARG A 478 -15.41 -44.74 -10.70
C ARG A 478 -15.03 -46.15 -11.09
N LYS A 479 -13.80 -46.29 -11.60
CA LYS A 479 -13.23 -47.60 -11.89
C LYS A 479 -12.53 -48.18 -10.66
N SER A 480 -12.21 -47.34 -9.68
CA SER A 480 -11.42 -47.82 -8.54
C SER A 480 -11.56 -47.02 -7.27
N TYR A 481 -11.19 -47.67 -6.17
CA TYR A 481 -10.98 -47.02 -4.90
C TYR A 481 -10.12 -47.91 -4.02
N TRP A 482 -9.60 -47.35 -2.95
CA TRP A 482 -8.98 -48.16 -1.91
C TRP A 482 -9.78 -48.19 -0.62
N THR A 483 -9.61 -49.28 0.10
CA THR A 483 -10.22 -49.46 1.40
C THR A 483 -9.21 -50.16 2.36
N THR A 484 -9.58 -50.31 3.62
CA THR A 484 -8.68 -50.97 4.58
C THR A 484 -9.14 -52.38 4.88
N GLU A 485 -8.19 -53.18 5.30
CA GLU A 485 -8.41 -54.56 5.71
C GLU A 485 -7.46 -54.77 6.87
N THR A 486 -8.03 -54.92 8.07
CA THR A 486 -7.24 -55.02 9.29
C THR A 486 -7.02 -56.48 9.71
N GLN A 487 -5.76 -56.83 9.89
CA GLN A 487 -5.39 -58.17 10.34
C GLN A 487 -4.61 -58.10 11.62
N THR A 488 -5.00 -58.91 12.59
CA THR A 488 -4.29 -59.02 13.85
C THR A 488 -3.21 -60.10 13.67
N ALA A 489 -1.97 -59.74 13.94
CA ALA A 489 -0.87 -60.70 13.94
C ALA A 489 -1.08 -61.74 15.03
N LYS A 490 -1.09 -63.02 14.67
CA LYS A 490 -1.32 -64.10 15.63
C LYS A 490 -0.04 -64.53 16.36
N THR A 491 1.04 -64.64 15.61
CA THR A 491 2.32 -65.06 16.16
C THR A 491 3.44 -64.16 15.66
N GLU A 492 4.63 -64.38 16.18
CA GLU A 492 5.76 -63.50 15.91
C GLU A 492 6.14 -63.45 14.42
N SER A 493 5.97 -64.57 13.72
CA SER A 493 6.18 -64.63 12.26
C SER A 493 5.27 -63.70 11.46
N ASP A 494 4.04 -63.47 11.95
CA ASP A 494 3.11 -62.52 11.34
C ASP A 494 3.45 -61.05 11.56
N ALA A 495 4.35 -60.75 12.51
CA ALA A 495 4.68 -59.37 12.85
C ALA A 495 6.09 -58.93 12.44
N LYS A 496 6.69 -59.69 11.53
CA LYS A 496 7.98 -59.32 10.98
C LYS A 496 7.74 -58.54 9.70
N ILE A 497 7.87 -57.22 9.75
CA ILE A 497 7.50 -56.35 8.63
C ILE A 497 8.70 -55.73 7.94
N THR A 498 8.72 -55.88 6.61
CA THR A 498 9.61 -55.15 5.72
C THR A 498 8.81 -53.98 5.21
N ILE A 499 9.06 -52.80 5.75
CA ILE A 499 8.32 -51.61 5.35
C ILE A 499 8.54 -51.26 3.88
N GLY A 500 7.47 -50.83 3.20
CA GLY A 500 7.56 -50.39 1.82
C GLY A 500 7.28 -51.44 0.77
N LEU A 501 7.04 -52.68 1.19
CA LEU A 501 6.58 -53.72 0.28
C LEU A 501 5.10 -53.57 -0.08
N ALA A 502 4.25 -53.29 0.92
CA ALA A 502 2.83 -53.04 0.67
C ALA A 502 2.36 -51.89 1.57
N PRO A 503 1.36 -51.11 1.14
CA PRO A 503 0.92 -49.95 1.92
C PRO A 503 0.07 -50.44 3.11
N ALA A 504 0.39 -49.95 4.29
CA ALA A 504 -0.26 -50.37 5.52
C ALA A 504 0.10 -49.43 6.68
N GLU A 505 -0.82 -49.32 7.64
CA GLU A 505 -0.55 -48.71 8.92
C GLU A 505 -0.30 -49.83 9.91
N LEU A 506 0.68 -49.62 10.77
CA LEU A 506 1.07 -50.57 11.76
C LEU A 506 0.71 -49.98 13.11
N VAL A 507 -0.14 -50.70 13.84
CA VAL A 507 -0.80 -50.18 15.05
C VAL A 507 -0.69 -51.18 16.18
N VAL A 508 -0.29 -50.71 17.37
CA VAL A 508 -0.45 -51.51 18.57
C VAL A 508 -1.74 -51.03 19.26
N VAL A 509 -2.66 -51.95 19.52
CA VAL A 509 -3.93 -51.65 20.13
C VAL A 509 -4.13 -52.41 21.44
N ASN A 510 -5.06 -51.92 22.24
CA ASN A 510 -5.59 -52.70 23.35
C ASN A 510 -6.97 -53.20 22.93
N PRO A 511 -7.10 -54.50 22.66
CA PRO A 511 -8.37 -55.06 22.16
C PRO A 511 -9.48 -55.06 23.20
N ASN A 512 -9.14 -54.85 24.48
CA ASN A 512 -10.09 -54.88 25.60
C ASN A 512 -10.72 -53.53 25.90
N ILE A 513 -10.18 -52.47 25.29
CA ILE A 513 -10.60 -51.09 25.59
C ILE A 513 -10.90 -50.37 24.29
N LYS A 514 -12.11 -49.84 24.22
CA LYS A 514 -12.64 -49.21 23.03
C LYS A 514 -13.15 -47.82 23.37
N THR A 515 -13.19 -46.96 22.35
CA THR A 515 -13.80 -45.68 22.49
C THR A 515 -15.31 -45.91 22.55
N ALA A 516 -16.07 -44.87 22.90
CA ALA A 516 -17.52 -44.95 22.96
C ALA A 516 -18.15 -45.31 21.61
N VAL A 517 -17.52 -44.95 20.49
CA VAL A 517 -18.06 -45.38 19.18
C VAL A 517 -17.61 -46.78 18.78
N GLY A 518 -16.62 -47.34 19.47
CA GLY A 518 -16.28 -48.75 19.35
C GLY A 518 -14.94 -49.12 18.70
N ASN A 519 -14.08 -48.15 18.48
CA ASN A 519 -12.74 -48.42 17.92
C ASN A 519 -11.78 -48.81 19.01
N GLU A 520 -10.93 -49.80 18.77
CA GLU A 520 -9.93 -50.20 19.75
C GLU A 520 -8.89 -49.08 19.96
N VAL A 521 -8.51 -48.80 21.19
CA VAL A 521 -7.56 -47.72 21.45
C VAL A 521 -6.18 -48.18 20.99
N GLY A 522 -5.42 -47.29 20.34
CA GLY A 522 -4.10 -47.66 19.84
C GLY A 522 -3.13 -46.55 19.56
N TYR A 523 -1.90 -46.95 19.23
CA TYR A 523 -0.85 -46.04 18.75
C TYR A 523 -0.30 -46.63 17.44
N ARG A 524 0.02 -45.75 16.48
CA ARG A 524 0.60 -46.19 15.22
C ARG A 524 1.99 -45.63 15.01
N LEU A 525 2.78 -46.37 14.24
CA LEU A 525 4.11 -45.98 13.82
C LEU A 525 4.04 -45.28 12.47
N ILE A 526 4.58 -44.06 12.40
CA ILE A 526 4.82 -43.35 11.15
C ILE A 526 6.33 -43.36 10.99
N PRO A 527 6.86 -44.28 10.20
CA PRO A 527 8.31 -44.39 10.03
C PRO A 527 8.88 -43.42 8.99
N ALA A 528 10.19 -43.21 9.05
CA ALA A 528 10.94 -42.55 7.99
C ALA A 528 11.19 -43.56 6.89
N ILE A 529 11.68 -43.08 5.75
CA ILE A 529 12.07 -43.95 4.67
C ILE A 529 12.99 -45.05 5.26
N PRO A 530 12.64 -46.32 5.04
CA PRO A 530 13.37 -47.42 5.69
C PRO A 530 14.69 -47.78 4.98
N ALA A 531 15.70 -48.08 5.79
CA ALA A 531 16.87 -48.78 5.30
C ALA A 531 16.64 -50.28 5.44
N HIS A 532 17.00 -51.03 4.42
CA HIS A 532 17.01 -52.50 4.49
C HIS A 532 18.48 -52.97 4.40
N PRO A 533 18.80 -54.13 4.96
CA PRO A 533 20.17 -54.67 4.90
C PRO A 533 20.58 -54.89 3.46
N LEU A 534 21.83 -54.64 3.14
CA LEU A 534 22.38 -54.92 1.81
C LEU A 534 23.44 -56.02 1.83
N LEU A 535 23.84 -56.44 3.03
CA LEU A 535 24.61 -57.67 3.18
C LEU A 535 23.72 -58.86 2.89
N THR A 536 24.30 -59.98 2.47
CA THR A 536 23.57 -61.22 2.33
C THR A 536 23.23 -61.80 3.72
N GLU A 537 22.10 -62.51 3.83
CA GLU A 537 21.60 -63.10 5.08
C GLU A 537 22.60 -64.07 5.72
N ASP A 538 23.40 -64.71 4.88
CA ASP A 538 24.42 -65.65 5.36
C ASP A 538 25.79 -65.01 5.65
N ASP A 539 25.97 -63.71 5.41
CA ASP A 539 27.23 -63.07 5.78
C ASP A 539 27.37 -63.03 7.30
N TYR A 540 28.59 -63.21 7.78
CA TYR A 540 28.83 -63.35 9.22
C TYR A 540 28.36 -62.15 10.02
N PRO A 541 28.67 -60.94 9.58
CA PRO A 541 28.16 -59.75 10.29
C PRO A 541 26.63 -59.64 10.22
N GLN A 542 26.00 -60.10 9.14
CA GLN A 542 24.54 -60.08 9.02
C GLN A 542 23.82 -61.08 9.90
N ILE A 543 24.43 -62.23 10.13
CA ILE A 543 23.94 -63.21 11.07
C ILE A 543 23.99 -62.60 12.47
N ARG A 544 25.12 -62.02 12.83
CA ARG A 544 25.29 -61.40 14.14
C ARG A 544 24.34 -60.21 14.28
N GLY A 545 24.11 -59.51 13.17
CA GLY A 545 23.20 -58.37 13.15
C GLY A 545 21.84 -58.71 12.55
N ALA A 546 21.38 -59.94 12.75
CA ALA A 546 20.14 -60.41 12.11
C ALA A 546 18.92 -59.67 12.63
N PHE A 547 19.05 -58.92 13.73
CA PHE A 547 17.96 -58.08 14.20
C PHE A 547 17.58 -57.00 13.18
N THR A 548 18.48 -56.69 12.23
CA THR A 548 18.18 -55.76 11.14
C THR A 548 17.44 -56.38 9.95
N ASN A 549 17.14 -57.66 10.03
CA ASN A 549 16.47 -58.36 8.93
C ASN A 549 15.04 -57.87 8.64
N TYR A 550 14.40 -57.21 9.60
CA TYR A 550 13.10 -56.55 9.37
C TYR A 550 13.08 -55.17 10.03
N ASN A 551 12.25 -54.30 9.50
CA ASN A 551 12.07 -52.95 10.02
C ASN A 551 11.26 -52.94 11.29
N VAL A 552 10.28 -53.82 11.40
CA VAL A 552 9.48 -53.93 12.62
C VAL A 552 9.38 -55.40 13.01
N TRP A 553 9.48 -55.66 14.32
CA TRP A 553 9.19 -56.97 14.90
C TRP A 553 8.26 -56.80 16.10
N VAL A 554 7.47 -57.82 16.41
CA VAL A 554 6.75 -57.86 17.68
C VAL A 554 7.02 -59.23 18.33
N THR A 555 7.39 -59.18 19.61
CA THR A 555 7.58 -60.38 20.41
C THR A 555 6.65 -60.38 21.64
N ALA A 556 6.46 -61.55 22.24
CA ALA A 556 5.86 -61.63 23.59
C ALA A 556 6.87 -61.08 24.59
N TYR A 557 6.39 -60.26 25.51
CA TYR A 557 7.23 -59.68 26.56
C TYR A 557 7.96 -60.82 27.29
N ASN A 558 9.26 -60.62 27.46
CA ASN A 558 10.10 -61.54 28.20
C ASN A 558 11.24 -60.75 28.85
N ARG A 559 11.29 -60.81 30.18
CA ARG A 559 12.29 -60.12 31.00
C ARG A 559 13.69 -60.21 30.45
N THR A 560 14.09 -61.44 30.08
CA THR A 560 15.48 -61.71 29.68
C THR A 560 15.82 -61.30 28.22
N GLU A 561 14.81 -60.99 27.42
CA GLU A 561 15.05 -60.54 26.04
C GLU A 561 15.17 -59.03 26.03
N LYS A 562 16.41 -58.54 26.09
CA LYS A 562 16.73 -57.12 26.26
C LYS A 562 17.58 -56.55 25.13
N TRP A 563 18.52 -57.36 24.64
CA TRP A 563 19.60 -56.90 23.78
C TRP A 563 19.53 -57.68 22.46
N ALA A 564 19.25 -56.96 21.37
CA ALA A 564 18.80 -57.58 20.13
C ALA A 564 19.89 -58.37 19.43
N GLY A 565 21.14 -58.01 19.68
CA GLY A 565 22.29 -58.75 19.16
C GLY A 565 22.80 -59.82 20.09
N GLY A 566 22.08 -60.08 21.17
CA GLY A 566 22.47 -61.04 22.18
C GLY A 566 23.15 -60.38 23.34
N LEU A 567 23.18 -61.10 24.46
CA LEU A 567 23.75 -60.61 25.73
C LEU A 567 25.22 -60.34 25.57
N TYR A 568 25.90 -61.20 24.83
CA TYR A 568 27.33 -61.11 24.60
C TYR A 568 27.59 -60.91 23.12
N VAL A 569 28.05 -59.72 22.74
CA VAL A 569 28.10 -59.33 21.34
C VAL A 569 29.53 -59.39 20.73
N ASP A 570 30.55 -59.09 21.52
CA ASP A 570 31.92 -59.14 21.01
C ASP A 570 32.26 -60.61 20.62
N HIS A 571 32.62 -60.82 19.35
CA HIS A 571 32.91 -62.15 18.78
C HIS A 571 31.71 -63.08 18.83
N SER A 572 30.50 -62.53 18.79
CA SER A 572 29.30 -63.33 18.85
C SER A 572 29.18 -64.20 17.60
N ARG A 573 28.48 -65.32 17.74
CA ARG A 573 28.17 -66.23 16.64
C ARG A 573 26.75 -65.99 16.11
N GLY A 574 26.01 -65.10 16.76
CA GLY A 574 24.66 -64.75 16.33
C GLY A 574 23.63 -65.80 16.71
N ASP A 575 23.96 -66.64 17.71
CA ASP A 575 23.02 -67.65 18.23
C ASP A 575 22.12 -67.13 19.36
N ASP A 576 22.15 -65.83 19.62
CA ASP A 576 21.30 -65.25 20.67
C ASP A 576 20.70 -63.88 20.26
N THR A 577 20.23 -63.76 19.02
CA THR A 577 19.64 -62.51 18.55
C THR A 577 18.13 -62.59 18.52
N LEU A 578 17.53 -61.41 18.35
CA LEU A 578 16.10 -61.29 18.09
C LEU A 578 15.63 -62.29 17.00
N ALA A 579 16.39 -62.44 15.92
CA ALA A 579 16.03 -63.41 14.88
C ALA A 579 15.92 -64.81 15.43
N VAL A 580 16.85 -65.19 16.30
CA VAL A 580 16.84 -66.50 16.90
C VAL A 580 15.68 -66.65 17.88
N TRP A 581 15.43 -65.67 18.72
CA TRP A 581 14.36 -65.76 19.71
C TRP A 581 13.02 -66.05 19.04
N THR A 582 12.74 -65.35 17.93
CA THR A 582 11.44 -65.40 17.27
C THR A 582 11.20 -66.68 16.47
N LYS A 583 12.19 -67.58 16.42
CA LYS A 583 12.01 -68.92 15.84
C LYS A 583 11.05 -69.78 16.67
N GLN A 584 10.96 -69.48 17.95
CA GLN A 584 9.91 -70.03 18.80
C GLN A 584 8.48 -69.66 18.31
N ASN A 585 8.36 -68.56 17.57
CA ASN A 585 7.09 -68.15 16.95
C ASN A 585 5.94 -68.15 17.97
N ARG A 586 6.13 -67.39 19.05
CA ARG A 586 5.17 -67.31 20.12
C ARG A 586 3.90 -66.55 19.70
N GLU A 587 2.83 -66.78 20.44
CA GLU A 587 1.57 -66.10 20.26
C GLU A 587 1.72 -64.67 20.83
N ILE A 588 1.10 -63.70 20.17
CA ILE A 588 1.20 -62.28 20.55
C ILE A 588 -0.17 -61.57 20.48
N VAL A 589 -1.24 -62.31 20.77
CA VAL A 589 -2.60 -61.78 20.70
C VAL A 589 -3.09 -61.52 22.11
N ASN A 590 -3.56 -60.30 22.35
CA ASN A 590 -4.14 -59.91 23.63
C ASN A 590 -3.28 -60.34 24.83
N LYS A 591 -2.06 -59.87 24.84
CA LYS A 591 -1.09 -60.20 25.87
C LYS A 591 0.03 -59.15 25.88
N ASP A 592 0.91 -59.24 26.86
CA ASP A 592 1.98 -58.28 27.00
C ASP A 592 2.96 -58.52 25.84
N ILE A 593 3.07 -57.53 24.95
CA ILE A 593 3.92 -57.61 23.77
C ILE A 593 4.86 -56.39 23.70
N VAL A 594 5.91 -56.51 22.90
CA VAL A 594 6.94 -55.52 22.76
C VAL A 594 7.16 -55.34 21.27
N MET A 595 7.29 -54.09 20.83
CA MET A 595 7.66 -53.80 19.44
C MET A 595 9.13 -53.48 19.37
N TRP A 596 9.77 -53.94 18.30
CA TRP A 596 11.14 -53.57 18.01
C TRP A 596 11.14 -52.90 16.66
N HIS A 597 11.78 -51.75 16.55
CA HIS A 597 11.75 -50.99 15.31
C HIS A 597 13.18 -50.65 14.94
N VAL A 598 13.62 -51.09 13.76
CA VAL A 598 14.96 -50.84 13.24
C VAL A 598 14.94 -49.60 12.34
N VAL A 599 15.78 -48.62 12.64
CA VAL A 599 15.92 -47.44 11.79
C VAL A 599 17.36 -47.37 11.32
N GLY A 600 17.57 -46.72 10.21
CA GLY A 600 18.92 -46.66 9.70
C GLY A 600 19.05 -45.95 8.40
N ILE A 601 20.31 -45.70 8.03
CA ILE A 601 20.64 -45.10 6.74
C ILE A 601 21.80 -45.85 6.06
N HIS A 602 21.86 -45.72 4.75
CA HIS A 602 23.04 -46.10 3.99
C HIS A 602 23.84 -44.84 3.76
N HIS A 603 25.09 -44.85 4.17
CA HIS A 603 25.91 -43.64 4.08
C HIS A 603 26.87 -43.75 2.91
N VAL A 604 26.59 -42.95 1.88
CA VAL A 604 27.47 -42.73 0.76
C VAL A 604 28.16 -41.41 1.02
N PRO A 605 29.40 -41.42 1.51
CA PRO A 605 30.02 -40.17 1.94
C PRO A 605 30.14 -39.15 0.80
N ALA A 606 29.97 -37.89 1.15
CA ALA A 606 30.16 -36.77 0.25
C ALA A 606 31.17 -35.79 0.87
N GLN A 607 31.64 -34.86 0.06
CA GLN A 607 32.69 -33.95 0.48
C GLN A 607 32.19 -33.04 1.60
N GLU A 608 30.89 -32.80 1.66
CA GLU A 608 30.32 -31.98 2.72
C GLU A 608 30.50 -32.66 4.07
N ASP A 609 30.65 -33.98 4.10
CA ASP A 609 30.84 -34.70 5.36
C ASP A 609 32.24 -34.51 5.94
N PHE A 610 33.14 -33.88 5.18
CA PHE A 610 34.56 -33.80 5.52
C PHE A 610 34.97 -32.33 5.77
N PRO A 611 35.82 -32.04 6.77
CA PRO A 611 36.46 -33.02 7.66
C PRO A 611 35.62 -33.40 8.87
N ILE A 612 34.45 -32.79 8.99
CA ILE A 612 33.49 -33.04 10.06
C ILE A 612 32.12 -32.83 9.45
N MET A 613 31.11 -33.59 9.90
CA MET A 613 29.88 -33.70 9.12
C MET A 613 28.66 -32.98 9.69
N PRO A 614 27.99 -32.20 8.84
CA PRO A 614 26.75 -31.54 9.26
C PRO A 614 25.70 -32.56 9.61
N LEU A 615 24.89 -32.23 10.60
CA LEU A 615 23.91 -33.13 11.16
C LEU A 615 23.04 -33.76 10.07
N LEU A 616 22.82 -35.06 10.16
CA LEU A 616 21.79 -35.74 9.38
C LEU A 616 20.76 -36.22 10.38
N SER A 617 19.55 -35.68 10.30
CA SER A 617 18.48 -35.99 11.24
C SER A 617 17.53 -37.07 10.72
N THR A 618 17.19 -38.04 11.58
CA THR A 618 16.11 -38.98 11.31
C THR A 618 15.18 -39.04 12.48
N SER A 619 13.97 -39.50 12.22
CA SER A 619 12.91 -39.52 13.21
C SER A 619 11.82 -40.50 12.82
N PHE A 620 11.09 -40.98 13.80
CA PHE A 620 9.76 -41.57 13.57
C PHE A 620 8.79 -41.05 14.61
N GLU A 621 7.51 -41.24 14.36
CA GLU A 621 6.46 -40.74 15.23
C GLU A 621 5.62 -41.92 15.71
N LEU A 622 5.29 -41.91 16.99
CA LEU A 622 4.33 -42.83 17.58
C LEU A 622 3.09 -41.96 17.86
N ARG A 623 2.02 -42.17 17.08
CA ARG A 623 0.88 -41.24 17.02
C ARG A 623 -0.39 -41.90 17.56
N PRO A 624 -1.08 -41.27 18.51
CA PRO A 624 -2.30 -41.88 19.03
C PRO A 624 -3.32 -42.07 17.91
N THR A 625 -3.99 -43.20 17.90
CA THR A 625 -4.82 -43.66 16.80
C THR A 625 -6.02 -44.30 17.44
N ASN A 626 -7.13 -43.56 17.53
CA ASN A 626 -8.29 -43.93 18.32
C ASN A 626 -7.99 -44.20 19.81
N PHE A 627 -6.89 -43.66 20.30
CA PHE A 627 -6.58 -43.73 21.71
C PHE A 627 -7.50 -42.81 22.50
N PHE A 628 -7.74 -41.62 21.98
CA PHE A 628 -8.66 -40.66 22.60
C PHE A 628 -10.01 -40.64 21.88
N GLU A 629 -11.05 -40.18 22.58
CA GLU A 629 -12.39 -40.09 22.02
C GLU A 629 -12.39 -39.08 20.90
N ARG A 630 -11.62 -38.01 21.08
CA ARG A 630 -11.46 -36.95 20.11
C ARG A 630 -10.09 -36.27 20.31
N ASN A 631 -9.75 -35.37 19.39
CA ASN A 631 -8.51 -34.55 19.46
C ASN A 631 -8.17 -34.19 20.92
N PRO A 632 -7.12 -34.74 21.49
CA PRO A 632 -6.81 -34.53 22.91
C PRO A 632 -6.39 -33.09 23.24
N VAL A 633 -6.00 -32.33 22.22
CA VAL A 633 -5.63 -30.93 22.43
C VAL A 633 -6.70 -29.95 21.89
N LEU A 634 -7.95 -30.43 21.77
CA LEU A 634 -9.04 -29.56 21.34
C LEU A 634 -9.23 -28.39 22.29
N LYS A 635 -8.96 -28.63 23.59
CA LYS A 635 -9.15 -27.64 24.66
C LYS A 635 -7.81 -27.16 25.24
N THR A 636 -6.76 -27.24 24.45
CA THR A 636 -5.43 -26.80 24.85
C THR A 636 -5.12 -25.40 24.32
N LEU A 637 -4.82 -24.47 25.21
CA LEU A 637 -4.58 -23.07 24.84
C LEU A 637 -3.13 -22.87 24.49
N SER A 638 -2.91 -21.99 23.52
CA SER A 638 -1.56 -21.58 23.15
C SER A 638 -0.90 -20.92 24.36
N PRO A 639 0.42 -20.97 24.46
CA PRO A 639 1.13 -20.18 25.47
C PRO A 639 0.86 -18.69 25.25
N ARG A 640 0.70 -17.93 26.33
CA ARG A 640 0.39 -16.49 26.28
C ARG A 640 1.49 -15.73 25.58
N ASP A 641 1.10 -14.64 24.92
CA ASP A 641 2.03 -13.67 24.34
C ASP A 641 2.56 -12.77 25.46
N VAL A 642 3.88 -12.59 25.51
CA VAL A 642 4.50 -11.75 26.55
C VAL A 642 5.58 -10.82 25.98
N ALA A 643 5.35 -9.51 26.13
CA ALA A 643 6.28 -8.50 25.60
C ALA A 643 7.60 -8.59 26.33
N TRP A 644 8.69 -8.46 25.56
CA TRP A 644 10.05 -8.51 26.09
C TRP A 644 10.21 -7.34 27.05
N PRO A 645 10.89 -7.49 28.19
CA PRO A 645 11.59 -8.72 28.64
C PRO A 645 10.84 -9.62 29.65
N GLY A 646 9.52 -9.53 29.68
CA GLY A 646 8.71 -10.45 30.47
C GLY A 646 8.44 -10.02 31.90
N CYS A 647 8.24 -8.71 32.08
CA CYS A 647 7.73 -8.16 33.34
C CYS A 647 7.26 -6.72 33.13
N VAL B 6 13.83 -0.77 -8.64
CA VAL B 6 13.16 -1.25 -7.39
C VAL B 6 12.27 -2.48 -7.66
N GLN B 7 11.39 -2.44 -8.66
CA GLN B 7 10.62 -3.63 -9.04
C GLN B 7 11.53 -4.68 -9.71
N HIS B 8 11.54 -5.88 -9.16
CA HIS B 8 12.24 -7.03 -9.75
C HIS B 8 11.30 -7.72 -10.75
N PRO B 9 11.82 -8.17 -11.90
CA PRO B 9 11.01 -8.85 -12.92
C PRO B 9 10.15 -10.03 -12.47
N LEU B 10 10.51 -10.69 -11.38
CA LEU B 10 9.78 -11.88 -10.91
C LEU B 10 8.81 -11.54 -9.76
N ASP B 11 8.72 -10.27 -9.39
CA ASP B 11 7.82 -9.82 -8.34
C ASP B 11 6.38 -10.21 -8.59
N PRO B 12 5.60 -10.39 -7.55
CA PRO B 12 4.17 -10.59 -7.75
C PRO B 12 3.49 -9.35 -8.32
N LEU B 13 2.32 -9.55 -8.91
CA LEU B 13 1.52 -8.47 -9.44
C LEU B 13 1.09 -7.55 -8.31
N THR B 14 1.29 -6.25 -8.52
CA THR B 14 0.91 -5.22 -7.57
C THR B 14 -0.57 -4.88 -7.79
N LYS B 15 -1.14 -4.17 -6.83
CA LYS B 15 -2.47 -3.60 -6.97
C LYS B 15 -2.60 -2.84 -8.29
N GLU B 16 -1.64 -1.93 -8.56
CA GLU B 16 -1.66 -1.08 -9.77
C GLU B 16 -1.73 -1.91 -11.06
N GLU B 17 -1.00 -3.01 -11.09
CA GLU B 17 -0.94 -3.88 -12.27
C GLU B 17 -2.25 -4.62 -12.46
N PHE B 18 -2.89 -5.04 -11.36
CA PHE B 18 -4.16 -5.75 -11.47
C PHE B 18 -5.18 -4.75 -12.07
N LEU B 19 -5.19 -3.51 -11.56
CA LEU B 19 -6.12 -2.49 -12.07
C LEU B 19 -5.91 -2.18 -13.56
N ALA B 20 -4.67 -2.21 -14.02
CA ALA B 20 -4.36 -1.88 -15.41
C ALA B 20 -4.83 -3.01 -16.28
N VAL B 21 -4.68 -4.24 -15.80
CA VAL B 21 -5.13 -5.42 -16.50
C VAL B 21 -6.65 -5.37 -16.64
N GLN B 22 -7.32 -5.07 -15.53
CA GLN B 22 -8.77 -4.99 -15.51
C GLN B 22 -9.24 -3.99 -16.56
N THR B 23 -8.60 -2.82 -16.54
CA THR B 23 -8.93 -1.73 -17.46
C THR B 23 -8.68 -2.12 -18.92
N ILE B 24 -7.51 -2.69 -19.19
CA ILE B 24 -7.16 -3.05 -20.56
C ILE B 24 -8.16 -4.08 -21.14
N VAL B 25 -8.54 -5.07 -20.33
CA VAL B 25 -9.40 -6.14 -20.82
C VAL B 25 -10.84 -5.63 -20.96
N GLN B 26 -11.32 -4.87 -19.96
CA GLN B 26 -12.62 -4.19 -20.05
C GLN B 26 -12.73 -3.29 -21.28
N ASN B 27 -11.65 -2.63 -21.65
CA ASN B 27 -11.69 -1.69 -22.78
C ASN B 27 -12.00 -2.42 -24.11
N LYS B 28 -11.50 -3.65 -24.26
CA LYS B 28 -11.80 -4.48 -25.42
C LYS B 28 -13.16 -5.17 -25.27
N TYR B 29 -13.54 -5.52 -24.04
CA TYR B 29 -14.78 -6.23 -23.75
C TYR B 29 -15.56 -5.48 -22.69
N PRO B 30 -16.22 -4.39 -23.06
CA PRO B 30 -16.96 -3.60 -22.06
C PRO B 30 -18.01 -4.44 -21.35
N ILE B 31 -18.24 -4.21 -20.06
CA ILE B 31 -19.22 -4.96 -19.28
C ILE B 31 -20.67 -4.62 -19.64
N SER B 32 -20.87 -3.51 -20.35
CA SER B 32 -22.19 -3.15 -20.86
C SER B 32 -22.66 -4.14 -21.93
N ASN B 33 -21.74 -4.59 -22.78
CA ASN B 33 -22.05 -5.51 -23.89
C ASN B 33 -21.49 -6.96 -23.76
N ASN B 34 -20.81 -7.28 -22.65
CA ASN B 34 -20.11 -8.56 -22.46
C ASN B 34 -20.23 -9.07 -21.01
N ARG B 35 -20.40 -10.38 -20.85
CA ARG B 35 -20.30 -11.03 -19.55
C ARG B 35 -18.83 -11.45 -19.40
N LEU B 36 -18.15 -10.83 -18.45
CA LEU B 36 -16.71 -10.95 -18.32
C LEU B 36 -16.34 -11.42 -16.90
N ALA B 37 -15.60 -12.51 -16.83
CA ALA B 37 -15.08 -13.03 -15.57
C ALA B 37 -13.58 -13.37 -15.71
N PHE B 38 -12.78 -12.83 -14.79
CA PHE B 38 -11.35 -13.14 -14.72
C PHE B 38 -11.15 -14.33 -13.80
N HIS B 39 -10.65 -15.44 -14.37
CA HIS B 39 -10.40 -16.66 -13.59
C HIS B 39 -8.94 -16.83 -13.16
N TYR B 40 -8.04 -16.19 -13.90
CA TYR B 40 -6.61 -16.16 -13.59
C TYR B 40 -5.96 -14.88 -14.14
N ILE B 41 -5.22 -14.18 -13.30
CA ILE B 41 -4.38 -13.07 -13.76
C ILE B 41 -3.04 -13.18 -13.08
N GLY B 42 -2.00 -13.49 -13.86
CA GLY B 42 -0.69 -13.71 -13.32
C GLY B 42 0.41 -13.19 -14.22
N LEU B 43 1.63 -13.31 -13.74
CA LEU B 43 2.81 -12.91 -14.46
C LEU B 43 3.10 -13.96 -15.49
N ASP B 44 3.20 -13.54 -16.74
CA ASP B 44 3.75 -14.39 -17.77
C ASP B 44 5.27 -14.49 -17.57
N ASP B 45 5.73 -15.71 -17.28
CA ASP B 45 7.14 -15.96 -16.94
C ASP B 45 8.09 -15.28 -17.95
N PRO B 46 8.91 -14.35 -17.50
CA PRO B 46 9.96 -13.82 -18.35
C PRO B 46 10.86 -14.94 -18.83
N GLU B 47 11.42 -14.77 -20.03
CA GLU B 47 12.31 -15.75 -20.59
C GLU B 47 13.56 -15.88 -19.71
N LYS B 48 14.02 -17.11 -19.50
CA LYS B 48 15.06 -17.40 -18.54
C LYS B 48 16.38 -16.69 -18.86
N ASP B 49 16.76 -16.70 -20.14
CA ASP B 49 18.00 -16.06 -20.56
C ASP B 49 17.98 -14.55 -20.25
N HIS B 50 16.79 -13.93 -20.33
CA HIS B 50 16.65 -12.52 -19.98
C HIS B 50 16.80 -12.31 -18.47
N VAL B 51 16.20 -13.18 -17.67
CA VAL B 51 16.30 -13.11 -16.23
C VAL B 51 17.75 -13.27 -15.77
N LEU B 52 18.50 -14.20 -16.38
CA LEU B 52 19.91 -14.42 -16.02
C LEU B 52 20.76 -13.20 -16.40
N ARG B 53 20.45 -12.57 -17.51
CA ARG B 53 21.12 -11.33 -17.92
C ARG B 53 20.80 -10.22 -16.90
N TYR B 54 19.54 -10.11 -16.50
CA TYR B 54 19.14 -9.10 -15.51
C TYR B 54 19.86 -9.26 -14.16
N GLU B 55 20.05 -10.50 -13.71
CA GLU B 55 20.76 -10.76 -12.46
C GLU B 55 22.16 -10.17 -12.42
N THR B 56 22.89 -10.31 -13.52
CA THR B 56 24.25 -9.79 -13.58
C THR B 56 24.31 -8.27 -13.76
N HIS B 57 23.28 -7.67 -14.36
CA HIS B 57 23.23 -6.22 -14.54
C HIS B 57 21.82 -5.66 -14.22
N PRO B 58 21.42 -5.68 -12.96
CA PRO B 58 20.02 -5.37 -12.62
C PRO B 58 19.61 -3.90 -12.77
N THR B 59 20.57 -3.00 -12.89
CA THR B 59 20.31 -1.57 -13.13
C THR B 59 20.16 -1.28 -14.63
N LEU B 60 20.65 -2.18 -15.49
CA LEU B 60 20.72 -1.92 -16.94
C LEU B 60 19.68 -2.70 -17.76
N VAL B 61 19.40 -3.94 -17.38
CA VAL B 61 18.55 -4.83 -18.16
C VAL B 61 17.08 -4.51 -17.89
N SER B 62 16.34 -4.29 -18.96
CA SER B 62 14.97 -3.87 -18.90
C SER B 62 14.10 -5.00 -19.45
N ILE B 63 13.24 -5.55 -18.60
CA ILE B 63 12.28 -6.57 -18.99
C ILE B 63 10.88 -6.00 -18.83
N PRO B 64 10.07 -6.05 -19.88
CA PRO B 64 8.67 -5.64 -19.76
C PRO B 64 7.86 -6.63 -18.94
N ARG B 65 7.00 -6.08 -18.10
CA ARG B 65 6.06 -6.88 -17.32
C ARG B 65 4.97 -7.37 -18.29
N LYS B 66 4.89 -8.68 -18.45
CA LYS B 66 3.87 -9.28 -19.29
C LYS B 66 2.93 -10.10 -18.41
N ILE B 67 1.64 -10.04 -18.68
CA ILE B 67 0.60 -10.64 -17.85
C ILE B 67 -0.18 -11.64 -18.66
N PHE B 68 -0.39 -12.83 -18.12
CA PHE B 68 -1.22 -13.84 -18.76
C PHE B 68 -2.56 -13.84 -18.04
N VAL B 69 -3.66 -13.84 -18.79
CA VAL B 69 -5.02 -13.74 -18.26
C VAL B 69 -5.86 -14.86 -18.83
N VAL B 70 -6.58 -15.57 -17.96
CA VAL B 70 -7.59 -16.52 -18.41
C VAL B 70 -8.93 -15.98 -17.95
N ALA B 71 -9.79 -15.71 -18.92
CA ALA B 71 -11.08 -15.07 -18.70
C ALA B 71 -12.17 -15.84 -19.44
N ILE B 72 -13.34 -15.98 -18.83
CA ILE B 72 -14.50 -16.46 -19.56
C ILE B 72 -15.28 -15.24 -19.98
N ILE B 73 -15.38 -15.05 -21.29
CA ILE B 73 -16.06 -13.92 -21.88
C ILE B 73 -17.18 -14.46 -22.76
N ASN B 74 -18.41 -14.15 -22.40
CA ASN B 74 -19.58 -14.62 -23.14
C ASN B 74 -19.54 -16.14 -23.28
N SER B 75 -19.25 -16.83 -22.18
CA SER B 75 -19.24 -18.31 -22.13
C SER B 75 -18.19 -18.99 -23.00
N GLN B 76 -17.15 -18.24 -23.39
CA GLN B 76 -16.00 -18.80 -24.08
C GLN B 76 -14.73 -18.47 -23.29
N THR B 77 -13.80 -19.42 -23.24
CA THR B 77 -12.56 -19.23 -22.51
C THR B 77 -11.55 -18.55 -23.42
N HIS B 78 -11.05 -17.41 -22.94
CA HIS B 78 -10.05 -16.60 -23.65
C HIS B 78 -8.72 -16.67 -22.92
N GLU B 79 -7.66 -16.75 -23.70
CA GLU B 79 -6.28 -16.65 -23.23
C GLU B 79 -5.71 -15.33 -23.72
N ILE B 80 -5.39 -14.44 -22.79
CA ILE B 80 -4.99 -13.09 -23.18
C ILE B 80 -3.63 -12.79 -22.60
N LEU B 81 -2.70 -12.40 -23.47
CA LEU B 81 -1.38 -11.96 -23.05
C LEU B 81 -1.30 -10.45 -23.22
N ILE B 82 -0.84 -9.78 -22.16
CA ILE B 82 -0.76 -8.32 -22.10
C ILE B 82 0.66 -7.88 -21.88
N ASN B 83 1.14 -6.90 -22.65
CA ASN B 83 2.38 -6.22 -22.34
C ASN B 83 2.04 -4.94 -21.58
N LEU B 84 2.28 -4.93 -20.26
CA LEU B 84 1.91 -3.80 -19.41
C LEU B 84 2.76 -2.56 -19.59
N ARG B 85 3.99 -2.73 -20.08
CA ARG B 85 4.86 -1.56 -20.32
C ARG B 85 4.14 -0.62 -21.29
N ILE B 86 3.58 -1.19 -22.36
CA ILE B 86 2.88 -0.41 -23.38
C ILE B 86 1.34 -0.55 -23.33
N ARG B 87 0.82 -1.23 -22.31
CA ARG B 87 -0.62 -1.42 -22.06
C ARG B 87 -1.37 -1.91 -23.30
N SER B 88 -0.87 -2.98 -23.89
CA SER B 88 -1.49 -3.52 -25.07
C SER B 88 -1.71 -5.03 -24.94
N ILE B 89 -2.74 -5.49 -25.61
CA ILE B 89 -2.99 -6.91 -25.73
C ILE B 89 -2.19 -7.46 -26.91
N VAL B 90 -1.23 -8.34 -26.64
CA VAL B 90 -0.39 -8.93 -27.70
C VAL B 90 -1.06 -10.11 -28.35
N SER B 91 -1.81 -10.90 -27.58
CA SER B 91 -2.64 -11.99 -28.14
C SER B 91 -3.90 -12.29 -27.31
N ASP B 92 -4.89 -12.84 -28.00
CA ASP B 92 -6.22 -13.11 -27.47
C ASP B 92 -6.74 -14.29 -28.29
N ASN B 93 -6.65 -15.48 -27.72
CA ASN B 93 -7.05 -16.71 -28.40
C ASN B 93 -8.10 -17.44 -27.57
N ILE B 94 -9.02 -18.11 -28.26
CA ILE B 94 -10.02 -18.92 -27.61
C ILE B 94 -9.42 -20.30 -27.36
N HIS B 95 -9.65 -20.85 -26.16
CA HIS B 95 -9.24 -22.21 -25.83
C HIS B 95 -10.26 -23.13 -26.45
N ASN B 96 -9.81 -24.03 -27.32
CA ASN B 96 -10.71 -24.96 -27.98
C ASN B 96 -10.71 -26.40 -27.41
N GLY B 97 -9.73 -26.71 -26.55
CA GLY B 97 -9.61 -28.04 -25.95
C GLY B 97 -10.55 -28.32 -24.79
N TYR B 98 -10.35 -29.44 -24.11
CA TYR B 98 -11.21 -29.79 -22.98
C TYR B 98 -10.73 -29.12 -21.70
N GLY B 99 -11.62 -29.06 -20.72
CA GLY B 99 -11.32 -28.54 -19.40
C GLY B 99 -11.60 -27.05 -19.29
N PHE B 100 -11.62 -26.58 -18.04
CA PHE B 100 -12.05 -25.22 -17.72
C PHE B 100 -11.11 -24.59 -16.70
N PRO B 101 -11.17 -23.27 -16.58
CA PRO B 101 -10.27 -22.58 -15.65
C PRO B 101 -10.63 -22.79 -14.19
N ILE B 102 -9.79 -22.22 -13.35
CA ILE B 102 -9.97 -22.17 -11.92
C ILE B 102 -11.31 -21.50 -11.64
N LEU B 103 -12.09 -22.13 -10.76
CA LEU B 103 -13.35 -21.57 -10.31
C LEU B 103 -13.10 -20.22 -9.61
N SER B 104 -13.98 -19.25 -9.84
CA SER B 104 -13.89 -17.98 -9.14
C SER B 104 -14.63 -18.07 -7.81
N VAL B 105 -14.20 -17.26 -6.85
CA VAL B 105 -14.92 -17.15 -5.58
C VAL B 105 -16.34 -16.60 -5.77
N ASP B 106 -16.52 -15.59 -6.63
CA ASP B 106 -17.84 -14.97 -6.81
C ASP B 106 -18.92 -15.92 -7.33
N GLU B 107 -18.59 -16.74 -8.34
CA GLU B 107 -19.59 -17.66 -8.89
C GLU B 107 -19.94 -18.78 -7.87
N GLN B 108 -18.98 -19.19 -7.06
CA GLN B 108 -19.29 -20.14 -5.96
C GLN B 108 -20.26 -19.53 -4.93
N SER B 109 -20.04 -18.27 -4.57
CA SER B 109 -20.92 -17.57 -3.64
C SER B 109 -22.36 -17.54 -4.11
N LEU B 110 -22.54 -17.40 -5.43
CA LEU B 110 -23.85 -17.45 -6.05
C LEU B 110 -24.37 -18.88 -6.09
N ALA B 111 -23.50 -19.83 -6.43
CA ALA B 111 -23.91 -21.21 -6.60
C ALA B 111 -24.43 -21.83 -5.30
N ILE B 112 -23.81 -21.47 -4.17
CA ILE B 112 -24.15 -22.05 -2.86
C ILE B 112 -25.48 -21.55 -2.27
N LYS B 113 -26.02 -20.48 -2.81
CA LYS B 113 -27.35 -19.98 -2.43
C LYS B 113 -28.51 -20.74 -3.12
N LEU B 114 -28.22 -21.38 -4.25
CA LEU B 114 -29.26 -21.98 -5.09
C LEU B 114 -30.14 -23.01 -4.39
N PRO B 115 -29.55 -23.93 -3.63
CA PRO B 115 -30.36 -24.94 -2.94
C PRO B 115 -31.39 -24.32 -1.99
N LEU B 116 -31.03 -23.20 -1.35
CA LEU B 116 -31.90 -22.59 -0.34
C LEU B 116 -33.21 -22.03 -0.89
N LYS B 117 -33.26 -21.77 -2.21
CA LYS B 117 -34.49 -21.33 -2.91
C LYS B 117 -35.07 -22.39 -3.86
N TYR B 118 -34.50 -23.58 -3.87
CA TYR B 118 -34.87 -24.62 -4.81
C TYR B 118 -35.96 -25.49 -4.15
N PRO B 119 -37.22 -25.42 -4.61
CA PRO B 119 -38.32 -26.09 -3.89
C PRO B 119 -38.08 -27.56 -3.55
N PRO B 120 -37.53 -28.39 -4.44
CA PRO B 120 -37.23 -29.77 -4.05
C PRO B 120 -36.27 -29.87 -2.87
N PHE B 121 -35.28 -28.97 -2.78
CA PHE B 121 -34.40 -29.00 -1.61
C PHE B 121 -35.13 -28.58 -0.37
N ILE B 122 -35.92 -27.52 -0.49
CA ILE B 122 -36.73 -27.01 0.61
C ILE B 122 -37.61 -28.14 1.15
N ASP B 123 -38.25 -28.90 0.26
CA ASP B 123 -39.08 -30.03 0.67
C ASP B 123 -38.25 -31.17 1.31
N SER B 124 -37.09 -31.47 0.75
CA SER B 124 -36.21 -32.50 1.31
C SER B 124 -35.73 -32.13 2.71
N VAL B 125 -35.49 -30.85 2.91
CA VAL B 125 -35.03 -30.32 4.19
C VAL B 125 -36.15 -30.40 5.25
N LYS B 126 -37.37 -30.03 4.84
CA LYS B 126 -38.55 -30.09 5.71
C LYS B 126 -38.87 -31.54 6.11
N LYS B 127 -38.74 -32.45 5.17
CA LYS B 127 -39.00 -33.86 5.43
C LYS B 127 -38.02 -34.43 6.47
N ARG B 128 -36.85 -33.82 6.62
CA ARG B 128 -35.88 -34.23 7.63
C ARG B 128 -36.00 -33.45 8.92
N GLY B 129 -36.83 -32.40 8.94
CA GLY B 129 -37.07 -31.60 10.14
C GLY B 129 -35.95 -30.63 10.46
N LEU B 130 -35.18 -30.24 9.45
CA LEU B 130 -34.03 -29.37 9.63
C LEU B 130 -34.41 -27.90 9.40
N ASN B 131 -33.67 -27.01 10.05
CA ASN B 131 -33.90 -25.59 9.98
C ASN B 131 -33.23 -25.02 8.74
N LEU B 132 -34.04 -24.63 7.76
CA LEU B 132 -33.59 -24.09 6.49
C LEU B 132 -32.71 -22.85 6.62
N SER B 133 -32.99 -22.03 7.61
CA SER B 133 -32.22 -20.79 7.81
C SER B 133 -30.81 -21.02 8.39
N GLU B 134 -30.48 -22.25 8.75
CA GLU B 134 -29.16 -22.55 9.30
C GLU B 134 -28.38 -23.55 8.44
N ILE B 135 -28.69 -23.57 7.15
CA ILE B 135 -28.00 -24.45 6.22
C ILE B 135 -27.07 -23.63 5.39
N VAL B 136 -25.85 -24.14 5.23
CA VAL B 136 -24.86 -23.57 4.34
C VAL B 136 -24.42 -24.66 3.36
N CYS B 137 -24.21 -24.29 2.12
CA CYS B 137 -23.76 -25.22 1.11
C CYS B 137 -22.38 -24.82 0.59
N SER B 138 -21.71 -25.79 -0.04
CA SER B 138 -20.39 -25.63 -0.62
C SER B 138 -20.35 -26.26 -2.03
N SER B 139 -19.53 -25.70 -2.93
CA SER B 139 -19.42 -26.18 -4.30
C SER B 139 -18.23 -27.11 -4.43
N PHE B 140 -18.47 -28.29 -4.98
CA PHE B 140 -17.45 -29.31 -5.16
C PHE B 140 -17.24 -29.56 -6.65
N THR B 141 -16.01 -29.60 -7.11
CA THR B 141 -15.73 -30.02 -8.49
C THR B 141 -16.13 -31.48 -8.69
N MET B 142 -16.43 -31.83 -9.94
CA MET B 142 -16.99 -33.12 -10.35
C MET B 142 -16.13 -33.89 -11.35
N GLY B 143 -15.09 -33.25 -11.86
CA GLY B 143 -14.19 -33.86 -12.81
C GLY B 143 -14.85 -34.37 -14.07
N TRP B 144 -14.41 -35.54 -14.51
CA TRP B 144 -14.84 -36.12 -15.77
C TRP B 144 -14.76 -37.63 -15.61
N PHE B 145 -15.76 -38.34 -16.13
CA PHE B 145 -15.87 -39.79 -15.98
C PHE B 145 -16.26 -40.46 -17.28
N GLY B 146 -15.65 -40.04 -18.39
CA GLY B 146 -15.88 -40.67 -19.68
C GLY B 146 -17.04 -40.13 -20.51
N GLU B 147 -17.94 -39.35 -19.93
CA GLU B 147 -19.07 -38.78 -20.70
C GLU B 147 -18.59 -37.71 -21.69
N GLU B 148 -19.34 -37.53 -22.76
CA GLU B 148 -18.92 -36.69 -23.89
C GLU B 148 -19.24 -35.21 -23.66
N LYS B 149 -20.21 -34.99 -22.77
CA LYS B 149 -20.60 -33.69 -22.19
C LYS B 149 -19.42 -32.90 -21.61
N ASN B 150 -19.36 -31.61 -21.92
CA ASN B 150 -18.28 -30.72 -21.48
C ASN B 150 -18.88 -29.40 -21.03
N VAL B 151 -19.47 -29.39 -19.83
CA VAL B 151 -20.08 -28.20 -19.23
C VAL B 151 -19.51 -27.94 -17.84
N ARG B 152 -19.58 -26.68 -17.43
CA ARG B 152 -19.07 -26.28 -16.13
C ARG B 152 -20.04 -26.56 -15.00
N THR B 153 -20.19 -27.82 -14.62
CA THR B 153 -21.08 -28.19 -13.51
C THR B 153 -20.28 -28.51 -12.26
N VAL B 154 -20.92 -28.34 -11.13
CA VAL B 154 -20.38 -28.70 -9.84
C VAL B 154 -21.45 -29.44 -9.03
N ARG B 155 -21.02 -30.18 -8.02
CA ARG B 155 -21.92 -30.76 -7.04
C ARG B 155 -22.03 -29.81 -5.87
N LEU B 156 -23.25 -29.59 -5.39
CA LEU B 156 -23.48 -28.79 -4.21
C LEU B 156 -23.86 -29.71 -3.05
N ASP B 157 -23.09 -29.64 -1.97
CA ASP B 157 -23.37 -30.35 -0.73
C ASP B 157 -23.68 -29.32 0.34
N CYS B 158 -24.58 -29.67 1.26
CA CYS B 158 -25.02 -28.74 2.29
C CYS B 158 -24.80 -29.28 3.71
N PHE B 159 -24.82 -28.35 4.68
CA PHE B 159 -24.39 -28.59 6.05
C PHE B 159 -25.22 -27.78 7.02
N MET B 160 -25.38 -28.30 8.25
CA MET B 160 -26.02 -27.57 9.33
C MET B 160 -25.02 -26.77 10.13
N LYS B 161 -25.46 -25.60 10.58
CA LYS B 161 -24.63 -24.69 11.32
C LYS B 161 -25.19 -24.64 12.75
N GLU B 162 -26.21 -23.83 13.00
CA GLU B 162 -26.85 -23.73 14.31
C GLU B 162 -25.81 -23.33 15.38
N SER B 163 -25.57 -24.16 16.38
CA SER B 163 -24.72 -23.75 17.51
C SER B 163 -23.19 -23.89 17.25
N THR B 164 -22.79 -24.14 16.01
CA THR B 164 -21.38 -24.33 15.69
C THR B 164 -21.03 -23.82 14.30
N VAL B 165 -19.79 -23.34 14.15
CA VAL B 165 -19.27 -22.96 12.82
C VAL B 165 -18.56 -24.11 12.13
N ASN B 166 -18.50 -25.26 12.81
CA ASN B 166 -17.85 -26.44 12.28
C ASN B 166 -18.78 -27.21 11.34
N ILE B 167 -19.05 -26.60 10.19
CA ILE B 167 -20.06 -27.11 9.26
C ILE B 167 -19.69 -28.44 8.64
N TYR B 168 -18.41 -28.65 8.34
CA TYR B 168 -18.03 -29.85 7.61
C TYR B 168 -18.28 -31.13 8.41
N VAL B 169 -18.38 -31.04 9.74
CA VAL B 169 -18.73 -32.22 10.52
C VAL B 169 -20.23 -32.47 10.67
N ARG B 170 -21.03 -31.60 10.04
CA ARG B 170 -22.47 -31.72 10.09
C ARG B 170 -23.11 -31.78 8.70
N PRO B 171 -22.73 -32.74 7.87
CA PRO B 171 -23.32 -32.85 6.53
C PRO B 171 -24.76 -33.26 6.57
N ILE B 172 -25.50 -32.78 5.57
CA ILE B 172 -26.78 -33.35 5.19
C ILE B 172 -26.46 -34.32 4.06
N THR B 173 -26.33 -35.60 4.41
CA THR B 173 -25.86 -36.61 3.46
C THR B 173 -27.04 -37.26 2.78
N GLY B 174 -26.87 -37.56 1.49
CA GLY B 174 -27.82 -38.34 0.71
C GLY B 174 -28.55 -37.59 -0.38
N ILE B 175 -28.11 -36.38 -0.72
CA ILE B 175 -28.77 -35.59 -1.76
C ILE B 175 -27.82 -35.21 -2.88
N THR B 176 -28.18 -35.58 -4.12
CA THR B 176 -27.44 -35.14 -5.29
C THR B 176 -28.00 -33.80 -5.74
N ILE B 177 -27.11 -32.81 -5.84
CA ILE B 177 -27.43 -31.53 -6.46
C ILE B 177 -26.29 -31.17 -7.40
N VAL B 178 -26.60 -31.03 -8.69
CA VAL B 178 -25.66 -30.59 -9.68
C VAL B 178 -26.12 -29.21 -10.13
N ALA B 179 -25.18 -28.26 -10.20
CA ALA B 179 -25.48 -26.91 -10.68
C ALA B 179 -24.53 -26.59 -11.81
N ASP B 180 -25.06 -25.97 -12.86
CA ASP B 180 -24.29 -25.44 -13.97
C ASP B 180 -23.92 -23.99 -13.64
N LEU B 181 -22.63 -23.71 -13.57
CA LEU B 181 -22.12 -22.41 -13.14
C LEU B 181 -22.32 -21.31 -14.18
N ASP B 182 -22.27 -21.69 -15.46
CA ASP B 182 -22.52 -20.76 -16.56
C ASP B 182 -23.98 -20.32 -16.56
N LEU B 183 -24.90 -21.26 -16.49
CA LEU B 183 -26.32 -20.95 -16.39
C LEU B 183 -26.71 -20.44 -15.00
N MET B 184 -25.87 -20.73 -14.01
CA MET B 184 -26.16 -20.49 -12.58
C MET B 184 -27.50 -21.07 -12.14
N LYS B 185 -27.72 -22.34 -12.44
CA LYS B 185 -28.89 -23.04 -11.95
C LYS B 185 -28.64 -24.52 -11.66
N ILE B 186 -29.54 -25.08 -10.87
CA ILE B 186 -29.49 -26.48 -10.57
C ILE B 186 -30.08 -27.19 -11.77
N VAL B 187 -29.32 -28.12 -12.35
CA VAL B 187 -29.74 -28.90 -13.53
C VAL B 187 -30.01 -30.38 -13.21
N GLU B 188 -29.79 -30.77 -11.96
CA GLU B 188 -30.05 -32.14 -11.55
C GLU B 188 -30.30 -32.19 -10.04
N TYR B 189 -31.28 -32.99 -9.64
CA TYR B 189 -31.62 -33.17 -8.23
C TYR B 189 -32.15 -34.56 -7.97
N HIS B 190 -31.53 -35.28 -7.04
CA HIS B 190 -32.02 -36.61 -6.63
C HIS B 190 -31.84 -36.73 -5.11
N ASP B 191 -32.96 -36.72 -4.38
CA ASP B 191 -32.98 -37.00 -2.95
C ASP B 191 -32.95 -38.53 -2.75
N ARG B 192 -31.80 -39.09 -2.42
CA ARG B 192 -31.63 -40.56 -2.36
C ARG B 192 -31.85 -41.19 -0.99
N ASP B 193 -31.21 -40.64 0.03
CA ASP B 193 -31.19 -41.27 1.35
C ASP B 193 -31.29 -40.26 2.47
N ILE B 194 -32.04 -40.64 3.50
CA ILE B 194 -32.12 -39.85 4.72
C ILE B 194 -31.08 -40.40 5.69
N GLU B 195 -30.12 -39.55 6.07
CA GLU B 195 -29.11 -39.88 7.06
C GLU B 195 -29.18 -38.84 8.16
N ALA B 196 -28.96 -39.28 9.40
CA ALA B 196 -28.91 -38.35 10.52
C ALA B 196 -27.80 -37.32 10.29
N VAL B 197 -28.06 -36.09 10.70
CA VAL B 197 -27.05 -35.06 10.81
C VAL B 197 -26.34 -35.19 12.18
N PRO B 198 -25.02 -35.38 12.19
CA PRO B 198 -24.28 -35.45 13.45
C PRO B 198 -24.54 -34.21 14.29
N THR B 199 -24.51 -34.40 15.60
CA THR B 199 -24.78 -33.36 16.58
C THR B 199 -23.73 -32.23 16.47
N ALA B 200 -24.10 -31.03 16.88
CA ALA B 200 -23.15 -29.90 16.99
C ALA B 200 -22.32 -29.96 18.27
N GLU B 201 -22.81 -30.68 19.26
CA GLU B 201 -22.16 -30.80 20.57
C GLU B 201 -20.68 -31.17 20.47
N ASN B 202 -19.84 -30.39 21.13
CA ASN B 202 -18.39 -30.58 21.15
C ASN B 202 -17.69 -30.59 19.78
N THR B 203 -18.27 -29.93 18.77
CA THR B 203 -17.60 -29.75 17.48
C THR B 203 -16.90 -28.41 17.37
N GLU B 204 -17.07 -27.56 18.37
CA GLU B 204 -16.55 -26.19 18.27
C GLU B 204 -15.04 -26.14 18.54
N TYR B 205 -14.32 -25.41 17.70
CA TYR B 205 -12.87 -25.28 17.83
C TYR B 205 -12.41 -23.86 18.18
N GLN B 206 -13.31 -22.88 18.12
CA GLN B 206 -13.02 -21.49 18.54
C GLN B 206 -12.95 -21.44 20.07
N VAL B 207 -11.86 -20.90 20.60
CA VAL B 207 -11.70 -20.74 22.03
C VAL B 207 -12.86 -19.94 22.66
N SER B 208 -13.32 -18.90 21.99
CA SER B 208 -14.42 -18.09 22.50
C SER B 208 -15.75 -18.87 22.62
N LYS B 209 -15.87 -20.01 21.92
CA LYS B 209 -17.08 -20.83 21.91
C LYS B 209 -16.91 -22.15 22.67
N GLN B 210 -15.79 -22.31 23.37
CA GLN B 210 -15.55 -23.50 24.18
C GLN B 210 -15.75 -23.22 25.64
N SER B 211 -16.09 -24.24 26.44
CA SER B 211 -16.15 -24.05 27.90
C SER B 211 -15.10 -24.91 28.64
N PRO B 212 -14.72 -24.48 29.84
CA PRO B 212 -13.83 -25.29 30.70
C PRO B 212 -14.27 -26.76 30.84
N PRO B 213 -13.34 -27.62 31.26
CA PRO B 213 -11.95 -27.23 31.58
C PRO B 213 -11.03 -27.16 30.35
N PHE B 214 -9.98 -26.35 30.45
CA PHE B 214 -8.89 -26.32 29.47
C PHE B 214 -7.61 -26.92 30.06
N GLY B 215 -6.69 -27.29 29.18
CA GLY B 215 -5.44 -27.92 29.59
C GLY B 215 -4.81 -28.80 28.51
N PRO B 216 -3.54 -29.16 28.68
CA PRO B 216 -2.71 -28.72 29.81
C PRO B 216 -2.20 -27.29 29.62
N LYS B 217 -1.90 -26.61 30.74
CA LYS B 217 -1.36 -25.24 30.67
C LYS B 217 0.01 -25.28 30.04
N GLN B 218 0.26 -24.37 29.11
CA GLN B 218 1.56 -24.27 28.45
C GLN B 218 2.21 -22.95 28.88
N HIS B 219 3.45 -23.03 29.37
CA HIS B 219 4.18 -21.85 29.86
C HIS B 219 4.65 -20.96 28.69
N SER B 220 4.59 -19.66 28.94
CA SER B 220 4.97 -18.63 27.99
C SER B 220 6.46 -18.54 27.83
N LEU B 221 6.87 -18.02 26.67
CA LEU B 221 8.24 -17.67 26.39
C LEU B 221 8.27 -16.29 25.77
N THR B 222 9.27 -15.49 26.11
CA THR B 222 9.49 -14.22 25.44
C THR B 222 10.94 -14.17 24.95
N SER B 223 11.16 -13.55 23.79
CA SER B 223 12.46 -13.57 23.16
C SER B 223 12.82 -12.22 22.53
N HIS B 224 14.08 -12.06 22.21
CA HIS B 224 14.55 -10.83 21.60
C HIS B 224 15.85 -11.09 20.88
N GLN B 225 16.02 -10.50 19.70
CA GLN B 225 17.29 -10.52 19.00
C GLN B 225 18.00 -9.19 19.23
N PRO B 226 19.05 -9.19 20.03
CA PRO B 226 19.79 -7.93 20.34
C PRO B 226 20.21 -7.16 19.08
N GLN B 227 20.62 -7.86 18.00
CA GLN B 227 21.06 -7.20 16.78
C GLN B 227 20.01 -7.26 15.65
N GLY B 228 18.76 -7.51 16.02
CA GLY B 228 17.68 -7.54 15.07
C GLY B 228 17.73 -8.82 14.24
N PRO B 229 16.89 -8.89 13.21
CA PRO B 229 16.83 -10.06 12.35
C PRO B 229 18.10 -10.26 11.53
N GLY B 230 18.43 -11.52 11.26
CA GLY B 230 19.56 -11.86 10.42
C GLY B 230 19.25 -11.79 8.93
N PHE B 231 17.98 -11.61 8.57
CA PHE B 231 17.59 -11.44 7.17
C PHE B 231 17.15 -10.01 6.90
N GLN B 232 17.32 -9.59 5.65
CA GLN B 232 16.72 -8.36 5.11
C GLN B 232 15.80 -8.76 3.95
N ILE B 233 14.66 -8.10 3.88
CA ILE B 233 13.79 -8.20 2.73
C ILE B 233 13.80 -6.84 1.99
N ASN B 234 14.46 -6.77 0.83
CA ASN B 234 14.40 -5.60 -0.07
C ASN B 234 13.33 -5.85 -1.16
N GLY B 235 12.12 -5.36 -0.91
CA GLY B 235 10.97 -5.64 -1.74
C GLY B 235 10.53 -7.09 -1.58
N HIS B 236 10.90 -7.93 -2.55
CA HIS B 236 10.67 -9.38 -2.48
C HIS B 236 11.96 -10.20 -2.50
N SER B 237 13.10 -9.53 -2.50
CA SER B 237 14.40 -10.17 -2.57
C SER B 237 14.99 -10.33 -1.17
N VAL B 238 15.26 -11.57 -0.77
CA VAL B 238 15.72 -11.89 0.56
C VAL B 238 17.22 -12.12 0.55
N SER B 239 17.90 -11.50 1.52
CA SER B 239 19.29 -11.76 1.84
C SER B 239 19.33 -12.25 3.28
N TRP B 240 19.92 -13.42 3.48
CA TRP B 240 20.01 -14.03 4.80
C TRP B 240 21.23 -14.93 4.83
N ALA B 241 22.11 -14.73 5.80
CA ALA B 241 23.26 -15.61 5.98
C ALA B 241 24.04 -15.72 4.66
N ASN B 242 24.15 -16.93 4.10
CA ASN B 242 24.88 -17.12 2.83
C ASN B 242 23.92 -17.32 1.65
N TRP B 243 22.64 -17.04 1.86
CA TRP B 243 21.65 -17.22 0.83
C TRP B 243 21.12 -15.89 0.29
N LYS B 244 20.75 -15.93 -0.99
CA LYS B 244 19.91 -14.92 -1.63
C LYS B 244 18.84 -15.66 -2.38
N PHE B 245 17.62 -15.13 -2.37
CA PHE B 245 16.56 -15.70 -3.17
C PHE B 245 15.38 -14.71 -3.23
N HIS B 246 14.45 -14.99 -4.14
CA HIS B 246 13.34 -14.10 -4.41
C HIS B 246 12.03 -14.78 -4.02
N ILE B 247 11.17 -14.07 -3.28
CA ILE B 247 9.87 -14.58 -2.90
C ILE B 247 8.81 -14.01 -3.84
N GLY B 248 8.17 -14.92 -4.58
CA GLY B 248 7.10 -14.60 -5.48
C GLY B 248 5.77 -15.20 -5.05
N PHE B 249 4.73 -14.78 -5.77
CA PHE B 249 3.36 -15.16 -5.43
C PHE B 249 2.49 -15.06 -6.70
N ASP B 250 1.65 -16.07 -6.89
CA ASP B 250 0.87 -16.23 -8.10
C ASP B 250 -0.49 -16.79 -7.64
N VAL B 251 -1.58 -16.37 -8.27
CA VAL B 251 -2.89 -16.70 -7.74
C VAL B 251 -3.19 -18.18 -7.86
N ARG B 252 -2.53 -18.85 -8.79
CA ARG B 252 -2.70 -20.30 -8.97
C ARG B 252 -1.75 -21.11 -8.12
N ALA B 253 -0.46 -20.80 -8.24
CA ALA B 253 0.60 -21.60 -7.62
C ALA B 253 0.76 -21.33 -6.10
N GLY B 254 0.43 -20.11 -5.69
CA GLY B 254 0.75 -19.65 -4.36
C GLY B 254 2.21 -19.18 -4.34
N ILE B 255 2.95 -19.53 -3.29
CA ILE B 255 4.33 -19.04 -3.15
C ILE B 255 5.25 -19.65 -4.20
N VAL B 256 6.19 -18.84 -4.67
CA VAL B 256 7.21 -19.27 -5.64
C VAL B 256 8.55 -18.81 -5.13
N ILE B 257 9.48 -19.74 -4.94
CA ILE B 257 10.85 -19.39 -4.55
C ILE B 257 11.69 -19.40 -5.81
N SER B 258 12.41 -18.30 -6.08
CA SER B 258 13.22 -18.14 -7.30
C SER B 258 14.63 -17.67 -7.02
N LEU B 259 15.53 -17.96 -7.95
CA LEU B 259 16.89 -17.46 -7.91
C LEU B 259 17.63 -17.76 -6.61
N ALA B 260 17.43 -18.96 -6.06
CA ALA B 260 18.09 -19.33 -4.81
C ALA B 260 19.56 -19.70 -5.06
N SER B 261 20.45 -18.90 -4.49
CA SER B 261 21.89 -19.04 -4.63
C SER B 261 22.55 -18.94 -3.28
N ILE B 262 23.59 -19.74 -3.09
CA ILE B 262 24.34 -19.77 -1.84
C ILE B 262 25.75 -19.27 -2.10
N TYR B 263 26.23 -18.41 -1.20
CA TYR B 263 27.59 -17.89 -1.26
C TYR B 263 28.54 -18.92 -0.72
N ASP B 264 29.50 -19.30 -1.56
CA ASP B 264 30.53 -20.27 -1.24
C ASP B 264 31.74 -19.48 -0.76
N LEU B 265 31.99 -19.53 0.55
CA LEU B 265 33.03 -18.69 1.15
C LEU B 265 34.41 -19.07 0.65
N GLU B 266 34.66 -20.38 0.46
CA GLU B 266 35.95 -20.85 -0.06
C GLU B 266 36.25 -20.34 -1.47
N LYS B 267 35.24 -20.27 -2.34
CA LYS B 267 35.41 -19.79 -3.73
C LYS B 267 35.10 -18.29 -3.89
N HIS B 268 34.64 -17.66 -2.81
CA HIS B 268 34.17 -16.27 -2.84
C HIS B 268 33.22 -15.98 -4.04
N LYS B 269 32.18 -16.80 -4.20
CA LYS B 269 31.22 -16.66 -5.30
C LYS B 269 29.80 -17.11 -4.92
N SER B 270 28.80 -16.39 -5.45
CA SER B 270 27.40 -16.80 -5.27
C SER B 270 27.07 -17.86 -6.29
N ARG B 271 26.53 -19.00 -5.84
CA ARG B 271 26.33 -20.13 -6.72
C ARG B 271 24.89 -20.58 -6.71
N ARG B 272 24.31 -20.68 -7.90
CA ARG B 272 22.91 -21.04 -8.08
C ARG B 272 22.62 -22.49 -7.66
N VAL B 273 21.46 -22.69 -7.09
CA VAL B 273 20.96 -24.01 -6.76
C VAL B 273 19.59 -24.21 -7.42
N LEU B 274 18.65 -23.32 -7.11
CA LEU B 274 17.26 -23.44 -7.55
C LEU B 274 16.74 -22.19 -8.27
N TYR B 275 16.52 -22.30 -9.58
CA TYR B 275 16.01 -21.18 -10.35
C TYR B 275 14.57 -20.87 -9.99
N LYS B 276 13.78 -21.91 -9.76
CA LYS B 276 12.35 -21.75 -9.49
C LYS B 276 11.79 -23.00 -8.82
N GLY B 277 11.06 -22.82 -7.73
CA GLY B 277 10.46 -23.91 -6.99
C GLY B 277 9.06 -23.52 -6.51
N TYR B 278 8.07 -24.37 -6.79
CA TYR B 278 6.71 -24.17 -6.30
C TYR B 278 5.93 -25.48 -6.31
N ILE B 279 4.73 -25.45 -5.74
CA ILE B 279 3.82 -26.56 -5.80
C ILE B 279 2.93 -26.34 -7.01
N SER B 280 3.02 -27.26 -7.97
CA SER B 280 2.41 -27.12 -9.27
C SER B 280 0.96 -27.59 -9.30
N GLU B 281 0.69 -28.64 -8.54
CA GLU B 281 -0.66 -29.16 -8.46
C GLU B 281 -0.86 -29.97 -7.18
N LEU B 282 -2.11 -30.09 -6.77
CA LEU B 282 -2.52 -30.99 -5.71
C LEU B 282 -3.52 -31.97 -6.28
N PHE B 283 -3.71 -33.08 -5.60
CA PHE B 283 -4.68 -34.09 -5.99
C PHE B 283 -5.13 -34.83 -4.70
N VAL B 284 -6.42 -34.75 -4.40
CA VAL B 284 -6.97 -35.24 -3.15
C VAL B 284 -8.13 -36.22 -3.41
N PRO B 285 -7.79 -37.41 -3.90
CA PRO B 285 -8.81 -38.37 -4.29
C PRO B 285 -9.48 -38.99 -3.05
N TYR B 286 -10.81 -38.92 -2.98
CA TYR B 286 -11.57 -39.65 -1.96
C TYR B 286 -11.84 -41.06 -2.48
N GLN B 287 -12.23 -41.97 -1.59
CA GLN B 287 -12.28 -43.39 -1.90
C GLN B 287 -13.65 -43.98 -1.64
N ASP B 288 -14.68 -43.12 -1.74
CA ASP B 288 -16.08 -43.52 -1.63
C ASP B 288 -16.66 -43.51 -3.04
N PRO B 289 -16.94 -44.69 -3.63
CA PRO B 289 -17.42 -44.78 -5.01
C PRO B 289 -18.93 -44.59 -5.22
N THR B 290 -19.70 -44.46 -4.14
CA THR B 290 -21.15 -44.22 -4.23
C THR B 290 -21.45 -42.83 -4.79
N GLU B 291 -22.71 -42.60 -5.11
CA GLU B 291 -23.16 -41.36 -5.72
C GLU B 291 -22.82 -40.13 -4.86
N GLU B 292 -22.64 -40.34 -3.57
CA GLU B 292 -22.38 -39.27 -2.63
C GLU B 292 -21.01 -38.63 -2.82
N PHE B 293 -19.99 -39.42 -3.16
CA PHE B 293 -18.63 -38.88 -3.20
C PHE B 293 -17.75 -39.31 -4.37
N TYR B 294 -18.26 -40.09 -5.33
CA TYR B 294 -17.40 -40.69 -6.39
C TYR B 294 -16.55 -39.65 -7.12
N PHE B 295 -17.17 -38.49 -7.31
CA PHE B 295 -16.62 -37.37 -8.10
C PHE B 295 -15.60 -36.52 -7.33
N LYS B 296 -15.44 -36.75 -6.03
CA LYS B 296 -14.67 -35.85 -5.17
C LYS B 296 -13.17 -36.19 -5.13
N THR B 297 -12.44 -35.57 -6.05
CA THR B 297 -11.00 -35.71 -6.17
C THR B 297 -10.42 -34.37 -6.58
N PHE B 298 -10.43 -33.44 -5.62
CA PHE B 298 -10.02 -32.05 -5.87
C PHE B 298 -8.58 -31.94 -6.40
N PHE B 299 -8.40 -31.06 -7.39
CA PHE B 299 -7.11 -30.58 -7.81
C PHE B 299 -7.04 -29.15 -7.34
N ASP B 300 -6.65 -28.96 -6.08
CA ASP B 300 -6.73 -27.66 -5.43
C ASP B 300 -6.23 -26.51 -6.27
N SER B 301 -5.03 -26.64 -6.78
CA SER B 301 -4.37 -25.51 -7.40
C SER B 301 -5.05 -25.15 -8.71
N GLY B 302 -5.37 -26.14 -9.53
CA GLY B 302 -6.01 -25.84 -10.81
C GLY B 302 -7.51 -25.64 -10.78
N GLU B 303 -8.16 -26.03 -9.68
CA GLU B 303 -9.59 -25.88 -9.59
C GLU B 303 -9.99 -24.71 -8.73
N PHE B 304 -9.20 -24.39 -7.70
CA PHE B 304 -9.54 -23.32 -6.76
C PHE B 304 -8.47 -22.23 -6.57
N GLY B 305 -7.25 -22.50 -6.99
CA GLY B 305 -6.17 -21.55 -6.88
C GLY B 305 -5.53 -21.60 -5.50
N PHE B 306 -4.27 -21.99 -5.45
CA PHE B 306 -3.53 -22.01 -4.18
C PHE B 306 -3.32 -20.58 -3.67
N GLY B 307 -3.05 -19.67 -4.58
CA GLY B 307 -2.90 -18.26 -4.24
C GLY B 307 -4.22 -17.63 -3.84
N LEU B 308 -5.24 -17.80 -4.66
CA LEU B 308 -6.60 -17.30 -4.31
C LEU B 308 -7.07 -17.84 -2.97
N SER B 309 -6.56 -19.01 -2.57
CA SER B 309 -7.03 -19.68 -1.35
C SER B 309 -6.06 -19.51 -0.20
N THR B 310 -5.08 -18.62 -0.35
CA THR B 310 -4.10 -18.37 0.69
C THR B 310 -4.76 -17.48 1.76
N VAL B 311 -4.52 -17.79 3.02
CA VAL B 311 -5.16 -17.11 4.14
C VAL B 311 -4.18 -16.13 4.75
N SER B 312 -4.71 -15.19 5.53
CA SER B 312 -3.88 -14.28 6.31
C SER B 312 -3.32 -15.01 7.53
N LEU B 313 -2.01 -14.94 7.69
CA LEU B 313 -1.33 -15.58 8.79
C LEU B 313 -1.62 -14.83 10.08
N ILE B 314 -1.90 -15.58 11.15
CA ILE B 314 -2.25 -14.99 12.43
C ILE B 314 -0.97 -14.78 13.19
N PRO B 315 -0.62 -13.54 13.51
CA PRO B 315 0.65 -13.27 14.19
C PRO B 315 0.80 -14.00 15.51
N ASN B 316 2.01 -14.45 15.81
CA ASN B 316 2.36 -15.17 17.04
C ASN B 316 1.81 -16.61 17.11
N ARG B 317 0.98 -17.00 16.16
CA ARG B 317 0.40 -18.34 16.13
C ARG B 317 0.85 -19.12 14.88
N ASP B 318 0.48 -18.64 13.70
CA ASP B 318 0.90 -19.26 12.46
C ASP B 318 2.39 -19.08 12.20
N CYS B 319 2.95 -18.01 12.75
CA CYS B 319 4.39 -17.70 12.71
C CYS B 319 4.83 -17.24 14.12
N PRO B 320 6.06 -17.53 14.54
CA PRO B 320 6.52 -17.09 15.87
C PRO B 320 6.55 -15.58 15.97
N PRO B 321 6.61 -15.02 17.18
CA PRO B 321 6.71 -13.56 17.34
C PRO B 321 7.95 -13.02 16.66
N HIS B 322 7.88 -11.80 16.15
CA HIS B 322 8.99 -11.16 15.46
C HIS B 322 9.23 -11.68 14.05
N ALA B 323 8.38 -12.56 13.56
CA ALA B 323 8.37 -12.90 12.14
C ALA B 323 8.04 -11.64 11.33
N GLN B 324 8.56 -11.53 10.13
CA GLN B 324 8.20 -10.43 9.23
C GLN B 324 7.18 -10.93 8.22
N PHE B 325 6.23 -10.06 7.87
CA PHE B 325 5.13 -10.43 6.99
C PHE B 325 5.20 -9.71 5.65
N ILE B 326 4.74 -10.39 4.62
CA ILE B 326 4.68 -9.85 3.28
C ILE B 326 3.23 -9.92 2.81
N ASP B 327 2.67 -8.76 2.48
CA ASP B 327 1.34 -8.68 1.90
C ASP B 327 1.41 -9.07 0.42
N THR B 328 0.36 -9.71 -0.10
CA THR B 328 0.20 -9.87 -1.53
C THR B 328 -1.18 -9.41 -1.97
N TYR B 329 -1.37 -9.37 -3.29
CA TYR B 329 -2.67 -9.12 -3.89
C TYR B 329 -3.15 -10.36 -4.68
N VAL B 330 -4.42 -10.67 -4.53
CA VAL B 330 -5.11 -11.57 -5.42
C VAL B 330 -6.15 -10.74 -6.20
N HIS B 331 -7.06 -11.40 -6.92
CA HIS B 331 -8.11 -10.70 -7.63
C HIS B 331 -9.43 -11.44 -7.51
N SER B 332 -10.52 -10.70 -7.70
CA SER B 332 -11.89 -11.22 -7.76
C SER B 332 -12.29 -11.52 -9.22
N ALA B 333 -13.49 -12.04 -9.42
CA ALA B 333 -13.97 -12.40 -10.77
C ALA B 333 -14.11 -11.21 -11.73
N ASN B 334 -14.39 -10.02 -11.20
CA ASN B 334 -14.49 -8.84 -12.06
C ASN B 334 -13.12 -8.17 -12.29
N GLY B 335 -12.06 -8.74 -11.72
CA GLY B 335 -10.69 -8.28 -11.96
C GLY B 335 -10.15 -7.27 -10.95
N THR B 336 -10.92 -7.02 -9.90
CA THR B 336 -10.52 -6.06 -8.85
C THR B 336 -9.46 -6.71 -7.96
N PRO B 337 -8.37 -6.00 -7.67
CA PRO B 337 -7.36 -6.47 -6.73
C PRO B 337 -7.90 -6.58 -5.32
N ILE B 338 -7.51 -7.62 -4.60
CA ILE B 338 -7.89 -7.80 -3.20
C ILE B 338 -6.61 -7.96 -2.40
N LEU B 339 -6.46 -7.13 -1.38
CA LEU B 339 -5.34 -7.18 -0.47
C LEU B 339 -5.42 -8.42 0.41
N LEU B 340 -4.35 -9.19 0.41
CA LEU B 340 -4.20 -10.36 1.25
C LEU B 340 -3.09 -10.06 2.25
N LYS B 341 -3.50 -9.54 3.41
CA LYS B 341 -2.57 -9.20 4.49
C LYS B 341 -1.89 -10.45 5.01
N ASN B 342 -0.61 -10.32 5.37
CA ASN B 342 0.12 -11.40 6.02
C ASN B 342 0.03 -12.69 5.23
N ALA B 343 0.21 -12.64 3.93
CA ALA B 343 0.10 -13.85 3.09
C ALA B 343 1.28 -14.79 3.28
N ILE B 344 2.44 -14.20 3.54
CA ILE B 344 3.68 -14.93 3.72
C ILE B 344 4.44 -14.35 4.94
N CYS B 345 5.12 -15.20 5.70
CA CYS B 345 6.03 -14.71 6.73
C CYS B 345 7.42 -15.33 6.60
N VAL B 346 8.39 -14.61 7.13
CA VAL B 346 9.79 -15.00 7.14
C VAL B 346 10.28 -14.86 8.60
N PHE B 347 10.93 -15.90 9.11
CA PHE B 347 11.48 -15.87 10.45
C PHE B 347 12.65 -16.81 10.55
N GLU B 348 13.38 -16.68 11.65
CA GLU B 348 14.51 -17.49 11.96
C GLU B 348 14.22 -18.48 13.10
N GLN B 349 14.84 -19.65 12.99
CA GLN B 349 14.59 -20.78 13.87
C GLN B 349 15.89 -21.19 14.58
N TYR B 350 15.84 -21.28 15.91
CA TYR B 350 17.02 -21.53 16.74
C TYR B 350 16.99 -22.89 17.44
N GLY B 351 18.14 -23.34 17.88
CA GLY B 351 18.24 -24.55 18.71
C GLY B 351 18.94 -25.74 18.08
N ASN B 352 18.98 -25.81 16.76
CA ASN B 352 19.51 -27.00 16.09
C ASN B 352 21.01 -27.05 16.22
N ILE B 353 21.52 -28.25 16.49
CA ILE B 353 22.95 -28.48 16.37
C ILE B 353 23.29 -28.52 14.88
N MET B 354 24.34 -27.79 14.54
CA MET B 354 24.85 -27.71 13.16
C MET B 354 25.79 -28.89 12.88
N TRP B 355 26.70 -29.12 13.81
CA TRP B 355 27.57 -30.30 13.80
C TRP B 355 28.33 -30.35 15.10
N ARG B 356 28.91 -31.49 15.38
CA ARG B 356 29.69 -31.67 16.59
C ARG B 356 30.65 -32.85 16.52
N HIS B 357 31.63 -32.83 17.40
CA HIS B 357 32.38 -34.01 17.76
C HIS B 357 33.01 -33.91 19.16
N THR B 358 32.89 -34.99 19.91
CA THR B 358 33.67 -35.19 21.12
C THR B 358 34.69 -36.25 20.83
N GLU B 359 35.95 -35.91 21.06
CA GLU B 359 37.06 -36.82 20.81
C GLU B 359 37.63 -37.30 22.13
N ASN B 360 37.54 -38.60 22.34
CA ASN B 360 38.08 -39.27 23.53
C ASN B 360 39.24 -40.23 23.23
N GLY B 361 39.67 -40.30 21.97
CA GLY B 361 40.69 -41.25 21.55
C GLY B 361 42.12 -40.81 21.76
N ILE B 362 42.35 -39.53 22.07
CA ILE B 362 43.71 -39.03 22.30
C ILE B 362 44.00 -39.05 23.79
N PRO B 363 44.91 -39.92 24.24
CA PRO B 363 45.25 -40.00 25.67
C PRO B 363 45.54 -38.65 26.32
N ASN B 364 44.91 -38.38 27.46
CA ASN B 364 45.16 -37.18 28.30
C ASN B 364 44.74 -35.85 27.65
N GLU B 365 43.85 -35.89 26.66
CA GLU B 365 43.34 -34.69 26.01
C GLU B 365 41.81 -34.77 26.01
N SER B 366 41.16 -33.71 26.45
CA SER B 366 39.71 -33.58 26.32
C SER B 366 39.45 -32.62 25.19
N ILE B 367 38.83 -33.12 24.12
CA ILE B 367 38.50 -32.30 22.98
C ILE B 367 37.01 -32.46 22.66
N GLU B 368 36.31 -31.33 22.58
CA GLU B 368 34.91 -31.31 22.19
C GLU B 368 34.58 -30.01 21.49
N GLU B 369 33.70 -30.11 20.51
CA GLU B 369 33.24 -28.95 19.78
C GLU B 369 31.82 -29.22 19.31
N SER B 370 30.91 -28.31 19.66
CA SER B 370 29.53 -28.39 19.23
C SER B 370 29.05 -27.00 18.85
N ARG B 371 28.60 -26.87 17.61
CA ARG B 371 28.11 -25.60 17.10
C ARG B 371 26.67 -25.68 16.74
N THR B 372 25.98 -24.54 16.83
CA THR B 372 24.58 -24.46 16.50
C THR B 372 24.37 -23.62 15.24
N GLU B 373 23.25 -23.88 14.57
CA GLU B 373 22.86 -23.18 13.37
C GLU B 373 21.60 -22.36 13.64
N VAL B 374 21.48 -21.26 12.89
CA VAL B 374 20.24 -20.53 12.78
C VAL B 374 19.70 -20.79 11.39
N ASN B 375 18.46 -21.27 11.32
CA ASN B 375 17.82 -21.58 10.04
C ASN B 375 16.75 -20.53 9.70
N LEU B 376 16.36 -20.47 8.43
CA LEU B 376 15.42 -19.51 7.92
C LEU B 376 14.20 -20.20 7.38
N ILE B 377 13.02 -19.73 7.79
CA ILE B 377 11.76 -20.32 7.36
C ILE B 377 10.88 -19.29 6.69
N VAL B 378 10.38 -19.66 5.53
CA VAL B 378 9.43 -18.86 4.78
C VAL B 378 8.15 -19.70 4.74
N ARG B 379 7.05 -19.14 5.23
CA ARG B 379 5.85 -19.89 5.43
C ARG B 379 4.64 -19.20 4.81
N THR B 380 3.73 -20.01 4.29
CA THR B 380 2.45 -19.56 3.82
C THR B 380 1.42 -20.66 4.09
N ILE B 381 0.15 -20.28 4.18
CA ILE B 381 -0.90 -21.24 4.53
C ILE B 381 -2.04 -21.13 3.54
N VAL B 382 -2.42 -22.28 2.99
CA VAL B 382 -3.44 -22.35 1.97
C VAL B 382 -4.58 -23.19 2.49
N THR B 383 -5.77 -22.62 2.52
CA THR B 383 -6.94 -23.33 3.01
C THR B 383 -7.92 -23.45 1.87
N VAL B 384 -8.19 -24.67 1.43
CA VAL B 384 -9.22 -24.94 0.44
C VAL B 384 -10.31 -25.80 1.09
N GLY B 385 -11.46 -25.18 1.31
CA GLY B 385 -12.58 -25.77 2.02
C GLY B 385 -12.20 -26.19 3.42
N ASN B 386 -12.20 -27.51 3.65
CA ASN B 386 -11.88 -28.08 4.96
C ASN B 386 -10.39 -28.30 5.26
N ASP B 388 -6.39 -27.35 5.59
CA ASP B 388 -5.38 -26.31 5.77
C ASP B 388 -4.01 -26.93 5.51
N ASN B 389 -3.21 -26.27 4.68
CA ASN B 389 -1.89 -26.73 4.29
C ASN B 389 -0.86 -25.68 4.69
N VAL B 390 0.00 -26.00 5.64
CA VAL B 390 1.08 -25.13 6.03
C VAL B 390 2.31 -25.47 5.17
N ILE B 391 2.66 -24.54 4.28
CA ILE B 391 3.74 -24.70 3.31
C ILE B 391 4.97 -23.90 3.74
N ASP B 392 6.06 -24.59 3.99
CA ASP B 392 7.30 -23.97 4.44
C ASP B 392 8.39 -24.21 3.41
N TRP B 393 9.29 -23.24 3.28
CA TRP B 393 10.59 -23.45 2.65
C TRP B 393 11.62 -23.08 3.67
N GLU B 394 12.45 -24.04 4.07
CA GLU B 394 13.50 -23.81 5.06
C GLU B 394 14.87 -23.81 4.41
N PHE B 395 15.68 -22.80 4.74
CA PHE B 395 17.05 -22.69 4.23
C PHE B 395 18.03 -22.80 5.37
N LYS B 396 19.15 -23.47 5.13
CA LYS B 396 20.20 -23.66 6.13
C LYS B 396 21.55 -23.17 5.59
N ALA B 397 22.40 -22.66 6.47
CA ALA B 397 23.73 -22.22 6.09
C ALA B 397 24.56 -23.37 5.53
N SER B 398 24.22 -24.59 5.94
CA SER B 398 24.87 -25.79 5.45
C SER B 398 24.54 -26.11 4.00
N GLY B 399 23.59 -25.37 3.41
CA GLY B 399 23.22 -25.57 2.03
C GLY B 399 21.95 -26.35 1.81
N SER B 400 21.45 -27.04 2.83
CA SER B 400 20.22 -27.79 2.69
C SER B 400 19.02 -26.85 2.50
N ILE B 401 18.10 -27.27 1.63
CA ILE B 401 16.80 -26.67 1.53
C ILE B 401 15.82 -27.75 1.93
N LYS B 402 14.86 -27.42 2.79
CA LYS B 402 13.89 -28.37 3.28
C LYS B 402 12.48 -27.84 3.04
N PRO B 403 11.83 -28.21 1.94
CA PRO B 403 10.43 -27.86 1.75
C PRO B 403 9.57 -28.77 2.61
N SER B 404 8.62 -28.21 3.36
CA SER B 404 7.70 -29.00 4.14
C SER B 404 6.24 -28.63 3.94
N ILE B 405 5.39 -29.60 4.18
CA ILE B 405 3.95 -29.40 4.15
C ILE B 405 3.36 -30.03 5.40
N ALA B 406 2.59 -29.26 6.14
CA ALA B 406 1.88 -29.79 7.30
C ALA B 406 0.39 -29.60 7.07
N LEU B 407 -0.41 -30.56 7.53
CA LEU B 407 -1.83 -30.62 7.28
C LEU B 407 -2.59 -30.46 8.60
N SER B 408 -3.63 -29.63 8.59
CA SER B 408 -4.60 -29.55 9.65
C SER B 408 -5.97 -29.22 9.04
N GLY B 409 -6.89 -28.68 9.84
CA GLY B 409 -8.25 -28.39 9.40
C GLY B 409 -9.22 -29.47 9.85
N ILE B 410 -10.25 -29.70 9.04
CA ILE B 410 -11.39 -30.55 9.39
C ILE B 410 -11.48 -31.76 8.47
N LEU B 411 -11.86 -32.90 9.04
CA LEU B 411 -12.22 -34.06 8.22
C LEU B 411 -13.46 -33.78 7.41
N GLU B 412 -13.48 -34.31 6.20
CA GLU B 412 -14.74 -34.40 5.45
C GLU B 412 -15.47 -35.60 6.00
N ILE B 413 -16.67 -35.32 6.50
CA ILE B 413 -17.50 -36.31 7.15
C ILE B 413 -18.68 -36.66 6.22
N LYS B 414 -18.97 -37.97 6.14
CA LYS B 414 -20.17 -38.47 5.50
C LYS B 414 -21.11 -38.83 6.62
N GLY B 415 -22.31 -38.28 6.64
CA GLY B 415 -23.29 -38.58 7.65
C GLY B 415 -23.86 -39.99 7.51
N THR B 416 -24.17 -40.62 8.64
CA THR B 416 -24.75 -41.96 8.66
C THR B 416 -25.62 -42.16 9.89
N ASN B 417 -26.56 -43.12 9.83
CA ASN B 417 -27.44 -43.47 10.96
C ASN B 417 -26.72 -44.31 12.00
N ILE B 418 -25.58 -44.87 11.60
CA ILE B 418 -24.72 -45.69 12.50
C ILE B 418 -24.09 -44.87 13.63
N LYS B 419 -24.21 -45.36 14.85
CA LYS B 419 -23.64 -44.74 16.04
C LYS B 419 -22.45 -45.50 16.63
N HIS B 420 -22.36 -46.80 16.37
CA HIS B 420 -21.30 -47.65 16.96
C HIS B 420 -20.74 -48.58 15.91
N LYS B 421 -19.47 -48.93 16.05
CA LYS B 421 -18.78 -49.81 15.09
C LYS B 421 -19.44 -51.18 14.95
N ASP B 422 -20.03 -51.70 16.03
CA ASP B 422 -20.69 -53.03 15.98
C ASP B 422 -21.93 -53.07 15.08
N GLU B 423 -22.42 -51.92 14.65
CA GLU B 423 -23.58 -51.83 13.75
C GLU B 423 -23.20 -51.94 12.28
N ILE B 424 -21.90 -51.86 11.98
CA ILE B 424 -21.42 -51.79 10.60
C ILE B 424 -21.52 -53.15 9.94
N LYS B 425 -22.21 -53.19 8.80
CA LYS B 425 -22.43 -54.44 8.08
C LYS B 425 -21.85 -54.43 6.65
N GLU B 426 -21.26 -53.32 6.24
CA GLU B 426 -20.60 -53.23 4.94
C GLU B 426 -19.50 -52.16 4.96
N ASP B 427 -18.73 -52.12 3.88
CA ASP B 427 -17.67 -51.13 3.74
C ASP B 427 -18.29 -49.72 3.67
N LEU B 428 -18.04 -48.93 4.69
CA LEU B 428 -18.47 -47.53 4.76
C LEU B 428 -17.52 -46.58 3.99
N HIS B 429 -16.35 -47.07 3.57
CA HIS B 429 -15.35 -46.26 2.83
C HIS B 429 -14.71 -45.19 3.67
N GLY B 430 -14.60 -45.48 4.98
CA GLY B 430 -13.94 -44.62 5.93
C GLY B 430 -14.10 -45.21 7.33
N LYS B 431 -13.59 -44.51 8.32
CA LYS B 431 -13.71 -44.93 9.72
C LYS B 431 -14.82 -44.15 10.39
N LEU B 432 -15.48 -44.81 11.34
CA LEU B 432 -16.46 -44.14 12.19
C LEU B 432 -15.70 -43.36 13.26
N VAL B 433 -15.62 -42.03 13.12
CA VAL B 433 -14.82 -41.23 14.03
C VAL B 433 -15.62 -40.58 15.14
N SER B 434 -16.94 -40.56 14.97
CA SER B 434 -17.86 -40.05 15.99
C SER B 434 -19.23 -40.58 15.63
N ALA B 435 -20.17 -40.49 16.55
CA ALA B 435 -21.52 -40.94 16.23
C ALA B 435 -21.98 -40.27 14.92
N ASN B 436 -22.61 -41.08 14.06
CA ASN B 436 -23.18 -40.64 12.78
C ASN B 436 -22.16 -40.03 11.82
N SER B 437 -20.88 -40.23 12.08
CA SER B 437 -19.83 -39.50 11.38
C SER B 437 -18.76 -40.45 10.78
N ILE B 438 -18.76 -40.60 9.46
CA ILE B 438 -17.72 -41.36 8.77
C ILE B 438 -16.66 -40.42 8.20
N GLY B 439 -15.41 -40.57 8.65
CA GLY B 439 -14.30 -39.88 8.04
C GLY B 439 -13.86 -40.69 6.83
N ILE B 440 -14.20 -40.22 5.65
CA ILE B 440 -13.97 -40.97 4.40
C ILE B 440 -12.50 -41.09 4.09
N TYR B 441 -12.03 -42.27 3.71
CA TYR B 441 -10.64 -42.46 3.29
C TYR B 441 -10.32 -41.52 2.14
N HIS B 442 -9.11 -40.98 2.11
CA HIS B 442 -8.65 -40.12 1.02
C HIS B 442 -7.13 -39.99 1.06
N ASP B 443 -6.55 -39.47 -0.03
CA ASP B 443 -5.15 -39.15 -0.12
C ASP B 443 -4.93 -37.65 -0.36
N HIS B 444 -3.74 -37.19 0.01
CA HIS B 444 -3.22 -35.90 -0.38
C HIS B 444 -1.94 -36.14 -1.18
N PHE B 445 -1.94 -35.72 -2.44
CA PHE B 445 -0.74 -35.73 -3.26
C PHE B 445 -0.44 -34.28 -3.62
N TYR B 446 0.79 -33.89 -3.43
CA TYR B 446 1.29 -32.61 -3.85
C TYR B 446 2.46 -32.87 -4.82
N ILE B 447 2.54 -32.12 -5.91
CA ILE B 447 3.73 -32.21 -6.78
C ILE B 447 4.46 -30.88 -6.87
N TYR B 448 5.75 -30.93 -6.57
CA TYR B 448 6.64 -29.80 -6.63
C TYR B 448 7.29 -29.71 -7.99
N TYR B 449 7.29 -28.50 -8.56
CA TYR B 449 8.16 -28.13 -9.69
C TYR B 449 9.48 -27.64 -9.11
N LEU B 450 10.58 -28.30 -9.44
CA LEU B 450 11.88 -27.91 -8.91
C LEU B 450 12.85 -27.72 -10.06
N ASP B 451 12.93 -26.50 -10.56
CA ASP B 451 13.84 -26.18 -11.63
C ASP B 451 15.20 -25.90 -11.03
N PHE B 452 15.92 -26.98 -10.69
CA PHE B 452 17.29 -26.85 -10.25
C PHE B 452 18.13 -26.37 -11.43
N ASP B 453 18.99 -25.39 -11.17
CA ASP B 453 20.08 -25.03 -12.08
C ASP B 453 21.35 -25.13 -11.23
N ILE B 454 21.84 -26.36 -11.06
CA ILE B 454 22.96 -26.67 -10.16
C ILE B 454 24.22 -26.04 -10.68
N ASP B 455 24.61 -24.94 -10.04
CA ASP B 455 25.75 -24.12 -10.40
C ASP B 455 25.75 -23.74 -11.88
N GLY B 456 24.56 -23.51 -12.42
CA GLY B 456 24.39 -23.25 -13.85
C GLY B 456 23.24 -24.09 -14.40
N THR B 457 22.86 -23.81 -15.66
CA THR B 457 21.70 -24.47 -16.27
C THR B 457 21.92 -25.84 -16.81
N HIS B 458 23.14 -26.18 -17.19
CA HIS B 458 23.39 -27.46 -17.84
C HIS B 458 23.64 -28.54 -16.82
N ASN B 459 22.63 -29.37 -16.63
CA ASN B 459 22.65 -30.38 -15.58
C ASN B 459 22.34 -31.75 -16.12
N SER B 460 22.59 -32.76 -15.28
CA SER B 460 22.17 -34.14 -15.52
C SER B 460 21.53 -34.74 -14.27
N PHE B 461 20.77 -35.81 -14.45
CA PHE B 461 20.13 -36.52 -13.36
C PHE B 461 20.83 -37.85 -13.24
N GLU B 462 21.36 -38.13 -12.04
CA GLU B 462 22.10 -39.36 -11.74
C GLU B 462 21.38 -40.19 -10.68
N LYS B 463 21.27 -41.48 -10.93
CA LYS B 463 20.75 -42.46 -10.01
C LYS B 463 21.92 -43.29 -9.52
N THR B 464 22.27 -43.12 -8.25
CA THR B 464 23.37 -43.89 -7.64
C THR B 464 22.77 -45.10 -6.95
N SER B 465 22.71 -46.22 -7.67
CA SER B 465 22.19 -47.47 -7.13
C SER B 465 23.13 -48.08 -6.11
N LEU B 466 22.59 -48.65 -5.06
CA LEU B 466 23.37 -49.39 -4.08
C LEU B 466 23.17 -50.85 -4.40
N LYS B 467 24.25 -51.56 -4.70
CA LYS B 467 24.18 -52.96 -5.15
C LYS B 467 24.97 -53.88 -4.24
N THR B 468 24.38 -55.02 -3.95
CA THR B 468 25.04 -56.08 -3.20
C THR B 468 25.93 -56.92 -4.10
N VAL B 469 27.17 -57.12 -3.67
CA VAL B 469 28.12 -58.01 -4.33
C VAL B 469 28.43 -59.19 -3.40
N ARG B 470 28.30 -60.41 -3.93
CA ARG B 470 28.63 -61.61 -3.19
C ARG B 470 30.07 -62.03 -3.51
N ILE B 471 30.87 -62.28 -2.48
CA ILE B 471 32.22 -62.83 -2.67
C ILE B 471 32.15 -64.36 -2.44
N LYS B 472 32.51 -65.14 -3.45
CA LYS B 472 32.48 -66.61 -3.37
C LYS B 472 33.87 -67.23 -3.42
N ASP B 473 34.80 -66.53 -4.07
CA ASP B 473 36.07 -67.11 -4.51
C ASP B 473 37.20 -67.16 -3.48
N GLY B 474 36.91 -66.93 -2.19
CA GLY B 474 37.90 -67.03 -1.14
C GLY B 474 38.82 -65.82 -0.94
N SER B 475 38.56 -64.72 -1.66
CA SER B 475 39.41 -63.53 -1.62
C SER B 475 39.19 -62.64 -0.36
N SER B 476 38.12 -62.91 0.38
CA SER B 476 37.81 -62.20 1.61
C SER B 476 37.15 -63.13 2.60
N LYS B 477 37.26 -62.79 3.88
CA LYS B 477 36.51 -63.47 4.93
C LYS B 477 35.04 -63.06 4.92
N ARG B 478 34.76 -61.89 4.34
CA ARG B 478 33.39 -61.44 4.18
C ARG B 478 32.75 -62.19 3.00
N LYS B 479 31.48 -62.52 3.14
CA LYS B 479 30.69 -63.08 2.05
C LYS B 479 30.05 -62.00 1.20
N SER B 480 29.98 -60.76 1.68
CA SER B 480 29.24 -59.74 0.96
C SER B 480 29.58 -58.30 1.34
N TYR B 481 29.26 -57.42 0.42
CA TYR B 481 29.35 -56.00 0.68
C TYR B 481 28.49 -55.31 -0.34
N TRP B 482 28.20 -54.04 -0.13
CA TRP B 482 27.55 -53.23 -1.15
C TRP B 482 28.47 -52.14 -1.68
N THR B 483 28.20 -51.74 -2.93
CA THR B 483 28.92 -50.66 -3.58
C THR B 483 27.95 -49.82 -4.42
N THR B 484 28.43 -48.75 -5.04
CA THR B 484 27.55 -47.91 -5.85
C THR B 484 27.78 -48.13 -7.31
N GLU B 485 26.76 -47.83 -8.08
CA GLU B 485 26.77 -47.87 -9.53
C GLU B 485 25.95 -46.68 -9.98
N THR B 486 26.63 -45.67 -10.53
CA THR B 486 25.98 -44.44 -10.96
C THR B 486 25.59 -44.51 -12.43
N GLN B 487 24.32 -44.21 -12.70
CA GLN B 487 23.78 -44.16 -14.06
C GLN B 487 23.20 -42.76 -14.30
N THR B 488 23.56 -42.18 -15.44
CA THR B 488 22.99 -40.91 -15.84
C THR B 488 21.73 -41.20 -16.65
N ALA B 489 20.59 -40.63 -16.25
CA ALA B 489 19.37 -40.73 -17.03
C ALA B 489 19.57 -40.06 -18.39
N LYS B 490 19.34 -40.80 -19.46
CA LYS B 490 19.47 -40.29 -20.83
C LYS B 490 18.25 -39.54 -21.31
N THR B 491 17.07 -40.08 -21.03
CA THR B 491 15.81 -39.48 -21.48
C THR B 491 14.78 -39.50 -20.35
N GLU B 492 13.64 -38.87 -20.60
CA GLU B 492 12.61 -38.71 -19.56
C GLU B 492 12.12 -40.03 -19.01
N SER B 493 12.06 -41.07 -19.84
CA SER B 493 11.63 -42.41 -19.38
C SER B 493 12.57 -43.03 -18.33
N ASP B 494 13.85 -42.67 -18.38
CA ASP B 494 14.84 -43.16 -17.39
C ASP B 494 14.75 -42.45 -16.06
N ALA B 495 14.08 -41.30 -16.01
CA ALA B 495 14.01 -40.49 -14.80
C ALA B 495 12.64 -40.54 -14.10
N LYS B 496 11.82 -41.53 -14.45
CA LYS B 496 10.55 -41.77 -13.78
C LYS B 496 10.79 -42.79 -12.68
N ILE B 497 10.85 -42.30 -11.44
CA ILE B 497 11.25 -43.12 -10.29
C ILE B 497 10.08 -43.41 -9.34
N THR B 498 9.92 -44.69 -9.05
CA THR B 498 9.07 -45.15 -7.97
C THR B 498 10.01 -45.42 -6.80
N ILE B 499 10.01 -44.52 -5.83
CA ILE B 499 10.87 -44.66 -4.66
C ILE B 499 10.49 -45.89 -3.84
N GLY B 500 11.51 -46.60 -3.38
CA GLY B 500 11.33 -47.74 -2.51
C GLY B 500 11.42 -49.08 -3.19
N LEU B 501 11.48 -49.08 -4.53
CA LEU B 501 11.66 -50.33 -5.28
C LEU B 501 13.07 -50.87 -5.14
N ALA B 502 14.06 -49.98 -5.31
CA ALA B 502 15.45 -50.35 -5.13
C ALA B 502 16.18 -49.21 -4.41
N PRO B 503 17.22 -49.53 -3.64
CA PRO B 503 17.94 -48.51 -2.90
C PRO B 503 18.86 -47.70 -3.81
N ALA B 504 18.74 -46.38 -3.72
CA ALA B 504 19.48 -45.46 -4.57
C ALA B 504 19.43 -44.06 -4.03
N GLU B 505 20.44 -43.26 -4.33
CA GLU B 505 20.41 -41.82 -4.10
C GLU B 505 20.10 -41.16 -5.44
N LEU B 506 19.24 -40.16 -5.41
CA LEU B 506 18.83 -39.43 -6.60
C LEU B 506 19.46 -38.04 -6.50
N VAL B 507 20.26 -37.70 -7.50
CA VAL B 507 21.12 -36.51 -7.49
C VAL B 507 21.00 -35.72 -8.78
N VAL B 508 20.82 -34.41 -8.68
CA VAL B 508 20.96 -33.54 -9.84
C VAL B 508 22.37 -32.99 -9.78
N VAL B 509 23.17 -33.20 -10.84
CA VAL B 509 24.54 -32.73 -10.90
C VAL B 509 24.76 -31.77 -12.07
N ASN B 510 25.81 -30.97 -11.96
CA ASN B 510 26.35 -30.24 -13.10
C ASN B 510 27.57 -31.02 -13.58
N PRO B 511 27.46 -31.74 -14.69
CA PRO B 511 28.58 -32.53 -15.19
C PRO B 511 29.78 -31.71 -15.69
N ASN B 512 29.60 -30.41 -15.88
CA ASN B 512 30.66 -29.52 -16.38
C ASN B 512 31.49 -28.89 -15.25
N ILE B 513 31.05 -29.08 -14.01
CA ILE B 513 31.74 -28.49 -12.87
C ILE B 513 32.02 -29.55 -11.83
N LYS B 514 33.30 -29.67 -11.47
CA LYS B 514 33.76 -30.67 -10.54
C LYS B 514 34.53 -30.01 -9.41
N THR B 515 34.59 -30.70 -8.28
CA THR B 515 35.43 -30.28 -7.17
C THR B 515 36.88 -30.53 -7.55
N ALA B 516 37.80 -29.99 -6.77
CA ALA B 516 39.23 -30.19 -7.03
C ALA B 516 39.63 -31.66 -7.03
N VAL B 517 38.94 -32.50 -6.27
CA VAL B 517 39.24 -33.94 -6.29
C VAL B 517 38.53 -34.67 -7.40
N GLY B 518 37.56 -34.04 -8.06
CA GLY B 518 37.01 -34.51 -9.34
C GLY B 518 35.58 -35.06 -9.33
N ASN B 519 34.85 -34.84 -8.22
CA ASN B 519 33.45 -35.22 -8.12
C ASN B 519 32.57 -34.15 -8.74
N GLU B 520 31.53 -34.54 -9.48
CA GLU B 520 30.58 -33.59 -10.05
C GLU B 520 29.81 -32.87 -8.95
N VAL B 521 29.66 -31.55 -9.04
CA VAL B 521 28.87 -30.84 -8.04
C VAL B 521 27.42 -31.24 -8.17
N GLY B 522 26.74 -31.45 -7.05
CA GLY B 522 25.33 -31.83 -7.10
C GLY B 522 24.50 -31.57 -5.84
N TYR B 523 23.18 -31.80 -5.96
CA TYR B 523 22.27 -31.81 -4.81
C TYR B 523 21.49 -33.11 -4.85
N ARG B 524 21.23 -33.67 -3.67
CA ARG B 524 20.49 -34.92 -3.58
C ARG B 524 19.15 -34.77 -2.85
N LEU B 525 18.20 -35.61 -3.24
CA LEU B 525 16.90 -35.68 -2.60
C LEU B 525 16.93 -36.71 -1.52
N ILE B 526 16.51 -36.33 -0.31
CA ILE B 526 16.23 -37.28 0.77
C ILE B 526 14.75 -37.18 1.01
N PRO B 527 13.99 -38.12 0.48
CA PRO B 527 12.53 -38.07 0.58
C PRO B 527 11.99 -38.65 1.89
N ALA B 528 10.76 -38.29 2.24
CA ALA B 528 10.03 -39.00 3.29
C ALA B 528 9.52 -40.30 2.69
N ILE B 529 8.99 -41.15 3.57
CA ILE B 529 8.33 -42.36 3.17
C ILE B 529 7.31 -42.01 2.06
N PRO B 530 7.44 -42.66 0.93
CA PRO B 530 6.64 -42.28 -0.24
C PRO B 530 5.22 -42.82 -0.20
N ALA B 531 4.26 -42.02 -0.66
CA ALA B 531 2.93 -42.52 -0.97
C ALA B 531 2.86 -42.84 -2.46
N HIS B 532 2.25 -43.97 -2.80
CA HIS B 532 2.04 -44.36 -4.19
C HIS B 532 0.52 -44.34 -4.47
N PRO B 533 0.11 -44.09 -5.71
CA PRO B 533 -1.31 -44.10 -6.05
C PRO B 533 -1.92 -45.48 -5.77
N LEU B 534 -3.14 -45.50 -5.26
CA LEU B 534 -3.87 -46.75 -5.02
C LEU B 534 -5.13 -46.87 -5.89
N LEU B 535 -5.46 -45.81 -6.64
CA LEU B 535 -6.40 -45.91 -7.74
C LEU B 535 -5.75 -46.69 -8.85
N THR B 536 -6.54 -47.31 -9.71
CA THR B 536 -5.98 -47.94 -10.91
C THR B 536 -5.57 -46.86 -11.87
N GLU B 537 -4.57 -47.18 -12.66
CA GLU B 537 -3.98 -46.22 -13.58
C GLU B 537 -5.03 -45.69 -14.57
N ASP B 538 -6.00 -46.53 -14.95
CA ASP B 538 -7.06 -46.20 -15.93
C ASP B 538 -8.31 -45.56 -15.30
N ASP B 539 -8.32 -45.39 -13.98
CA ASP B 539 -9.44 -44.68 -13.36
C ASP B 539 -9.43 -43.20 -13.77
N TYR B 540 -10.59 -42.61 -14.01
CA TYR B 540 -10.69 -41.25 -14.58
C TYR B 540 -9.95 -40.19 -13.77
N PRO B 541 -10.10 -40.19 -12.44
CA PRO B 541 -9.33 -39.27 -11.63
C PRO B 541 -7.83 -39.52 -11.69
N GLN B 542 -7.40 -40.78 -11.82
CA GLN B 542 -5.97 -41.10 -11.89
C GLN B 542 -5.35 -40.74 -13.24
N ILE B 543 -6.15 -40.75 -14.32
CA ILE B 543 -5.71 -40.29 -15.63
C ILE B 543 -5.50 -38.77 -15.53
N ARG B 544 -6.47 -38.10 -14.92
CA ARG B 544 -6.39 -36.64 -14.71
C ARG B 544 -5.23 -36.28 -13.78
N GLY B 545 -5.00 -37.13 -12.78
CA GLY B 545 -3.92 -36.96 -11.83
C GLY B 545 -2.72 -37.83 -12.11
N ALA B 546 -2.45 -38.08 -13.39
CA ALA B 546 -1.37 -38.98 -13.81
C ALA B 546 0.01 -38.47 -13.41
N PHE B 547 0.10 -37.20 -13.04
CA PHE B 547 1.36 -36.70 -12.49
C PHE B 547 1.79 -37.43 -11.20
N THR B 548 0.84 -38.10 -10.50
CA THR B 548 1.16 -38.89 -9.31
C THR B 548 1.67 -40.30 -9.59
N ASN B 549 1.77 -40.67 -10.87
CA ASN B 549 2.20 -42.03 -11.21
C ASN B 549 3.64 -42.38 -10.83
N TYR B 550 4.47 -41.37 -10.59
CA TYR B 550 5.83 -41.55 -10.09
C TYR B 550 6.14 -40.54 -8.99
N ASN B 551 7.06 -40.92 -8.11
CA ASN B 551 7.50 -40.06 -7.01
C ASN B 551 8.46 -39.00 -7.47
N VAL B 552 9.26 -39.33 -8.47
CA VAL B 552 10.18 -38.35 -9.08
C VAL B 552 10.10 -38.44 -10.60
N TRP B 553 10.10 -37.28 -11.24
CA TRP B 553 10.22 -37.18 -12.68
C TRP B 553 11.29 -36.13 -13.01
N VAL B 554 11.92 -36.25 -14.18
CA VAL B 554 12.78 -35.19 -14.70
C VAL B 554 12.42 -34.91 -16.17
N THR B 555 12.18 -33.64 -16.49
CA THR B 555 11.88 -33.20 -17.85
C THR B 555 12.91 -32.18 -18.35
N ALA B 556 12.98 -32.03 -19.67
CA ALA B 556 13.72 -30.91 -20.26
C ALA B 556 12.94 -29.65 -19.94
N TYR B 557 13.66 -28.61 -19.52
CA TYR B 557 13.05 -27.30 -19.26
C TYR B 557 12.22 -26.86 -20.45
N ASN B 558 11.01 -26.42 -20.17
CA ASN B 558 10.10 -25.92 -21.19
C ASN B 558 9.20 -24.89 -20.51
N ARG B 559 9.26 -23.64 -20.99
CA ARG B 559 8.51 -22.50 -20.43
C ARG B 559 7.05 -22.80 -20.21
N THR B 560 6.41 -23.42 -21.20
CA THR B 560 4.97 -23.66 -21.17
C THR B 560 4.55 -24.84 -20.26
N GLU B 561 5.50 -25.68 -19.84
CA GLU B 561 5.17 -26.80 -18.93
C GLU B 561 5.31 -26.32 -17.49
N LYS B 562 4.18 -25.89 -16.93
CA LYS B 562 4.09 -25.27 -15.60
C LYS B 562 3.17 -26.04 -14.60
N TRP B 563 2.09 -26.61 -15.12
CA TRP B 563 1.01 -27.14 -14.32
C TRP B 563 0.84 -28.63 -14.62
N ALA B 564 1.13 -29.47 -13.64
CA ALA B 564 1.33 -30.89 -13.86
C ALA B 564 0.03 -31.63 -14.24
N GLY B 565 -1.11 -31.07 -13.86
CA GLY B 565 -2.40 -31.60 -14.27
C GLY B 565 -2.99 -30.95 -15.50
N GLY B 566 -2.20 -30.09 -16.13
CA GLY B 566 -2.63 -29.36 -17.30
C GLY B 566 -3.05 -27.96 -16.99
N LEU B 567 -3.12 -27.14 -18.03
CA LEU B 567 -3.45 -25.72 -17.88
C LEU B 567 -4.90 -25.57 -17.44
N TYR B 568 -5.78 -26.42 -17.97
CA TYR B 568 -7.20 -26.39 -17.62
C TYR B 568 -7.59 -27.68 -16.91
N VAL B 569 -7.87 -27.57 -15.61
CA VAL B 569 -8.00 -28.76 -14.79
C VAL B 569 -9.45 -29.14 -14.53
N ASP B 570 -10.33 -28.16 -14.38
CA ASP B 570 -11.72 -28.44 -14.05
C ASP B 570 -12.38 -29.15 -15.25
N HIS B 571 -12.90 -30.37 -15.02
CA HIS B 571 -13.45 -31.22 -16.07
C HIS B 571 -12.40 -31.66 -17.10
N SER B 572 -11.13 -31.74 -16.69
CA SER B 572 -10.04 -32.15 -17.61
C SER B 572 -10.22 -33.59 -18.02
N ARG B 573 -9.64 -33.94 -19.16
CA ARG B 573 -9.66 -35.32 -19.61
C ARG B 573 -8.30 -35.96 -19.42
N GLY B 574 -7.34 -35.20 -18.92
CA GLY B 574 -6.00 -35.72 -18.67
C GLY B 574 -5.15 -35.86 -19.95
N ASP B 575 -5.50 -35.12 -20.99
CA ASP B 575 -4.70 -35.05 -22.20
C ASP B 575 -3.60 -33.95 -22.17
N ASP B 576 -3.38 -33.32 -21.03
CA ASP B 576 -2.38 -32.27 -20.89
C ASP B 576 -1.67 -32.35 -19.54
N THR B 577 -1.27 -33.55 -19.11
CA THR B 577 -0.54 -33.74 -17.85
C THR B 577 0.94 -34.02 -18.08
N LEU B 578 1.71 -33.95 -17.00
CA LEU B 578 3.10 -34.35 -16.97
C LEU B 578 3.32 -35.73 -17.62
N ALA B 579 2.45 -36.70 -17.34
CA ALA B 579 2.55 -38.02 -17.97
C ALA B 579 2.46 -37.93 -19.49
N VAL B 580 1.54 -37.11 -19.98
CA VAL B 580 1.39 -36.91 -21.42
C VAL B 580 2.60 -36.23 -22.07
N TRP B 581 3.12 -35.19 -21.42
CA TRP B 581 4.27 -34.47 -21.94
C TRP B 581 5.50 -35.40 -22.11
N THR B 582 5.75 -36.28 -21.13
CA THR B 582 6.93 -37.13 -21.16
C THR B 582 6.85 -38.29 -22.15
N LYS B 583 5.73 -38.47 -22.83
CA LYS B 583 5.64 -39.45 -23.92
C LYS B 583 6.56 -39.04 -25.08
N GLN B 584 6.84 -37.74 -25.21
CA GLN B 584 7.89 -37.29 -26.12
C GLN B 584 9.27 -37.88 -25.79
N ASN B 585 9.51 -38.22 -24.52
CA ASN B 585 10.72 -38.91 -24.10
C ASN B 585 11.97 -38.16 -24.54
N ARG B 586 12.04 -36.89 -24.17
CA ARG B 586 13.13 -36.02 -24.59
C ARG B 586 14.43 -36.36 -23.87
N GLU B 587 15.53 -35.89 -24.44
CA GLU B 587 16.85 -36.06 -23.86
C GLU B 587 17.02 -35.08 -22.70
N ILE B 588 17.69 -35.53 -21.64
CA ILE B 588 17.86 -34.73 -20.43
C ILE B 588 19.28 -34.82 -19.91
N VAL B 589 20.25 -34.90 -20.82
CA VAL B 589 21.67 -35.02 -20.48
C VAL B 589 22.34 -33.67 -20.70
N ASN B 590 23.02 -33.17 -19.66
CA ASN B 590 23.82 -31.95 -19.71
C ASN B 590 23.08 -30.82 -20.44
N LYS B 591 21.92 -30.45 -19.89
CA LYS B 591 21.06 -29.42 -20.46
C LYS B 591 20.10 -28.93 -19.37
N ASP B 592 19.35 -27.86 -19.64
CA ASP B 592 18.45 -27.29 -18.65
C ASP B 592 17.33 -28.29 -18.36
N ILE B 593 17.30 -28.85 -17.15
CA ILE B 593 16.28 -29.82 -16.75
C ILE B 593 15.55 -29.38 -15.48
N VAL B 594 14.43 -30.03 -15.22
CA VAL B 594 13.56 -29.69 -14.12
C VAL B 594 13.21 -30.99 -13.43
N MET B 595 13.21 -31.01 -12.10
CA MET B 595 12.75 -32.18 -11.34
C MET B 595 11.35 -31.90 -10.82
N TRP B 596 10.51 -32.93 -10.84
CA TRP B 596 9.20 -32.88 -10.25
C TRP B 596 9.16 -33.96 -9.18
N HIS B 597 8.71 -33.61 -7.99
CA HIS B 597 8.69 -34.54 -6.89
C HIS B 597 7.29 -34.59 -6.25
N VAL B 598 6.69 -35.78 -6.24
CA VAL B 598 5.35 -35.98 -5.72
C VAL B 598 5.45 -36.48 -4.28
N VAL B 599 4.82 -35.75 -3.36
CA VAL B 599 4.82 -36.15 -1.97
C VAL B 599 3.37 -36.33 -1.57
N GLY B 600 3.11 -37.19 -0.63
CA GLY B 600 1.74 -37.39 -0.22
C GLY B 600 1.56 -38.36 0.92
N ILE B 601 0.32 -38.40 1.42
CA ILE B 601 -0.08 -39.37 2.44
C ILE B 601 -1.41 -40.03 2.06
N HIS B 602 -1.59 -41.22 2.61
CA HIS B 602 -2.87 -41.90 2.67
C HIS B 602 -3.47 -41.59 4.02
N HIS B 603 -4.66 -41.02 4.01
CA HIS B 603 -5.28 -40.63 5.25
C HIS B 603 -6.38 -41.61 5.64
N VAL B 604 -6.10 -42.37 6.68
CA VAL B 604 -7.05 -43.23 7.37
C VAL B 604 -7.49 -42.46 8.61
N PRO B 605 -8.64 -41.78 8.56
CA PRO B 605 -9.03 -40.94 9.70
C PRO B 605 -9.10 -41.71 11.01
N ALA B 606 -8.68 -41.02 12.06
CA ALA B 606 -8.75 -41.51 13.42
C ALA B 606 -9.49 -40.48 14.28
N GLN B 607 -9.92 -40.89 15.47
CA GLN B 607 -10.80 -40.03 16.30
C GLN B 607 -10.07 -38.79 16.77
N GLU B 608 -8.74 -38.87 16.83
CA GLU B 608 -7.92 -37.72 17.20
C GLU B 608 -8.04 -36.60 16.15
N ASP B 609 -8.38 -36.96 14.91
CA ASP B 609 -8.57 -35.98 13.82
C ASP B 609 -9.85 -35.16 13.95
N PHE B 610 -10.70 -35.53 14.91
CA PHE B 610 -12.02 -34.97 15.08
C PHE B 610 -12.10 -34.22 16.40
N PRO B 611 -12.80 -33.07 16.48
CA PRO B 611 -13.49 -32.42 15.34
C PRO B 611 -12.62 -31.53 14.49
N ILE B 612 -11.36 -31.42 14.89
CA ILE B 612 -10.34 -30.67 14.16
C ILE B 612 -9.04 -31.41 14.42
N MET B 613 -8.13 -31.39 13.44
CA MET B 613 -7.04 -32.34 13.46
C MET B 613 -5.66 -31.75 13.81
N PRO B 614 -4.97 -32.40 14.75
CA PRO B 614 -3.60 -32.03 15.07
C PRO B 614 -2.71 -32.15 13.85
N LEU B 615 -1.71 -31.26 13.78
CA LEU B 615 -0.82 -31.15 12.64
C LEU B 615 -0.16 -32.47 12.30
N LEU B 616 -0.23 -32.85 11.03
CA LEU B 616 0.58 -33.96 10.52
C LEU B 616 1.64 -33.35 9.60
N SER B 617 2.90 -33.45 9.99
CA SER B 617 4.01 -32.80 9.26
C SER B 617 4.78 -33.76 8.35
N THR B 618 5.02 -33.29 7.12
CA THR B 618 5.88 -34.03 6.18
C THR B 618 6.92 -33.09 5.61
N SER B 619 8.01 -33.67 5.12
CA SER B 619 9.16 -32.91 4.67
C SER B 619 10.01 -33.74 3.75
N PHE B 620 10.78 -33.06 2.91
CA PHE B 620 11.96 -33.64 2.29
C PHE B 620 13.12 -32.67 2.32
N GLU B 621 14.32 -33.19 2.11
CA GLU B 621 15.56 -32.39 2.16
C GLU B 621 16.24 -32.41 0.81
N LEU B 622 16.71 -31.24 0.38
CA LEU B 622 17.59 -31.13 -0.76
C LEU B 622 18.97 -30.79 -0.20
N ARG B 623 19.88 -31.75 -0.28
CA ARG B 623 21.13 -31.72 0.44
C ARG B 623 22.30 -31.62 -0.51
N PRO B 624 23.21 -30.67 -0.29
CA PRO B 624 24.35 -30.54 -1.20
C PRO B 624 25.19 -31.81 -1.12
N THR B 625 25.67 -32.25 -2.27
CA THR B 625 26.31 -33.54 -2.42
C THR B 625 27.47 -33.33 -3.38
N ASN B 626 28.66 -33.18 -2.81
CA ASN B 626 29.86 -32.74 -3.54
C ASN B 626 29.72 -31.37 -4.22
N PHE B 627 28.77 -30.59 -3.73
CA PHE B 627 28.56 -29.24 -4.23
C PHE B 627 29.70 -28.37 -3.77
N PHE B 628 30.08 -28.52 -2.50
CA PHE B 628 31.22 -27.82 -1.92
C PHE B 628 32.47 -28.70 -1.83
N GLU B 629 33.62 -28.06 -1.76
CA GLU B 629 34.88 -28.77 -1.61
C GLU B 629 34.91 -29.53 -0.29
N ARG B 630 34.31 -28.92 0.72
CA ARG B 630 34.24 -29.50 2.05
C ARG B 630 33.03 -28.92 2.80
N ASN B 631 32.76 -29.42 4.00
CA ASN B 631 31.68 -28.94 4.85
C ASN B 631 31.61 -27.41 4.78
N PRO B 632 30.57 -26.85 4.17
CA PRO B 632 30.49 -25.40 3.97
C PRO B 632 30.35 -24.62 5.25
N VAL B 633 29.93 -25.25 6.34
CA VAL B 633 29.80 -24.55 7.63
C VAL B 633 30.90 -24.95 8.62
N LEU B 634 32.03 -25.41 8.08
CA LEU B 634 33.20 -25.73 8.89
C LEU B 634 33.66 -24.51 9.65
N LYS B 635 33.52 -23.34 9.04
CA LYS B 635 34.00 -22.07 9.62
C LYS B 635 32.83 -21.14 10.03
N THR B 636 31.68 -21.73 10.33
CA THR B 636 30.52 -20.97 10.76
C THR B 636 30.42 -21.04 12.28
N LEU B 637 30.38 -19.87 12.90
CA LEU B 637 30.37 -19.76 14.35
C LEU B 637 28.93 -19.74 14.84
N SER B 638 28.70 -20.37 15.98
CA SER B 638 27.41 -20.40 16.63
C SER B 638 26.98 -18.99 16.96
N PRO B 639 25.68 -18.74 17.07
CA PRO B 639 25.22 -17.44 17.57
C PRO B 639 25.74 -17.24 18.99
N ARG B 640 26.11 -16.00 19.29
CA ARG B 640 26.67 -15.68 20.60
C ARG B 640 25.56 -15.80 21.67
N ASP B 641 25.90 -16.26 22.87
CA ASP B 641 24.90 -16.34 23.93
C ASP B 641 24.84 -15.04 24.71
N VAL B 642 23.62 -14.56 24.92
CA VAL B 642 23.37 -13.37 25.71
C VAL B 642 22.48 -13.75 26.89
N ALA B 643 22.83 -13.34 28.10
CA ALA B 643 21.97 -13.58 29.27
C ALA B 643 20.71 -12.69 29.25
N TRP B 644 19.57 -13.26 29.68
CA TRP B 644 18.35 -12.48 29.95
C TRP B 644 18.77 -11.22 30.72
N PRO B 645 18.30 -10.05 30.28
CA PRO B 645 18.67 -8.78 30.92
C PRO B 645 18.12 -8.57 32.35
N GLY B 646 17.10 -9.32 32.74
CA GLY B 646 16.47 -9.13 34.03
C GLY B 646 15.38 -8.09 33.92
N CYS B 647 15.01 -7.49 35.05
CA CYS B 647 14.04 -6.43 35.10
C CYS B 647 14.59 -5.24 35.87
N VAL C 6 23.80 24.93 -24.18
CA VAL C 6 22.66 24.22 -23.55
C VAL C 6 22.25 24.88 -22.21
N GLN C 7 23.21 25.10 -21.29
CA GLN C 7 22.88 25.82 -20.05
C GLN C 7 22.60 27.32 -20.32
N HIS C 8 21.43 27.76 -19.89
CA HIS C 8 21.04 29.17 -19.94
C HIS C 8 21.57 29.92 -18.69
N PRO C 9 22.03 31.16 -18.83
CA PRO C 9 22.57 31.92 -17.71
C PRO C 9 21.65 32.09 -16.50
N LEU C 10 20.34 31.96 -16.69
CA LEU C 10 19.39 32.12 -15.59
C LEU C 10 18.93 30.79 -14.98
N ASP C 11 19.42 29.68 -15.51
CA ASP C 11 19.06 28.35 -15.03
C ASP C 11 19.30 28.22 -13.54
N PRO C 12 18.53 27.36 -12.87
CA PRO C 12 18.83 27.05 -11.47
C PRO C 12 20.19 26.36 -11.31
N LEU C 13 20.75 26.45 -10.11
CA LEU C 13 21.96 25.71 -9.79
C LEU C 13 21.74 24.19 -9.96
N THR C 14 22.65 23.53 -10.65
CA THR C 14 22.59 22.10 -10.85
C THR C 14 23.26 21.40 -9.67
N LYS C 15 23.10 20.09 -9.62
CA LYS C 15 23.77 19.25 -8.62
C LYS C 15 25.27 19.51 -8.63
N GLU C 16 25.86 19.47 -9.82
CA GLU C 16 27.31 19.68 -9.99
C GLU C 16 27.80 21.05 -9.47
N GLU C 17 26.99 22.08 -9.64
CA GLU C 17 27.35 23.45 -9.20
C GLU C 17 27.27 23.58 -7.69
N PHE C 18 26.33 22.89 -7.07
CA PHE C 18 26.24 22.86 -5.60
C PHE C 18 27.48 22.16 -5.03
N LEU C 19 27.86 21.04 -5.62
CA LEU C 19 29.05 20.29 -5.15
C LEU C 19 30.37 21.07 -5.32
N ALA C 20 30.46 21.91 -6.34
CA ALA C 20 31.65 22.73 -6.59
C ALA C 20 31.70 23.87 -5.59
N VAL C 21 30.54 24.44 -5.28
CA VAL C 21 30.49 25.46 -4.24
C VAL C 21 30.90 24.87 -2.89
N GLN C 22 30.37 23.71 -2.56
CA GLN C 22 30.68 23.04 -1.30
C GLN C 22 32.17 22.86 -1.18
N THR C 23 32.76 22.35 -2.24
CA THR C 23 34.18 22.08 -2.28
C THR C 23 35.02 23.36 -2.18
N ILE C 24 34.65 24.40 -2.92
CA ILE C 24 35.38 25.67 -2.91
C ILE C 24 35.39 26.33 -1.52
N VAL C 25 34.23 26.30 -0.87
CA VAL C 25 34.06 26.95 0.42
C VAL C 25 34.75 26.13 1.51
N GLN C 26 34.56 24.81 1.50
CA GLN C 26 35.28 23.90 2.41
C GLN C 26 36.80 24.00 2.28
N ASN C 27 37.31 24.23 1.08
CA ASN C 27 38.77 24.34 0.89
C ASN C 27 39.36 25.54 1.66
N LYS C 28 38.63 26.65 1.71
CA LYS C 28 39.07 27.82 2.47
C LYS C 28 38.76 27.64 3.96
N TYR C 29 37.68 26.93 4.27
CA TYR C 29 37.22 26.73 5.65
C TYR C 29 37.00 25.25 5.90
N PRO C 30 38.08 24.50 6.15
CA PRO C 30 37.96 23.05 6.32
C PRO C 30 37.13 22.75 7.56
N ILE C 31 36.36 21.68 7.49
CA ILE C 31 35.47 21.29 8.59
C ILE C 31 36.24 20.73 9.80
N SER C 32 37.52 20.40 9.59
CA SER C 32 38.39 19.99 10.70
C SER C 32 38.57 21.10 11.77
N ASN C 33 38.72 22.36 11.33
CA ASN C 33 38.91 23.49 12.25
C ASN C 33 37.89 24.62 12.09
N ASN C 34 36.81 24.36 11.36
CA ASN C 34 35.75 25.35 11.22
C ASN C 34 34.39 24.71 11.39
N ARG C 35 33.50 25.39 12.09
CA ARG C 35 32.09 25.04 12.13
C ARG C 35 31.40 25.78 11.00
N LEU C 36 30.95 25.04 9.98
CA LEU C 36 30.52 25.60 8.72
C LEU C 36 29.08 25.20 8.40
N ALA C 37 28.23 26.20 8.21
CA ALA C 37 26.85 25.98 7.83
C ALA C 37 26.51 26.86 6.64
N PHE C 38 25.96 26.26 5.58
CA PHE C 38 25.48 26.96 4.42
C PHE C 38 23.99 27.27 4.62
N HIS C 39 23.64 28.54 4.72
CA HIS C 39 22.24 28.96 4.87
C HIS C 39 21.57 29.45 3.60
N TYR C 40 22.37 29.85 2.61
CA TYR C 40 21.85 30.16 1.28
C TYR C 40 22.94 29.95 0.24
N ILE C 41 22.59 29.22 -0.83
CA ILE C 41 23.45 29.08 -1.99
C ILE C 41 22.60 29.30 -3.22
N GLY C 42 22.87 30.38 -3.96
CA GLY C 42 22.07 30.72 -5.13
C GLY C 42 22.87 31.39 -6.22
N LEU C 43 22.19 31.62 -7.34
CA LEU C 43 22.78 32.29 -8.47
C LEU C 43 22.88 33.77 -8.16
N ASP C 44 24.08 34.32 -8.26
CA ASP C 44 24.27 35.78 -8.25
C ASP C 44 23.75 36.32 -9.59
N ASP C 45 22.68 37.11 -9.53
CA ASP C 45 21.99 37.62 -10.72
C ASP C 45 22.99 38.20 -11.73
N PRO C 46 23.05 37.65 -12.94
CA PRO C 46 23.88 38.23 -13.98
C PRO C 46 23.40 39.64 -14.28
N GLU C 47 24.30 40.52 -14.70
CA GLU C 47 23.93 41.90 -15.05
C GLU C 47 22.92 41.89 -16.19
N LYS C 48 21.90 42.75 -16.09
CA LYS C 48 20.80 42.71 -17.04
C LYS C 48 21.27 42.98 -18.46
N ASP C 49 22.12 43.98 -18.63
CA ASP C 49 22.72 44.31 -19.93
C ASP C 49 23.32 43.07 -20.62
N HIS C 50 24.03 42.25 -19.84
CA HIS C 50 24.65 41.03 -20.35
C HIS C 50 23.60 40.00 -20.77
N VAL C 51 22.57 39.84 -19.96
CA VAL C 51 21.49 38.91 -20.28
C VAL C 51 20.77 39.31 -21.57
N LEU C 52 20.55 40.61 -21.79
CA LEU C 52 19.86 41.08 -22.98
C LEU C 52 20.73 40.86 -24.22
N ARG C 53 22.04 41.02 -24.05
CA ARG C 53 23.00 40.72 -25.13
C ARG C 53 22.92 39.21 -25.44
N TYR C 54 22.90 38.39 -24.40
CA TYR C 54 22.87 36.93 -24.57
C TYR C 54 21.63 36.48 -25.34
N GLU C 55 20.47 37.08 -25.05
CA GLU C 55 19.20 36.77 -25.72
C GLU C 55 19.28 36.91 -27.22
N THR C 56 19.90 38.00 -27.66
CA THR C 56 20.04 38.27 -29.10
C THR C 56 21.09 37.36 -29.77
N HIS C 57 22.13 36.95 -29.04
CA HIS C 57 23.18 36.09 -29.60
C HIS C 57 23.54 34.97 -28.63
N PRO C 58 22.62 34.03 -28.42
CA PRO C 58 22.82 33.02 -27.36
C PRO C 58 23.92 31.98 -27.60
N THR C 59 24.42 31.84 -28.82
CA THR C 59 25.54 30.93 -29.11
C THR C 59 26.88 31.64 -28.92
N LEU C 60 26.88 32.97 -28.87
CA LEU C 60 28.14 33.74 -28.85
C LEU C 60 28.48 34.37 -27.50
N VAL C 61 27.46 34.80 -26.76
CA VAL C 61 27.70 35.56 -25.52
C VAL C 61 27.96 34.59 -24.38
N SER C 62 29.05 34.83 -23.67
CA SER C 62 29.47 33.95 -22.61
C SER C 62 29.41 34.68 -21.29
N ILE C 63 28.54 34.20 -20.40
CA ILE C 63 28.37 34.74 -19.06
C ILE C 63 28.87 33.71 -18.07
N PRO C 64 29.80 34.10 -17.20
CA PRO C 64 30.24 33.20 -16.13
C PRO C 64 29.15 32.98 -15.10
N ARG C 65 29.02 31.74 -14.65
CA ARG C 65 28.14 31.41 -13.56
C ARG C 65 28.76 31.91 -12.26
N LYS C 66 28.11 32.88 -11.63
CA LYS C 66 28.54 33.39 -10.33
C LYS C 66 27.50 32.98 -9.30
N ILE C 67 27.99 32.60 -8.12
CA ILE C 67 27.17 32.06 -7.04
C ILE C 67 27.34 32.95 -5.82
N PHE C 68 26.23 33.29 -5.17
CA PHE C 68 26.23 34.00 -3.90
C PHE C 68 25.93 33.00 -2.79
N VAL C 69 26.73 33.03 -1.73
CA VAL C 69 26.62 32.11 -0.61
C VAL C 69 26.49 32.89 0.70
N VAL C 70 25.52 32.54 1.52
CA VAL C 70 25.47 33.05 2.89
C VAL C 70 25.77 31.86 3.80
N ALA C 71 26.84 31.97 4.58
CA ALA C 71 27.30 30.88 5.43
C ALA C 71 27.59 31.42 6.84
N ILE C 72 27.21 30.66 7.86
CA ILE C 72 27.66 30.98 9.21
C ILE C 72 28.89 30.12 9.49
N ILE C 73 30.03 30.79 9.64
CA ILE C 73 31.29 30.14 9.87
C ILE C 73 31.82 30.62 11.22
N ASN C 74 31.94 29.67 12.16
CA ASN C 74 32.42 29.98 13.49
C ASN C 74 31.61 31.11 14.12
N SER C 75 30.29 30.99 14.00
CA SER C 75 29.32 31.93 14.56
C SER C 75 29.39 33.36 13.99
N GLN C 76 29.95 33.51 12.79
CA GLN C 76 29.95 34.78 12.09
C GLN C 76 29.34 34.56 10.71
N THR C 77 28.55 35.53 10.28
CA THR C 77 27.87 35.43 9.02
C THR C 77 28.80 35.94 7.91
N HIS C 78 29.05 35.08 6.92
CA HIS C 78 29.90 35.41 5.78
C HIS C 78 29.09 35.51 4.49
N GLU C 79 29.40 36.51 3.67
CA GLU C 79 28.83 36.69 2.34
C GLU C 79 29.92 36.35 1.35
N ILE C 80 29.71 35.30 0.56
CA ILE C 80 30.74 34.78 -0.32
C ILE C 80 30.25 34.78 -1.75
N LEU C 81 31.01 35.45 -2.62
CA LEU C 81 30.73 35.43 -4.04
C LEU C 81 31.75 34.53 -4.70
N ILE C 82 31.26 33.59 -5.51
CA ILE C 82 32.10 32.61 -6.20
C ILE C 82 31.93 32.75 -7.72
N ASN C 83 33.04 32.81 -8.46
CA ASN C 83 33.01 32.65 -9.92
C ASN C 83 33.27 31.19 -10.23
N LEU C 84 32.24 30.45 -10.62
CA LEU C 84 32.35 29.01 -10.89
C LEU C 84 33.11 28.66 -12.16
N ARG C 85 33.17 29.57 -13.13
CA ARG C 85 33.94 29.31 -14.34
C ARG C 85 35.40 28.99 -13.97
N ILE C 86 35.95 29.83 -13.11
CA ILE C 86 37.34 29.69 -12.70
C ILE C 86 37.49 29.12 -11.26
N ARG C 87 36.40 28.64 -10.70
CA ARG C 87 36.39 28.00 -9.38
C ARG C 87 37.15 28.82 -8.31
N SER C 88 36.81 30.11 -8.20
CA SER C 88 37.49 30.99 -7.25
C SER C 88 36.50 31.81 -6.45
N ILE C 89 36.91 32.18 -5.25
CA ILE C 89 36.16 33.11 -4.42
C ILE C 89 36.61 34.50 -4.78
N VAL C 90 35.70 35.32 -5.27
CA VAL C 90 36.01 36.70 -5.63
C VAL C 90 35.89 37.64 -4.43
N SER C 91 34.94 37.38 -3.53
CA SER C 91 34.81 38.16 -2.29
C SER C 91 34.25 37.34 -1.12
N ASP C 92 34.61 37.75 0.09
CA ASP C 92 34.27 37.08 1.33
C ASP C 92 34.27 38.15 2.42
N ASN C 93 33.07 38.64 2.74
CA ASN C 93 32.91 39.71 3.71
C ASN C 93 32.04 39.25 4.86
N ILE C 94 32.31 39.77 6.04
CA ILE C 94 31.49 39.48 7.21
C ILE C 94 30.35 40.50 7.25
N HIS C 95 29.15 40.01 7.55
CA HIS C 95 27.98 40.86 7.68
C HIS C 95 28.01 41.43 9.07
N ASN C 96 28.08 42.76 9.16
CA ASN C 96 28.16 43.45 10.45
C ASN C 96 26.82 44.03 10.95
N GLY C 97 25.82 44.10 10.08
CA GLY C 97 24.51 44.63 10.45
C GLY C 97 23.64 43.67 11.26
N TYR C 98 22.39 44.08 11.48
CA TYR C 98 21.48 43.29 12.29
C TYR C 98 20.81 42.22 11.44
N GLY C 99 20.30 41.19 12.11
CA GLY C 99 19.55 40.14 11.43
C GLY C 99 20.41 38.97 11.02
N PHE C 100 19.75 37.86 10.70
CA PHE C 100 20.44 36.59 10.45
C PHE C 100 19.86 35.90 9.22
N PRO C 101 20.59 34.92 8.69
CA PRO C 101 20.12 34.21 7.50
C PRO C 101 18.92 33.34 7.72
N ILE C 102 18.50 32.74 6.61
CA ILE C 102 17.47 31.72 6.58
C ILE C 102 17.90 30.57 7.47
N LEU C 103 16.99 30.14 8.33
CA LEU C 103 17.20 28.96 9.16
C LEU C 103 17.47 27.73 8.30
N SER C 104 18.40 26.88 8.73
CA SER C 104 18.65 25.62 8.04
C SER C 104 17.71 24.54 8.59
N VAL C 105 17.40 23.57 7.73
CA VAL C 105 16.63 22.40 8.15
C VAL C 105 17.39 21.59 9.20
N ASP C 106 18.70 21.41 9.05
CA ASP C 106 19.47 20.58 9.99
C ASP C 106 19.42 21.11 11.41
N GLU C 107 19.66 22.41 11.60
CA GLU C 107 19.71 22.97 12.95
C GLU C 107 18.34 22.92 13.63
N GLN C 108 17.27 23.09 12.86
CA GLN C 108 15.92 22.91 13.38
C GLN C 108 15.67 21.48 13.88
N SER C 109 16.13 20.49 13.11
CA SER C 109 16.02 19.08 13.46
C SER C 109 16.69 18.76 14.81
N LEU C 110 17.79 19.44 15.08
CA LEU C 110 18.49 19.32 16.36
C LEU C 110 17.77 20.11 17.46
N ALA C 111 17.28 21.30 17.14
CA ALA C 111 16.63 22.15 18.12
C ALA C 111 15.35 21.54 18.69
N ILE C 112 14.56 20.87 17.83
CA ILE C 112 13.27 20.32 18.25
C ILE C 112 13.37 19.08 19.13
N LYS C 113 14.55 18.46 19.20
CA LYS C 113 14.79 17.34 20.09
C LYS C 113 15.13 17.78 21.52
N LEU C 114 15.57 19.04 21.68
CA LEU C 114 16.03 19.57 22.98
C LEU C 114 15.02 19.46 24.14
N PRO C 115 13.76 19.86 23.93
CA PRO C 115 12.76 19.74 25.00
C PRO C 115 12.63 18.32 25.57
N LEU C 116 12.74 17.31 24.71
CA LEU C 116 12.47 15.92 25.10
C LEU C 116 13.49 15.36 26.09
N LYS C 117 14.67 15.99 26.18
CA LYS C 117 15.70 15.64 27.16
C LYS C 117 15.92 16.75 28.23
N TYR C 118 15.06 17.77 28.24
CA TYR C 118 15.20 18.90 29.16
C TYR C 118 14.37 18.64 30.41
N PRO C 119 15.00 18.33 31.54
CA PRO C 119 14.26 17.91 32.75
C PRO C 119 13.02 18.75 33.13
N PRO C 120 13.07 20.09 33.10
CA PRO C 120 11.87 20.90 33.32
C PRO C 120 10.74 20.60 32.33
N PHE C 121 11.05 20.38 31.07
CA PHE C 121 9.99 19.99 30.12
C PHE C 121 9.44 18.61 30.45
N ILE C 122 10.33 17.67 30.74
CA ILE C 122 9.95 16.31 31.14
C ILE C 122 8.97 16.33 32.33
N ASP C 123 9.27 17.16 33.34
CA ASP C 123 8.44 17.34 34.52
C ASP C 123 7.09 18.03 34.20
N SER C 124 7.13 19.06 33.35
CA SER C 124 5.92 19.74 32.90
C SER C 124 4.98 18.79 32.16
N VAL C 125 5.56 17.93 31.33
CA VAL C 125 4.79 16.96 30.55
C VAL C 125 4.15 15.92 31.47
N LYS C 126 4.93 15.42 32.42
CA LYS C 126 4.50 14.42 33.39
C LYS C 126 3.35 14.96 34.26
N LYS C 127 3.44 16.22 34.65
CA LYS C 127 2.41 16.90 35.47
C LYS C 127 1.08 17.02 34.71
N ARG C 128 1.13 17.02 33.38
CA ARG C 128 -0.07 17.05 32.57
C ARG C 128 -0.56 15.66 32.15
N GLY C 129 0.23 14.62 32.48
CA GLY C 129 -0.13 13.24 32.21
C GLY C 129 0.00 12.87 30.73
N LEU C 130 0.90 13.53 30.02
CA LEU C 130 1.08 13.28 28.59
C LEU C 130 2.21 12.29 28.33
N ASN C 131 2.12 11.58 27.21
CA ASN C 131 3.12 10.60 26.81
C ASN C 131 4.29 11.28 26.10
N LEU C 132 5.41 11.32 26.78
CA LEU C 132 6.63 11.98 26.31
C LEU C 132 7.13 11.40 24.99
N SER C 133 6.91 10.10 24.79
CA SER C 133 7.35 9.42 23.58
C SER C 133 6.58 9.82 22.33
N GLU C 134 5.47 10.53 22.51
CA GLU C 134 4.60 10.90 21.40
C GLU C 134 4.49 12.43 21.26
N ILE C 135 5.54 13.15 21.68
CA ILE C 135 5.61 14.60 21.51
C ILE C 135 6.56 14.97 20.39
N VAL C 136 6.10 15.90 19.55
CA VAL C 136 6.92 16.50 18.52
C VAL C 136 6.93 17.99 18.71
N CYS C 137 8.08 18.59 18.52
CA CYS C 137 8.22 20.04 18.63
C CYS C 137 8.60 20.65 17.28
N SER C 138 8.38 21.95 17.18
CA SER C 138 8.66 22.74 15.99
C SER C 138 9.33 24.04 16.40
N SER C 139 10.20 24.58 15.54
CA SER C 139 10.94 25.82 15.81
C SER C 139 10.23 27.01 15.16
N PHE C 140 9.91 28.02 15.96
CA PHE C 140 9.25 29.23 15.52
C PHE C 140 10.21 30.43 15.64
N THR C 141 10.30 31.24 14.58
CA THR C 141 11.06 32.49 14.69
C THR C 141 10.38 33.45 15.69
N MET C 142 11.20 34.32 16.27
CA MET C 142 10.82 35.21 17.39
C MET C 142 10.94 36.68 17.03
N GLY C 143 11.55 36.99 15.89
CA GLY C 143 11.67 38.39 15.45
C GLY C 143 12.49 39.27 16.38
N TRP C 144 12.03 40.50 16.55
CA TRP C 144 12.72 41.52 17.35
C TRP C 144 11.65 42.44 17.91
N PHE C 145 11.80 42.83 19.16
CA PHE C 145 10.82 43.66 19.86
C PHE C 145 11.48 44.78 20.64
N GLY C 146 12.47 45.43 20.04
CA GLY C 146 13.13 46.58 20.64
C GLY C 146 14.31 46.32 21.58
N GLU C 147 14.60 45.05 21.89
CA GLU C 147 15.75 44.71 22.71
C GLU C 147 17.07 44.92 21.95
N GLU C 148 18.15 45.24 22.67
CA GLU C 148 19.44 45.44 22.03
C GLU C 148 20.16 44.09 21.77
N LYS C 149 19.78 43.05 22.51
CA LYS C 149 20.23 41.67 22.28
C LYS C 149 20.04 41.25 20.81
N ASN C 150 21.07 40.63 20.23
CA ASN C 150 21.02 40.15 18.85
C ASN C 150 21.64 38.75 18.78
N VAL C 151 20.84 37.74 19.15
CA VAL C 151 21.25 36.33 19.07
C VAL C 151 20.22 35.48 18.32
N ARG C 152 20.67 34.36 17.78
CA ARG C 152 19.83 33.49 16.97
C ARG C 152 18.96 32.56 17.80
N THR C 153 17.95 33.11 18.46
CA THR C 153 17.04 32.29 19.26
C THR C 153 15.73 32.06 18.55
N VAL C 154 15.09 30.96 18.93
CA VAL C 154 13.75 30.65 18.45
C VAL C 154 12.91 30.16 19.63
N ARG C 155 11.60 30.17 19.45
CA ARG C 155 10.67 29.57 20.38
C ARG C 155 10.40 28.16 19.90
N LEU C 156 10.36 27.21 20.83
CA LEU C 156 9.98 25.84 20.54
C LEU C 156 8.60 25.61 21.12
N ASP C 157 7.70 25.14 20.27
CA ASP C 157 6.36 24.74 20.67
C ASP C 157 6.22 23.26 20.42
N CYS C 158 5.46 22.57 21.26
CA CYS C 158 5.36 21.12 21.17
C CYS C 158 3.92 20.64 21.00
N PHE C 159 3.76 19.42 20.48
CA PHE C 159 2.48 18.89 20.03
C PHE C 159 2.37 17.39 20.30
N MET C 160 1.16 16.92 20.56
CA MET C 160 0.92 15.49 20.71
C MET C 160 0.63 14.86 19.36
N LYS C 161 1.10 13.63 19.19
CA LYS C 161 0.93 12.85 17.97
C LYS C 161 -0.02 11.69 18.28
N GLU C 162 0.50 10.59 18.82
CA GLU C 162 -0.32 9.42 19.20
C GLU C 162 -1.11 8.85 17.99
N SER C 163 -2.44 8.94 17.99
CA SER C 163 -3.24 8.30 16.93
C SER C 163 -3.41 9.12 15.63
N THR C 164 -2.69 10.24 15.51
CA THR C 164 -2.83 11.13 14.35
C THR C 164 -1.49 11.77 13.98
N VAL C 165 -1.32 12.09 12.69
CA VAL C 165 -0.21 12.91 12.22
C VAL C 165 -0.53 14.41 12.19
N ASN C 166 -1.77 14.75 12.51
CA ASN C 166 -2.21 16.15 12.51
C ASN C 166 -1.76 16.87 13.79
N ILE C 167 -0.46 17.06 13.92
CA ILE C 167 0.12 17.54 15.16
C ILE C 167 -0.25 18.97 15.46
N TYR C 168 -0.40 19.81 14.43
CA TYR C 168 -0.66 21.24 14.66
C TYR C 168 -2.01 21.51 15.32
N VAL C 169 -2.96 20.57 15.24
CA VAL C 169 -4.23 20.76 15.93
C VAL C 169 -4.22 20.17 17.36
N ARG C 170 -3.07 19.68 17.80
CA ARG C 170 -2.88 19.13 19.14
C ARG C 170 -1.75 19.83 19.91
N PRO C 171 -1.79 21.14 20.05
CA PRO C 171 -0.72 21.86 20.78
C PRO C 171 -0.72 21.54 22.28
N ILE C 172 0.46 21.53 22.88
CA ILE C 172 0.63 21.60 24.32
C ILE C 172 0.84 23.09 24.59
N THR C 173 -0.25 23.77 24.95
CA THR C 173 -0.23 25.21 25.09
C THR C 173 0.12 25.61 26.53
N GLY C 174 0.89 26.69 26.67
CA GLY C 174 1.19 27.29 27.96
C GLY C 174 2.63 27.22 28.44
N ILE C 175 3.55 26.83 27.58
CA ILE C 175 4.95 26.68 27.94
C ILE C 175 5.87 27.53 27.04
N THR C 176 6.66 28.39 27.65
CA THR C 176 7.66 29.17 26.95
C THR C 176 8.98 28.42 26.94
N ILE C 177 9.47 28.16 25.74
CA ILE C 177 10.79 27.57 25.55
C ILE C 177 11.50 28.41 24.50
N VAL C 178 12.65 28.95 24.88
CA VAL C 178 13.54 29.63 23.95
C VAL C 178 14.81 28.83 23.83
N ALA C 179 15.25 28.62 22.59
CA ALA C 179 16.48 27.90 22.32
C ALA C 179 17.41 28.80 21.50
N ASP C 180 18.68 28.85 21.86
CA ASP C 180 19.69 29.54 21.07
C ASP C 180 20.30 28.52 20.10
N LEU C 181 20.17 28.78 18.79
CA LEU C 181 20.54 27.84 17.73
C LEU C 181 22.05 27.67 17.56
N ASP C 182 22.77 28.76 17.82
CA ASP C 182 24.22 28.77 17.80
C ASP C 182 24.77 27.88 18.92
N LEU C 183 24.29 28.09 20.15
CA LEU C 183 24.70 27.28 21.30
C LEU C 183 24.03 25.91 21.27
N MET C 184 22.94 25.81 20.51
CA MET C 184 22.05 24.63 20.51
C MET C 184 21.66 24.19 21.91
N LYS C 185 21.13 25.13 22.70
CA LYS C 185 20.52 24.79 23.99
C LYS C 185 19.33 25.67 24.34
N ILE C 186 18.56 25.20 25.30
CA ILE C 186 17.45 25.96 25.82
C ILE C 186 18.05 26.99 26.78
N VAL C 187 17.74 28.28 26.52
CA VAL C 187 18.25 29.37 27.36
C VAL C 187 17.15 30.03 28.19
N GLU C 188 15.89 29.60 27.99
CA GLU C 188 14.78 30.14 28.76
C GLU C 188 13.66 29.12 28.81
N TYR C 189 13.05 28.97 29.98
CA TYR C 189 11.95 28.04 30.20
C TYR C 189 10.99 28.59 31.26
N HIS C 190 9.70 28.72 30.93
CA HIS C 190 8.69 29.21 31.85
C HIS C 190 7.38 28.47 31.57
N ASP C 191 7.04 27.55 32.47
CA ASP C 191 5.79 26.81 32.44
C ASP C 191 4.67 27.67 33.04
N ARG C 192 3.83 28.25 32.19
CA ARG C 192 2.82 29.23 32.62
C ARG C 192 1.45 28.71 32.95
N ASP C 193 0.89 27.93 32.03
CA ASP C 193 -0.52 27.52 32.09
C ASP C 193 -0.67 26.09 31.67
N ILE C 194 -1.59 25.40 32.34
CA ILE C 194 -2.01 24.09 31.90
C ILE C 194 -3.28 24.21 31.09
N GLU C 195 -3.21 23.81 29.83
CA GLU C 195 -4.39 23.82 28.97
C GLU C 195 -4.58 22.40 28.45
N ALA C 196 -5.83 21.98 28.31
CA ALA C 196 -6.13 20.69 27.72
C ALA C 196 -5.54 20.60 26.29
N VAL C 197 -5.06 19.42 25.96
CA VAL C 197 -4.68 19.08 24.59
C VAL C 197 -5.92 18.56 23.85
N PRO C 198 -6.29 19.21 22.72
CA PRO C 198 -7.42 18.74 21.93
C PRO C 198 -7.26 17.29 21.57
N THR C 199 -8.38 16.60 21.45
CA THR C 199 -8.40 15.19 21.13
C THR C 199 -7.84 14.97 19.72
N ALA C 200 -7.36 13.75 19.48
CA ALA C 200 -6.90 13.31 18.16
C ALA C 200 -8.06 12.83 17.28
N GLU C 201 -9.19 12.50 17.90
CA GLU C 201 -10.38 12.01 17.20
C GLU C 201 -10.78 12.93 16.05
N ASN C 202 -10.86 12.35 14.86
CA ASN C 202 -11.31 13.03 13.65
C ASN C 202 -10.42 14.21 13.19
N THR C 203 -9.16 14.14 13.54
CA THR C 203 -8.17 15.09 13.04
C THR C 203 -7.43 14.55 11.82
N GLU C 204 -7.65 13.29 11.49
CA GLU C 204 -6.84 12.63 10.49
C GLU C 204 -7.28 13.04 9.07
N TYR C 205 -6.32 13.36 8.21
CA TYR C 205 -6.63 13.77 6.84
C TYR C 205 -6.07 12.80 5.80
N GLN C 206 -5.26 11.84 6.21
CA GLN C 206 -4.79 10.77 5.32
C GLN C 206 -5.91 9.78 5.06
N VAL C 207 -6.22 9.55 3.78
CA VAL C 207 -7.28 8.59 3.43
C VAL C 207 -7.04 7.19 4.05
N SER C 208 -5.80 6.74 4.11
CA SER C 208 -5.50 5.42 4.68
C SER C 208 -5.83 5.32 6.18
N LYS C 209 -5.94 6.46 6.86
CA LYS C 209 -6.23 6.49 8.29
C LYS C 209 -7.65 6.99 8.61
N GLN C 210 -8.50 7.15 7.59
CA GLN C 210 -9.89 7.52 7.79
C GLN C 210 -10.79 6.30 7.67
N SER C 211 -11.97 6.35 8.30
CA SER C 211 -12.97 5.29 8.10
C SER C 211 -14.24 5.82 7.40
N PRO C 212 -15.03 4.91 6.82
CA PRO C 212 -16.30 5.28 6.17
C PRO C 212 -17.27 5.99 7.13
N PRO C 213 -18.30 6.65 6.61
CA PRO C 213 -18.57 6.73 5.16
C PRO C 213 -17.76 7.83 4.47
N PHE C 214 -17.54 7.64 3.16
CA PHE C 214 -16.93 8.66 2.31
C PHE C 214 -17.98 9.18 1.32
N GLY C 215 -17.71 10.35 0.74
CA GLY C 215 -18.62 11.00 -0.20
C GLY C 215 -18.43 12.52 -0.24
N PRO C 216 -19.02 13.18 -1.23
CA PRO C 216 -19.77 12.51 -2.30
C PRO C 216 -18.81 11.89 -3.33
N LYS C 217 -19.30 10.85 -4.01
CA LYS C 217 -18.56 10.21 -5.10
C LYS C 217 -18.32 11.21 -6.21
N GLN C 218 -17.08 11.32 -6.69
CA GLN C 218 -16.75 12.19 -7.80
C GLN C 218 -16.36 11.34 -9.03
N HIS C 219 -17.05 11.54 -10.15
CA HIS C 219 -16.81 10.75 -11.36
C HIS C 219 -15.49 11.12 -12.01
N SER C 220 -14.83 10.08 -12.53
CA SER C 220 -13.54 10.22 -13.17
C SER C 220 -13.65 10.85 -14.55
N LEU C 221 -12.54 11.38 -15.01
CA LEU C 221 -12.40 11.87 -16.39
C LEU C 221 -11.05 11.47 -16.93
N THR C 222 -11.01 11.01 -18.18
CA THR C 222 -9.74 10.71 -18.82
C THR C 222 -9.60 11.59 -20.06
N SER C 223 -8.39 11.99 -20.36
CA SER C 223 -8.16 12.93 -21.44
C SER C 223 -6.85 12.67 -22.17
N HIS C 224 -6.79 13.13 -23.41
CA HIS C 224 -5.67 12.85 -24.28
C HIS C 224 -5.51 13.98 -25.28
N GLN C 225 -4.27 14.40 -25.50
CA GLN C 225 -3.94 15.36 -26.55
C GLN C 225 -3.43 14.59 -27.79
N PRO C 226 -4.25 14.47 -28.83
CA PRO C 226 -3.84 13.72 -30.04
C PRO C 226 -2.48 14.14 -30.61
N GLN C 227 -2.15 15.43 -30.57
CA GLN C 227 -0.88 15.92 -31.10
C GLN C 227 0.14 16.27 -30.00
N GLY C 228 -0.12 15.76 -28.78
CA GLY C 228 0.81 15.96 -27.67
C GLY C 228 0.65 17.34 -27.06
N PRO C 229 1.57 17.70 -26.17
CA PRO C 229 1.54 19.02 -25.52
C PRO C 229 1.79 20.17 -26.47
N GLY C 230 1.12 21.30 -26.23
CA GLY C 230 1.34 22.51 -27.04
C GLY C 230 2.58 23.28 -26.61
N PHE C 231 3.20 22.90 -25.49
CA PHE C 231 4.45 23.56 -25.04
C PHE C 231 5.66 22.63 -25.19
N GLN C 232 6.83 23.24 -25.33
CA GLN C 232 8.11 22.56 -25.39
C GLN C 232 9.01 23.15 -24.30
N ILE C 233 9.58 22.29 -23.45
CA ILE C 233 10.57 22.74 -22.49
C ILE C 233 11.94 22.27 -22.93
N ASN C 234 12.76 23.20 -23.42
CA ASN C 234 14.17 22.97 -23.72
C ASN C 234 15.04 23.39 -22.52
N GLY C 235 15.37 22.43 -21.66
CA GLY C 235 16.08 22.69 -20.43
C GLY C 235 15.15 23.37 -19.42
N HIS C 236 15.31 24.69 -19.28
CA HIS C 236 14.40 25.47 -18.46
C HIS C 236 13.71 26.58 -19.28
N SER C 237 13.88 26.58 -20.60
CA SER C 237 13.25 27.55 -21.50
C SER C 237 11.96 26.98 -22.12
N VAL C 238 10.85 27.67 -21.90
CA VAL C 238 9.55 27.20 -22.35
C VAL C 238 9.15 27.98 -23.59
N SER C 239 8.64 27.24 -24.56
CA SER C 239 8.01 27.78 -25.77
C SER C 239 6.61 27.22 -25.82
N TRP C 240 5.63 28.10 -25.84
CA TRP C 240 4.23 27.73 -25.86
C TRP C 240 3.40 28.80 -26.54
N ALA C 241 2.61 28.39 -27.53
CA ALA C 241 1.69 29.28 -28.22
C ALA C 241 2.45 30.53 -28.69
N ASN C 242 2.10 31.73 -28.23
CA ASN C 242 2.84 32.94 -28.64
C ASN C 242 3.83 33.45 -27.57
N TRP C 243 4.10 32.62 -26.56
CA TRP C 243 4.97 33.00 -25.45
C TRP C 243 6.27 32.26 -25.47
N LYS C 244 7.30 32.95 -24.97
CA LYS C 244 8.56 32.36 -24.56
C LYS C 244 8.88 32.89 -23.17
N PHE C 245 9.38 32.06 -22.29
CA PHE C 245 9.85 32.48 -20.97
C PHE C 245 10.75 31.43 -20.33
N HIS C 246 11.42 31.82 -19.26
CA HIS C 246 12.39 30.96 -18.61
C HIS C 246 11.89 30.63 -17.23
N ILE C 247 11.95 29.35 -16.88
CA ILE C 247 11.62 28.89 -15.53
C ILE C 247 12.90 28.73 -14.71
N GLY C 248 13.02 29.55 -13.68
CA GLY C 248 14.11 29.47 -12.74
C GLY C 248 13.64 29.04 -11.35
N PHE C 249 14.62 28.83 -10.47
CA PHE C 249 14.37 28.31 -9.13
C PHE C 249 15.55 28.72 -8.24
N ASP C 250 15.22 29.17 -7.04
CA ASP C 250 16.19 29.75 -6.10
C ASP C 250 15.77 29.26 -4.72
N VAL C 251 16.72 28.87 -3.85
CA VAL C 251 16.36 28.28 -2.55
C VAL C 251 15.57 29.21 -1.65
N ARG C 252 15.76 30.52 -1.83
CA ARG C 252 15.02 31.50 -1.05
C ARG C 252 13.71 31.89 -1.71
N ALA C 253 13.75 32.31 -2.97
CA ALA C 253 12.56 32.84 -3.66
C ALA C 253 11.54 31.79 -4.11
N GLY C 254 12.03 30.58 -4.38
CA GLY C 254 11.25 29.54 -5.04
C GLY C 254 11.30 29.74 -6.53
N ILE C 255 10.14 29.65 -7.19
CA ILE C 255 10.07 29.82 -8.63
C ILE C 255 10.33 31.25 -9.09
N VAL C 256 10.98 31.36 -10.23
CA VAL C 256 11.30 32.64 -10.83
C VAL C 256 10.95 32.55 -12.31
N ILE C 257 10.07 33.44 -12.76
CA ILE C 257 9.70 33.53 -14.16
C ILE C 257 10.52 34.68 -14.78
N SER C 258 11.29 34.39 -15.82
CA SER C 258 12.13 35.40 -16.47
C SER C 258 11.93 35.43 -17.99
N LEU C 259 12.30 36.56 -18.59
CA LEU C 259 12.34 36.75 -20.03
C LEU C 259 11.03 36.40 -20.71
N ALA C 260 9.91 36.80 -20.09
CA ALA C 260 8.60 36.53 -20.65
C ALA C 260 8.30 37.53 -21.78
N SER C 261 8.18 36.99 -22.99
CA SER C 261 7.95 37.73 -24.21
C SER C 261 6.85 37.08 -25.03
N ILE C 262 6.01 37.91 -25.65
CA ILE C 262 4.90 37.45 -26.45
C ILE C 262 5.14 37.84 -27.90
N TYR C 263 4.92 36.89 -28.80
CA TYR C 263 4.98 37.12 -30.22
C TYR C 263 3.75 37.89 -30.67
N ASP C 264 3.97 39.05 -31.27
CA ASP C 264 2.96 39.88 -31.86
C ASP C 264 2.85 39.52 -33.35
N LEU C 265 1.78 38.82 -33.71
CA LEU C 265 1.63 38.30 -35.07
C LEU C 265 1.52 39.44 -36.10
N GLU C 266 0.83 40.51 -35.73
CA GLU C 266 0.70 41.70 -36.60
C GLU C 266 2.04 42.37 -36.93
N LYS C 267 2.95 42.47 -35.95
CA LYS C 267 4.27 43.09 -36.13
C LYS C 267 5.38 42.06 -36.45
N HIS C 268 5.02 40.78 -36.43
CA HIS C 268 5.97 39.69 -36.61
C HIS C 268 7.23 39.87 -35.76
N LYS C 269 7.04 40.11 -34.47
CA LYS C 269 8.16 40.36 -33.54
C LYS C 269 7.86 39.85 -32.13
N SER C 270 8.87 39.32 -31.47
CA SER C 270 8.78 38.90 -30.07
C SER C 270 8.98 40.13 -29.18
N ARG C 271 8.03 40.38 -28.28
CA ARG C 271 8.03 41.59 -27.47
C ARG C 271 8.05 41.28 -25.97
N ARG C 272 8.99 41.89 -25.28
CA ARG C 272 9.15 41.68 -23.85
C ARG C 272 8.01 42.27 -23.06
N VAL C 273 7.65 41.57 -22.01
CA VAL C 273 6.68 42.04 -21.03
C VAL C 273 7.32 42.03 -19.64
N LEU C 274 7.79 40.86 -19.20
CA LEU C 274 8.31 40.68 -17.83
C LEU C 274 9.73 40.10 -17.83
N TYR C 275 10.70 40.89 -17.43
CA TYR C 275 12.08 40.43 -17.32
C TYR C 275 12.23 39.41 -16.20
N LYS C 276 11.59 39.66 -15.06
CA LYS C 276 11.76 38.82 -13.88
C LYS C 276 10.60 38.98 -12.90
N GLY C 277 10.02 37.87 -12.51
CA GLY C 277 8.88 37.83 -11.62
C GLY C 277 9.05 36.77 -10.56
N TYR C 278 8.89 37.15 -9.31
CA TYR C 278 8.86 36.16 -8.22
C TYR C 278 8.23 36.75 -6.97
N ILE C 279 8.05 35.90 -5.98
CA ILE C 279 7.55 36.32 -4.69
C ILE C 279 8.78 36.61 -3.84
N SER C 280 8.91 37.85 -3.41
CA SER C 280 10.11 38.34 -2.77
C SER C 280 10.10 38.09 -1.28
N GLU C 281 8.93 38.16 -0.66
CA GLU C 281 8.77 37.88 0.76
C GLU C 281 7.33 37.52 1.12
N LEU C 282 7.19 36.85 2.26
CA LEU C 282 5.92 36.62 2.91
C LEU C 282 5.91 37.28 4.29
N PHE C 283 4.73 37.49 4.84
CA PHE C 283 4.57 38.03 6.19
C PHE C 283 3.24 37.49 6.72
N VAL C 284 3.31 36.72 7.81
CA VAL C 284 2.15 36.03 8.36
C VAL C 284 2.02 36.40 9.83
N PRO C 285 1.55 37.62 10.10
CA PRO C 285 1.43 38.08 11.49
C PRO C 285 0.25 37.42 12.20
N TYR C 286 0.48 36.86 13.37
CA TYR C 286 -0.61 36.40 14.23
C TYR C 286 -1.05 37.57 15.12
N GLN C 287 -2.21 37.42 15.74
CA GLN C 287 -2.87 38.53 16.43
C GLN C 287 -3.16 38.21 17.90
N ASP C 288 -2.35 37.33 18.47
CA ASP C 288 -2.43 36.95 19.87
C ASP C 288 -1.24 37.56 20.62
N PRO C 289 -1.49 38.61 21.40
CA PRO C 289 -0.41 39.39 22.02
C PRO C 289 0.14 38.80 23.31
N THR C 290 -0.43 37.72 23.83
CA THR C 290 0.08 37.08 25.04
C THR C 290 1.42 36.40 24.77
N GLU C 291 2.03 35.91 25.85
CA GLU C 291 3.33 35.27 25.84
C GLU C 291 3.37 34.05 24.91
N GLU C 292 2.22 33.42 24.70
CA GLU C 292 2.14 32.22 23.87
C GLU C 292 2.43 32.46 22.40
N PHE C 293 2.03 33.61 21.86
CA PHE C 293 2.09 33.86 20.40
C PHE C 293 2.53 35.26 19.92
N TYR C 294 2.91 36.16 20.82
CA TYR C 294 3.17 37.54 20.45
C TYR C 294 4.22 37.71 19.36
N PHE C 295 5.20 36.81 19.41
CA PHE C 295 6.39 36.79 18.57
C PHE C 295 6.17 36.10 17.21
N LYS C 296 5.00 35.49 17.00
CA LYS C 296 4.75 34.67 15.81
C LYS C 296 4.25 35.51 14.64
N THR C 297 5.20 35.93 13.80
CA THR C 297 4.92 36.70 12.58
C THR C 297 5.94 36.29 11.51
N PHE C 298 5.80 35.08 11.01
CA PHE C 298 6.76 34.49 10.09
C PHE C 298 6.98 35.34 8.82
N PHE C 299 8.23 35.42 8.38
CA PHE C 299 8.59 35.86 7.04
C PHE C 299 9.13 34.64 6.33
N ASP C 300 8.23 33.87 5.74
CA ASP C 300 8.53 32.52 5.24
C ASP C 300 9.75 32.47 4.34
N SER C 301 9.85 33.41 3.43
CA SER C 301 10.91 33.34 2.43
C SER C 301 12.25 33.65 3.06
N GLY C 302 12.34 34.70 3.87
CA GLY C 302 13.61 35.08 4.47
C GLY C 302 14.00 34.29 5.71
N GLU C 303 13.04 33.62 6.34
CA GLU C 303 13.33 32.88 7.56
C GLU C 303 13.48 31.39 7.30
N PHE C 304 12.73 30.86 6.34
CA PHE C 304 12.74 29.41 6.08
C PHE C 304 13.06 29.01 4.65
N GLY C 305 12.98 29.96 3.71
CA GLY C 305 13.29 29.70 2.32
C GLY C 305 12.13 29.08 1.58
N PHE C 306 11.58 29.82 0.63
CA PHE C 306 10.47 29.31 -0.19
C PHE C 306 10.92 28.11 -1.03
N GLY C 307 12.13 28.19 -1.57
CA GLY C 307 12.72 27.10 -2.33
C GLY C 307 13.06 25.89 -1.47
N LEU C 308 13.74 26.12 -0.36
CA LEU C 308 14.03 25.06 0.62
C LEU C 308 12.77 24.35 1.07
N SER C 309 11.66 25.06 1.11
CA SER C 309 10.41 24.50 1.65
C SER C 309 9.45 24.06 0.52
N THR C 310 9.94 23.99 -0.71
CA THR C 310 9.13 23.57 -1.83
C THR C 310 8.97 22.05 -1.71
N VAL C 311 7.78 21.55 -1.97
CA VAL C 311 7.49 20.13 -1.81
C VAL C 311 7.42 19.48 -3.19
N SER C 312 7.46 18.16 -3.21
CA SER C 312 7.26 17.37 -4.41
C SER C 312 5.80 17.32 -4.78
N LEU C 313 5.48 17.70 -6.00
CA LEU C 313 4.09 17.68 -6.47
C LEU C 313 3.64 16.25 -6.69
N ILE C 314 2.43 15.94 -6.28
CA ILE C 314 1.88 14.60 -6.36
C ILE C 314 1.18 14.50 -7.70
N PRO C 315 1.68 13.66 -8.59
CA PRO C 315 1.08 13.52 -9.92
C PRO C 315 -0.41 13.22 -9.87
N ASN C 316 -1.15 13.82 -10.78
CA ASN C 316 -2.59 13.61 -10.93
C ASN C 316 -3.44 14.36 -9.92
N ARG C 317 -2.82 14.90 -8.87
CA ARG C 317 -3.53 15.57 -7.79
C ARG C 317 -3.14 17.04 -7.71
N ASP C 318 -1.87 17.32 -7.38
CA ASP C 318 -1.36 18.67 -7.37
C ASP C 318 -1.34 19.31 -8.75
N CYS C 319 -1.21 18.45 -9.77
CA CYS C 319 -1.19 18.83 -11.18
C CYS C 319 -2.09 17.84 -11.94
N PRO C 320 -2.79 18.27 -12.99
CA PRO C 320 -3.61 17.36 -13.77
C PRO C 320 -2.78 16.28 -14.47
N PRO C 321 -3.40 15.16 -14.85
CA PRO C 321 -2.69 14.14 -15.63
C PRO C 321 -2.05 14.70 -16.91
N HIS C 322 -0.87 14.20 -17.27
CA HIS C 322 -0.11 14.63 -18.46
C HIS C 322 0.62 15.95 -18.27
N ALA C 323 0.57 16.51 -17.06
CA ALA C 323 1.42 17.65 -16.73
C ALA C 323 2.88 17.18 -16.86
N GLN C 324 3.77 18.10 -17.24
CA GLN C 324 5.20 17.87 -17.30
C GLN C 324 5.85 18.40 -16.03
N PHE C 325 6.77 17.64 -15.46
CA PHE C 325 7.42 17.98 -14.22
C PHE C 325 8.89 18.35 -14.44
N ILE C 326 9.36 19.29 -13.63
CA ILE C 326 10.74 19.74 -13.60
C ILE C 326 11.30 19.49 -12.21
N ASP C 327 12.40 18.76 -12.16
CA ASP C 327 13.15 18.54 -10.94
C ASP C 327 14.03 19.76 -10.66
N THR C 328 14.24 20.07 -9.39
CA THR C 328 15.24 21.07 -8.99
C THR C 328 16.11 20.52 -7.88
N TYR C 329 17.18 21.24 -7.58
CA TYR C 329 18.03 20.90 -6.44
C TYR C 329 17.99 22.04 -5.42
N VAL C 330 17.93 21.66 -4.15
CA VAL C 330 18.18 22.55 -3.02
C VAL C 330 19.49 22.09 -2.36
N HIS C 331 19.78 22.59 -1.16
CA HIS C 331 20.97 22.17 -0.43
C HIS C 331 20.69 22.06 1.06
N SER C 332 21.50 21.25 1.74
CA SER C 332 21.43 21.10 3.19
C SER C 332 22.40 22.07 3.85
N ALA C 333 22.49 22.02 5.18
CA ALA C 333 23.38 22.90 5.94
C ALA C 333 24.85 22.64 5.68
N ASN C 334 25.25 21.40 5.35
CA ASN C 334 26.66 21.15 5.00
C ASN C 334 27.00 21.39 3.54
N GLY C 335 26.03 21.87 2.75
CA GLY C 335 26.27 22.26 1.38
C GLY C 335 26.02 21.18 0.35
N THR C 336 25.44 20.06 0.77
CA THR C 336 25.20 18.93 -0.11
C THR C 336 23.92 19.17 -0.89
N PRO C 337 23.95 18.97 -2.21
CA PRO C 337 22.72 19.10 -3.00
C PRO C 337 21.69 18.04 -2.66
N ILE C 338 20.42 18.45 -2.64
CA ILE C 338 19.30 17.55 -2.40
C ILE C 338 18.35 17.62 -3.59
N LEU C 339 18.06 16.47 -4.19
CA LEU C 339 17.14 16.37 -5.31
C LEU C 339 15.74 16.63 -4.80
N LEU C 340 15.06 17.56 -5.44
CA LEU C 340 13.65 17.85 -5.18
C LEU C 340 12.85 17.46 -6.43
N LYS C 341 12.36 16.21 -6.42
CA LYS C 341 11.57 15.66 -7.52
C LYS C 341 10.26 16.43 -7.66
N ASN C 342 9.82 16.63 -8.90
CA ASN C 342 8.54 17.25 -9.19
C ASN C 342 8.35 18.57 -8.49
N ALA C 343 9.37 19.43 -8.47
CA ALA C 343 9.29 20.72 -7.80
C ALA C 343 8.34 21.71 -8.50
N ILE C 344 8.28 21.60 -9.83
CA ILE C 344 7.48 22.47 -10.66
C ILE C 344 6.75 21.60 -11.68
N CYS C 345 5.53 21.99 -12.05
CA CYS C 345 4.85 21.36 -13.18
C CYS C 345 4.31 22.41 -14.14
N VAL C 346 4.16 21.98 -15.39
CA VAL C 346 3.64 22.80 -16.47
C VAL C 346 2.55 22.00 -17.15
N PHE C 347 1.41 22.63 -17.37
CA PHE C 347 0.32 21.96 -18.05
C PHE C 347 -0.59 22.96 -18.74
N GLU C 348 -1.47 22.46 -19.59
CA GLU C 348 -2.40 23.29 -20.33
C GLU C 348 -3.82 23.09 -19.79
N GLN C 349 -4.60 24.16 -19.85
CA GLN C 349 -5.92 24.21 -19.29
C GLN C 349 -6.92 24.57 -20.38
N TYR C 350 -7.98 23.79 -20.46
CA TYR C 350 -8.99 23.91 -21.54
C TYR C 350 -10.35 24.34 -20.99
N GLY C 351 -11.22 24.80 -21.88
CA GLY C 351 -12.62 25.11 -21.57
C GLY C 351 -13.01 26.58 -21.57
N ASN C 352 -12.04 27.49 -21.39
CA ASN C 352 -12.36 28.91 -21.24
C ASN C 352 -12.74 29.50 -22.59
N ILE C 353 -13.75 30.36 -22.59
CA ILE C 353 -14.13 31.15 -23.75
C ILE C 353 -13.09 32.25 -23.90
N MET C 354 -12.56 32.41 -25.10
CA MET C 354 -11.56 33.42 -25.40
C MET C 354 -12.24 34.76 -25.69
N TRP C 355 -13.26 34.70 -26.53
CA TRP C 355 -14.13 35.82 -26.83
C TRP C 355 -15.29 35.32 -27.68
N ARG C 356 -16.34 36.14 -27.73
CA ARG C 356 -17.52 35.76 -28.47
C ARG C 356 -18.39 36.96 -28.84
N HIS C 357 -19.22 36.80 -29.86
CA HIS C 357 -20.35 37.70 -30.08
C HIS C 357 -21.45 37.02 -30.87
N THR C 358 -22.68 37.20 -30.42
CA THR C 358 -23.88 36.85 -31.19
C THR C 358 -24.52 38.16 -31.63
N GLU C 359 -24.68 38.30 -32.94
CA GLU C 359 -25.24 39.50 -33.55
C GLU C 359 -26.68 39.27 -34.03
N ASN C 360 -27.63 39.97 -33.41
CA ASN C 360 -29.05 39.86 -33.69
C ASN C 360 -29.65 41.11 -34.33
N GLY C 361 -28.81 42.12 -34.52
CA GLY C 361 -29.23 43.43 -35.01
C GLY C 361 -29.36 43.57 -36.53
N ILE C 362 -28.89 42.59 -37.27
CA ILE C 362 -29.00 42.65 -38.73
C ILE C 362 -30.20 41.82 -39.19
N PRO C 363 -31.24 42.48 -39.69
CA PRO C 363 -32.46 41.77 -40.11
C PRO C 363 -32.19 40.56 -41.02
N ASN C 364 -32.79 39.41 -40.70
CA ASN C 364 -32.71 38.20 -41.53
C ASN C 364 -31.32 37.57 -41.64
N GLU C 365 -30.43 37.87 -40.71
CA GLU C 365 -29.09 37.29 -40.68
C GLU C 365 -28.84 36.73 -39.27
N SER C 366 -28.42 35.48 -39.21
CA SER C 366 -27.98 34.90 -37.94
C SER C 366 -26.46 34.87 -37.98
N ILE C 367 -25.86 35.60 -37.05
CA ILE C 367 -24.42 35.69 -36.95
C ILE C 367 -23.97 35.40 -35.53
N GLU C 368 -23.08 34.44 -35.39
CA GLU C 368 -22.52 34.11 -34.10
C GLU C 368 -21.10 33.58 -34.27
N GLU C 369 -20.25 33.93 -33.31
CA GLU C 369 -18.89 33.44 -33.27
C GLU C 369 -18.48 33.34 -31.81
N SER C 370 -18.00 32.17 -31.41
CA SER C 370 -17.45 31.97 -30.08
C SER C 370 -16.26 31.06 -30.22
N ARG C 371 -15.13 31.52 -29.70
CA ARG C 371 -13.88 30.80 -29.72
C ARG C 371 -13.39 30.50 -28.33
N THR C 372 -12.62 29.42 -28.20
CA THR C 372 -12.06 29.03 -26.93
C THR C 372 -10.55 29.18 -26.96
N GLU C 373 -9.98 29.33 -25.77
CA GLU C 373 -8.55 29.47 -25.58
C GLU C 373 -7.99 28.26 -24.81
N VAL C 374 -6.75 27.93 -25.09
CA VAL C 374 -5.97 27.00 -24.28
C VAL C 374 -4.97 27.88 -23.52
N ASN C 375 -4.95 27.75 -22.20
CA ASN C 375 -4.07 28.51 -21.33
C ASN C 375 -2.96 27.65 -20.77
N LEU C 376 -1.90 28.26 -20.29
CA LEU C 376 -0.74 27.54 -19.75
C LEU C 376 -0.59 27.86 -18.27
N ILE C 377 -0.37 26.82 -17.47
CA ILE C 377 -0.13 26.96 -16.02
C ILE C 377 1.21 26.36 -15.66
N VAL C 378 1.97 27.13 -14.89
CA VAL C 378 3.20 26.70 -14.29
C VAL C 378 2.95 26.73 -12.81
N ARG C 379 3.09 25.58 -12.14
CA ARG C 379 2.70 25.48 -10.75
C ARG C 379 3.83 24.96 -9.86
N THR C 380 3.90 25.52 -8.66
CA THR C 380 4.79 25.00 -7.63
C THR C 380 4.07 25.14 -6.26
N ILE C 381 4.45 24.31 -5.29
CA ILE C 381 3.79 24.28 -3.99
C ILE C 381 4.82 24.36 -2.87
N VAL C 382 4.64 25.37 -2.02
CA VAL C 382 5.55 25.66 -0.94
C VAL C 382 4.81 25.43 0.37
N THR C 383 5.36 24.57 1.20
CA THR C 383 4.77 24.30 2.51
C THR C 383 5.75 24.70 3.61
N VAL C 384 5.37 25.69 4.42
CA VAL C 384 6.14 26.08 5.58
C VAL C 384 5.33 25.76 6.83
N GLY C 385 5.79 24.76 7.59
CA GLY C 385 5.07 24.25 8.73
C GLY C 385 3.64 23.84 8.39
N ASN C 386 2.68 24.56 8.95
CA ASN C 386 1.28 24.21 8.74
C ASN C 386 0.66 24.77 7.44
N ASP C 388 0.23 25.48 3.42
CA ASP C 388 0.55 25.08 2.05
C ASP C 388 0.13 26.23 1.12
N ASN C 389 1.04 26.66 0.25
CA ASN C 389 0.81 27.76 -0.68
C ASN C 389 0.93 27.19 -2.10
N VAL C 390 -0.17 27.14 -2.85
CA VAL C 390 -0.14 26.74 -4.26
C VAL C 390 0.11 27.99 -5.09
N ILE C 391 1.29 28.07 -5.72
CA ILE C 391 1.75 29.25 -6.49
C ILE C 391 1.70 28.93 -7.99
N ASP C 392 0.83 29.65 -8.72
CA ASP C 392 0.67 29.46 -10.15
C ASP C 392 1.06 30.72 -10.92
N TRP C 393 1.63 30.51 -12.09
CA TRP C 393 1.73 31.56 -13.11
C TRP C 393 1.00 31.05 -14.33
N GLU C 394 -0.05 31.75 -14.74
CA GLU C 394 -0.84 31.38 -15.91
C GLU C 394 -0.62 32.35 -17.05
N PHE C 395 -0.35 31.83 -18.24
CA PHE C 395 -0.16 32.66 -19.42
C PHE C 395 -1.27 32.40 -20.42
N LYS C 396 -1.72 33.44 -21.10
CA LYS C 396 -2.80 33.34 -22.07
C LYS C 396 -2.36 33.93 -23.42
N ALA C 397 -2.85 33.37 -24.53
CA ALA C 397 -2.50 33.84 -25.85
C ALA C 397 -2.96 35.30 -26.06
N SER C 398 -3.99 35.70 -25.31
CA SER C 398 -4.48 37.07 -25.31
C SER C 398 -3.48 38.05 -24.67
N GLY C 399 -2.44 37.52 -24.04
CA GLY C 399 -1.39 38.33 -23.48
C GLY C 399 -1.46 38.54 -22.00
N SER C 400 -2.57 38.15 -21.35
CA SER C 400 -2.69 38.24 -19.91
C SER C 400 -1.78 37.25 -19.24
N ILE C 401 -1.23 37.69 -18.11
CA ILE C 401 -0.54 36.82 -17.17
C ILE C 401 -1.29 36.92 -15.87
N LYS C 402 -1.57 35.78 -15.26
CA LYS C 402 -2.41 35.75 -14.04
C LYS C 402 -1.65 34.98 -12.97
N PRO C 403 -0.88 35.67 -12.13
CA PRO C 403 -0.24 35.01 -11.01
C PRO C 403 -1.28 34.74 -9.92
N SER C 404 -1.32 33.54 -9.41
CA SER C 404 -2.29 33.19 -8.36
C SER C 404 -1.66 32.45 -7.17
N ILE C 405 -2.28 32.62 -6.01
CA ILE C 405 -1.89 31.90 -4.82
C ILE C 405 -3.11 31.30 -4.17
N ALA C 406 -3.06 29.99 -3.91
CA ALA C 406 -4.11 29.30 -3.20
C ALA C 406 -3.55 28.74 -1.92
N LEU C 407 -4.35 28.76 -0.85
CA LEU C 407 -3.93 28.41 0.50
C LEU C 407 -4.69 27.19 0.99
N SER C 408 -3.96 26.22 1.52
CA SER C 408 -4.55 25.10 2.22
C SER C 408 -3.66 24.74 3.44
N GLY C 409 -3.79 23.52 3.93
CA GLY C 409 -3.01 23.07 5.09
C GLY C 409 -3.81 23.07 6.37
N ILE C 410 -3.12 23.33 7.48
CA ILE C 410 -3.68 23.20 8.81
C ILE C 410 -3.71 24.55 9.49
N LEU C 411 -4.79 24.80 10.22
CA LEU C 411 -4.87 25.92 11.15
C LEU C 411 -3.83 25.80 12.27
N GLU C 412 -3.25 26.93 12.66
CA GLU C 412 -2.48 26.97 13.89
C GLU C 412 -3.47 27.10 15.02
N ILE C 413 -3.41 26.14 15.92
CA ILE C 413 -4.36 26.02 17.02
C ILE C 413 -3.68 26.37 18.33
N LYS C 414 -4.39 27.13 19.15
CA LYS C 414 -3.99 27.41 20.53
C LYS C 414 -4.93 26.60 21.42
N GLY C 415 -4.36 25.75 22.24
CA GLY C 415 -5.13 24.92 23.13
C GLY C 415 -5.79 25.70 24.25
N THR C 416 -6.97 25.26 24.66
CA THR C 416 -7.72 25.89 25.74
C THR C 416 -8.60 24.87 26.45
N ASN C 417 -8.96 25.19 27.69
CA ASN C 417 -9.93 24.37 28.45
C ASN C 417 -11.36 24.57 27.99
N ILE C 418 -11.64 25.69 27.34
CA ILE C 418 -12.98 25.96 26.80
C ILE C 418 -13.42 24.92 25.76
N LYS C 419 -14.65 24.44 25.92
CA LYS C 419 -15.28 23.51 24.97
C LYS C 419 -16.41 24.15 24.13
N HIS C 420 -17.02 25.24 24.62
CA HIS C 420 -18.19 25.84 23.96
C HIS C 420 -18.06 27.35 23.98
N LYS C 421 -18.65 27.99 22.98
CA LYS C 421 -18.58 29.43 22.83
C LYS C 421 -19.19 30.18 24.02
N ASP C 422 -20.22 29.61 24.64
CA ASP C 422 -20.90 30.23 25.81
C ASP C 422 -20.02 30.32 27.07
N GLU C 423 -18.89 29.62 27.08
CA GLU C 423 -17.94 29.68 28.20
C GLU C 423 -16.93 30.83 28.07
N ILE C 424 -16.89 31.50 26.93
CA ILE C 424 -15.87 32.53 26.67
C ILE C 424 -16.19 33.82 27.41
N LYS C 425 -15.22 34.31 28.18
CA LYS C 425 -15.41 35.51 28.99
C LYS C 425 -14.44 36.64 28.64
N GLU C 426 -13.55 36.39 27.67
CA GLU C 426 -12.60 37.42 27.21
C GLU C 426 -12.21 37.14 25.77
N ASP C 427 -11.48 38.08 25.18
CA ASP C 427 -10.95 37.93 23.83
C ASP C 427 -9.93 36.80 23.77
N LEU C 428 -10.27 35.71 23.09
CA LEU C 428 -9.36 34.59 22.86
C LEU C 428 -8.34 34.83 21.73
N HIS C 429 -8.57 35.86 20.93
CA HIS C 429 -7.69 36.19 19.80
C HIS C 429 -7.78 35.18 18.68
N GLY C 430 -8.97 34.58 18.57
CA GLY C 430 -9.27 33.64 17.52
C GLY C 430 -10.68 33.15 17.67
N LYS C 431 -11.13 32.28 16.76
CA LYS C 431 -12.42 31.61 16.87
C LYS C 431 -12.27 30.23 17.47
N LEU C 432 -13.25 29.80 18.27
CA LEU C 432 -13.30 28.43 18.75
C LEU C 432 -13.79 27.55 17.60
N VAL C 433 -12.87 26.81 16.96
CA VAL C 433 -13.18 26.01 15.78
C VAL C 433 -13.50 24.54 16.11
N SER C 434 -13.12 24.12 17.30
CA SER C 434 -13.43 22.79 17.78
C SER C 434 -13.19 22.80 19.29
N ALA C 435 -13.69 21.80 20.00
CA ALA C 435 -13.50 21.74 21.45
C ALA C 435 -12.02 21.91 21.75
N ASN C 436 -11.73 22.75 22.75
CA ASN C 436 -10.37 23.00 23.21
C ASN C 436 -9.44 23.64 22.18
N SER C 437 -9.99 24.17 21.09
CA SER C 437 -9.17 24.56 19.94
C SER C 437 -9.49 25.94 19.42
N ILE C 438 -8.59 26.90 19.68
CA ILE C 438 -8.70 28.24 19.13
C ILE C 438 -7.89 28.39 17.83
N GLY C 439 -8.58 28.77 16.74
CA GLY C 439 -7.94 29.16 15.51
C GLY C 439 -7.60 30.62 15.61
N ILE C 440 -6.33 30.93 15.86
CA ILE C 440 -5.87 32.29 16.15
C ILE C 440 -5.97 33.13 14.87
N TYR C 441 -6.48 34.35 15.02
CA TYR C 441 -6.54 35.29 13.89
C TYR C 441 -5.14 35.54 13.35
N HIS C 442 -5.03 35.67 12.03
CA HIS C 442 -3.75 35.97 11.40
C HIS C 442 -3.97 36.44 9.98
N ASP C 443 -2.92 37.03 9.40
CA ASP C 443 -2.90 37.49 8.02
C ASP C 443 -1.86 36.73 7.23
N HIS C 444 -2.05 36.64 5.91
CA HIS C 444 -1.02 36.24 4.98
C HIS C 444 -0.81 37.38 4.01
N PHE C 445 0.41 37.91 3.96
CA PHE C 445 0.79 38.94 2.99
C PHE C 445 1.91 38.34 2.14
N TYR C 446 1.75 38.42 0.83
CA TYR C 446 2.78 38.03 -0.08
C TYR C 446 3.13 39.26 -0.91
N ILE C 447 4.40 39.49 -1.20
CA ILE C 447 4.78 40.61 -2.07
C ILE C 447 5.59 40.12 -3.27
N TYR C 448 5.08 40.43 -4.45
CA TYR C 448 5.67 40.07 -5.72
C TYR C 448 6.63 41.15 -6.18
N TYR C 449 7.79 40.71 -6.64
CA TYR C 449 8.71 41.53 -7.42
C TYR C 449 8.35 41.32 -8.87
N LEU C 450 8.03 42.40 -9.56
CA LEU C 450 7.60 42.33 -10.96
C LEU C 450 8.42 43.29 -11.80
N ASP C 451 9.56 42.82 -12.30
CA ASP C 451 10.42 43.68 -13.12
C ASP C 451 9.90 43.69 -14.54
N PHE C 452 8.84 44.48 -14.78
CA PHE C 452 8.31 44.67 -16.11
C PHE C 452 9.33 45.45 -16.93
N ASP C 453 9.56 44.99 -18.15
CA ASP C 453 10.27 45.74 -19.19
C ASP C 453 9.30 45.78 -20.37
N ILE C 454 8.29 46.65 -20.27
CA ILE C 454 7.22 46.68 -21.26
C ILE C 454 7.81 47.10 -22.61
N ASP C 455 7.94 46.13 -23.50
CA ASP C 455 8.52 46.31 -24.82
C ASP C 455 9.87 47.00 -24.81
N GLY C 456 10.65 46.74 -23.76
CA GLY C 456 11.92 47.43 -23.53
C GLY C 456 12.02 47.86 -22.08
N THR C 457 13.22 48.30 -21.69
CA THR C 457 13.51 48.61 -20.28
C THR C 457 13.02 49.97 -19.84
N HIS C 458 12.93 50.93 -20.76
CA HIS C 458 12.61 52.30 -20.37
C HIS C 458 11.09 52.43 -20.26
N ASN C 459 10.59 52.47 -19.04
CA ASN C 459 9.17 52.47 -18.74
C ASN C 459 8.79 53.63 -17.82
N SER C 460 7.49 53.89 -17.72
CA SER C 460 6.92 54.75 -16.68
C SER C 460 5.70 54.09 -16.06
N PHE C 461 5.31 54.61 -14.91
CA PHE C 461 4.14 54.13 -14.18
C PHE C 461 3.08 55.21 -14.25
N GLU C 462 1.92 54.88 -14.80
CA GLU C 462 0.80 55.80 -14.94
C GLU C 462 -0.40 55.42 -14.06
N LYS C 463 -0.98 56.39 -13.39
CA LYS C 463 -2.19 56.21 -12.63
C LYS C 463 -3.30 56.94 -13.39
N THR C 464 -4.26 56.17 -13.91
CA THR C 464 -5.41 56.75 -14.62
C THR C 464 -6.57 56.88 -13.65
N SER C 465 -6.71 58.06 -13.08
CA SER C 465 -7.78 58.35 -12.15
C SER C 465 -9.12 58.48 -12.87
N LEU C 466 -10.17 57.93 -12.28
CA LEU C 466 -11.53 58.10 -12.78
C LEU C 466 -12.14 59.21 -11.94
N LYS C 467 -12.59 60.29 -12.58
CA LYS C 467 -13.09 61.45 -11.86
C LYS C 467 -14.48 61.79 -12.31
N THR C 468 -15.29 62.15 -11.34
CA THR C 468 -16.64 62.64 -11.57
C THR C 468 -16.60 64.12 -11.89
N VAL C 469 -17.31 64.51 -12.94
CA VAL C 469 -17.55 65.90 -13.29
C VAL C 469 -19.04 66.20 -13.20
N ARG C 470 -19.37 67.32 -12.58
CA ARG C 470 -20.76 67.74 -12.46
C ARG C 470 -21.04 68.82 -13.48
N ILE C 471 -22.10 68.64 -14.26
CA ILE C 471 -22.53 69.66 -15.20
C ILE C 471 -23.52 70.61 -14.51
N LYS C 472 -23.07 71.85 -14.33
CA LYS C 472 -23.84 72.93 -13.68
C LYS C 472 -24.53 73.91 -14.65
N ASP C 473 -24.04 74.00 -15.88
CA ASP C 473 -24.35 75.14 -16.78
C ASP C 473 -25.44 74.92 -17.83
N GLY C 474 -26.23 73.87 -17.71
CA GLY C 474 -27.30 73.60 -18.68
C GLY C 474 -26.86 73.17 -20.08
N SER C 475 -25.60 72.79 -20.23
CA SER C 475 -25.07 72.35 -21.53
C SER C 475 -25.40 70.86 -21.83
N SER C 476 -26.02 70.17 -20.86
CA SER C 476 -26.46 68.79 -21.06
C SER C 476 -27.65 68.47 -20.19
N LYS C 477 -28.44 67.50 -20.61
CA LYS C 477 -29.53 66.99 -19.82
C LYS C 477 -29.03 66.13 -18.65
N ARG C 478 -27.82 65.60 -18.78
CA ARG C 478 -27.14 64.87 -17.72
C ARG C 478 -26.59 65.85 -16.69
N LYS C 479 -26.66 65.47 -15.42
CA LYS C 479 -26.01 66.22 -14.34
C LYS C 479 -24.55 65.80 -14.15
N SER C 480 -24.17 64.64 -14.68
CA SER C 480 -22.84 64.12 -14.37
C SER C 480 -22.33 63.08 -15.34
N TYR C 481 -21.03 62.90 -15.30
CA TYR C 481 -20.33 61.84 -15.98
C TYR C 481 -18.96 61.70 -15.34
N TRP C 482 -18.30 60.58 -15.62
CA TRP C 482 -16.88 60.45 -15.28
C TRP C 482 -15.98 60.44 -16.50
N THR C 483 -14.75 60.89 -16.26
CA THR C 483 -13.70 60.85 -17.26
C THR C 483 -12.37 60.44 -16.63
N THR C 484 -11.35 60.28 -17.45
CA THR C 484 -10.04 59.90 -16.93
C THR C 484 -9.08 61.08 -16.88
N GLU C 485 -8.14 60.97 -15.95
CA GLU C 485 -7.04 61.92 -15.81
C GLU C 485 -5.81 61.06 -15.55
N THR C 486 -4.87 61.05 -16.49
CA THR C 486 -3.67 60.23 -16.39
C THR C 486 -2.49 61.04 -15.84
N GLN C 487 -1.88 60.54 -14.77
CA GLN C 487 -0.70 61.15 -14.19
C GLN C 487 0.45 60.16 -14.20
N THR C 488 1.61 60.60 -14.61
CA THR C 488 2.80 59.77 -14.56
C THR C 488 3.46 59.99 -13.23
N ALA C 489 3.71 58.91 -12.49
CA ALA C 489 4.48 59.01 -11.25
C ALA C 489 5.92 59.47 -11.52
N LYS C 490 6.33 60.57 -10.89
CA LYS C 490 7.67 61.13 -11.10
C LYS C 490 8.73 60.47 -10.22
N THR C 491 8.39 60.19 -8.97
CA THR C 491 9.33 59.55 -8.04
C THR C 491 8.63 58.46 -7.26
N GLU C 492 9.40 57.74 -6.46
CA GLU C 492 8.91 56.57 -5.73
C GLU C 492 7.77 56.89 -4.77
N SER C 493 7.78 58.06 -4.16
CA SER C 493 6.67 58.52 -3.30
C SER C 493 5.32 58.67 -4.03
N ASP C 494 5.35 58.99 -5.33
CA ASP C 494 4.14 59.07 -6.16
C ASP C 494 3.57 57.72 -6.58
N ALA C 495 4.32 56.64 -6.40
CA ALA C 495 3.90 55.30 -6.83
C ALA C 495 3.64 54.35 -5.65
N LYS C 496 3.38 54.88 -4.47
CA LYS C 496 2.96 54.08 -3.33
C LYS C 496 1.44 54.15 -3.24
N ILE C 497 0.78 53.05 -3.63
CA ILE C 497 -0.67 53.05 -3.82
C ILE C 497 -1.33 52.15 -2.78
N THR C 498 -2.32 52.73 -2.13
CA THR C 498 -3.27 52.04 -1.29
C THR C 498 -4.49 51.85 -2.14
N ILE C 499 -4.67 50.64 -2.65
CA ILE C 499 -5.79 50.32 -3.52
C ILE C 499 -7.11 50.48 -2.77
N GLY C 500 -8.10 51.06 -3.44
CA GLY C 500 -9.44 51.18 -2.89
C GLY C 500 -9.79 52.53 -2.28
N LEU C 501 -8.80 53.42 -2.15
CA LEU C 501 -9.02 54.78 -1.70
C LEU C 501 -9.69 55.63 -2.79
N ALA C 502 -9.21 55.52 -4.02
CA ALA C 502 -9.81 56.23 -5.15
C ALA C 502 -9.85 55.31 -6.36
N PRO C 503 -10.85 55.46 -7.21
CA PRO C 503 -10.92 54.62 -8.41
C PRO C 503 -9.85 55.02 -9.45
N ALA C 504 -9.10 54.04 -9.93
CA ALA C 504 -7.99 54.28 -10.84
C ALA C 504 -7.52 52.96 -11.47
N GLU C 505 -6.97 53.05 -12.68
CA GLU C 505 -6.26 51.95 -13.29
C GLU C 505 -4.77 52.25 -13.15
N LEU C 506 -4.02 51.20 -12.85
CA LEU C 506 -2.58 51.30 -12.63
C LEU C 506 -1.92 50.57 -13.77
N VAL C 507 -1.11 51.31 -14.53
CA VAL C 507 -0.56 50.86 -15.79
C VAL C 507 0.94 51.10 -15.84
N VAL C 508 1.72 50.09 -16.23
CA VAL C 508 3.11 50.32 -16.58
C VAL C 508 3.16 50.44 -18.10
N VAL C 509 3.72 51.56 -18.59
CA VAL C 509 3.82 51.82 -20.03
C VAL C 509 5.26 52.01 -20.52
N ASN C 510 5.46 51.88 -21.83
CA ASN C 510 6.68 52.33 -22.45
C ASN C 510 6.34 53.64 -23.17
N PRO C 511 6.82 54.78 -22.63
CA PRO C 511 6.48 56.08 -23.22
C PRO C 511 7.11 56.32 -24.58
N ASN C 512 8.06 55.47 -24.97
CA ASN C 512 8.81 55.61 -26.22
C ASN C 512 8.18 54.88 -27.37
N ILE C 513 7.22 54.00 -27.07
CA ILE C 513 6.60 53.14 -28.07
C ILE C 513 5.10 53.31 -28.01
N LYS C 514 4.52 53.68 -29.15
CA LYS C 514 3.11 53.96 -29.25
C LYS C 514 2.51 53.13 -30.37
N THR C 515 1.22 52.86 -30.25
CA THR C 515 0.47 52.23 -31.33
C THR C 515 0.33 53.23 -32.46
N ALA C 516 -0.14 52.76 -33.60
CA ALA C 516 -0.33 53.61 -34.77
C ALA C 516 -1.31 54.76 -34.50
N VAL C 517 -2.31 54.54 -33.62
CA VAL C 517 -3.21 55.64 -33.28
C VAL C 517 -2.63 56.54 -32.19
N GLY C 518 -1.57 56.12 -31.52
CA GLY C 518 -0.81 57.03 -30.66
C GLY C 518 -0.87 56.77 -29.16
N ASN C 519 -1.45 55.65 -28.74
CA ASN C 519 -1.49 55.28 -27.32
C ASN C 519 -0.19 54.61 -26.90
N GLU C 520 0.29 54.95 -25.72
CA GLU C 520 1.49 54.33 -25.16
C GLU C 520 1.24 52.84 -24.88
N VAL C 521 2.14 51.97 -25.31
CA VAL C 521 1.94 50.53 -25.08
C VAL C 521 2.08 50.28 -23.59
N GLY C 522 1.23 49.44 -23.01
CA GLY C 522 1.30 49.15 -21.58
C GLY C 522 0.65 47.86 -21.11
N TYR C 523 0.82 47.57 -19.82
CA TYR C 523 0.12 46.48 -19.13
C TYR C 523 -0.52 47.06 -17.86
N ARG C 524 -1.72 46.59 -17.50
CA ARG C 524 -2.43 47.05 -16.32
C ARG C 524 -2.67 45.97 -15.28
N LEU C 525 -2.68 46.37 -14.02
CA LEU C 525 -2.97 45.49 -12.90
C LEU C 525 -4.47 45.48 -12.62
N ILE C 526 -5.07 44.30 -12.64
CA ILE C 526 -6.44 44.13 -12.16
C ILE C 526 -6.27 43.32 -10.89
N PRO C 527 -6.35 43.98 -9.73
CA PRO C 527 -6.09 43.31 -8.44
C PRO C 527 -7.34 42.68 -7.86
N ALA C 528 -7.16 41.75 -6.93
CA ALA C 528 -8.27 41.27 -6.11
C ALA C 528 -8.55 42.30 -5.02
N ILE C 529 -9.63 42.08 -4.28
CA ILE C 529 -9.97 42.88 -3.11
C ILE C 529 -8.72 42.92 -2.20
N PRO C 530 -8.25 44.11 -1.87
CA PRO C 530 -6.96 44.28 -1.21
C PRO C 530 -7.07 44.02 0.28
N ALA C 531 -6.03 43.40 0.85
CA ALA C 531 -5.84 43.43 2.30
C ALA C 531 -4.90 44.59 2.64
N HIS C 532 -5.22 45.30 3.72
CA HIS C 532 -4.32 46.33 4.24
C HIS C 532 -3.85 45.88 5.62
N PRO C 533 -2.68 46.36 6.06
CA PRO C 533 -2.18 46.05 7.40
C PRO C 533 -3.14 46.51 8.48
N LEU C 534 -3.29 45.71 9.52
CA LEU C 534 -4.09 46.07 10.68
C LEU C 534 -3.24 46.22 11.96
N LEU C 535 -1.96 45.88 11.87
CA LEU C 535 -1.01 46.28 12.89
C LEU C 535 -0.76 47.78 12.76
N THR C 536 -0.34 48.43 13.85
CA THR C 536 0.06 49.82 13.77
C THR C 536 1.43 49.94 13.11
N GLU C 537 1.68 51.13 12.53
CA GLU C 537 2.88 51.38 11.74
C GLU C 537 4.17 51.24 12.56
N ASP C 538 4.05 51.53 13.85
CA ASP C 538 5.15 51.46 14.80
C ASP C 538 5.30 50.13 15.54
N ASP C 539 4.41 49.16 15.30
CA ASP C 539 4.57 47.83 15.91
C ASP C 539 5.77 47.15 15.28
N TYR C 540 6.55 46.43 16.09
CA TYR C 540 7.84 45.89 15.64
C TYR C 540 7.73 44.92 14.44
N PRO C 541 6.75 44.03 14.42
CA PRO C 541 6.54 43.19 13.23
C PRO C 541 6.17 44.03 12.01
N GLN C 542 5.43 45.11 12.21
CA GLN C 542 5.02 45.93 11.07
C GLN C 542 6.12 46.78 10.51
N ILE C 543 7.09 47.13 11.34
CA ILE C 543 8.31 47.80 10.90
C ILE C 543 9.14 46.81 10.06
N ARG C 544 9.29 45.60 10.58
CA ARG C 544 10.04 44.57 9.86
C ARG C 544 9.33 44.18 8.56
N GLY C 545 8.00 44.22 8.59
CA GLY C 545 7.17 43.92 7.43
C GLY C 545 6.59 45.16 6.81
N ALA C 546 7.34 46.27 6.82
CA ALA C 546 6.85 47.53 6.30
C ALA C 546 6.65 47.51 4.78
N PHE C 547 7.13 46.46 4.10
CA PHE C 547 6.81 46.30 2.68
C PHE C 547 5.31 46.09 2.41
N THR C 548 4.55 45.70 3.45
CA THR C 548 3.08 45.60 3.38
C THR C 548 2.34 46.93 3.53
N ASN C 549 3.07 48.01 3.78
CA ASN C 549 2.42 49.31 4.02
C ASN C 549 1.61 49.85 2.81
N TYR C 550 1.91 49.36 1.61
CA TYR C 550 1.12 49.71 0.43
C TYR C 550 0.87 48.47 -0.43
N ASN C 551 -0.19 48.52 -1.21
CA ASN C 551 -0.54 47.41 -2.09
C ASN C 551 0.29 47.39 -3.37
N VAL C 552 0.72 48.56 -3.82
CA VAL C 552 1.59 48.65 -4.98
C VAL C 552 2.67 49.66 -4.70
N TRP C 553 3.90 49.32 -5.10
CA TRP C 553 5.03 50.24 -5.08
C TRP C 553 5.73 50.16 -6.44
N VAL C 554 6.43 51.24 -6.82
CA VAL C 554 7.33 51.21 -7.96
C VAL C 554 8.68 51.81 -7.54
N THR C 555 9.76 51.07 -7.82
CA THR C 555 11.12 51.53 -7.59
C THR C 555 11.93 51.58 -8.88
N ALA C 556 13.02 52.31 -8.86
CA ALA C 556 14.03 52.24 -9.91
C ALA C 556 14.72 50.88 -9.82
N TYR C 557 14.95 50.24 -10.95
CA TYR C 557 15.65 48.98 -10.97
C TYR C 557 16.99 49.10 -10.27
N ASN C 558 17.24 48.13 -9.40
CA ASN C 558 18.49 48.05 -8.67
C ASN C 558 18.80 46.58 -8.39
N ARG C 559 19.91 46.10 -8.93
CA ARG C 559 20.36 44.72 -8.80
C ARG C 559 20.30 44.17 -7.38
N THR C 560 20.77 44.97 -6.43
CA THR C 560 20.87 44.55 -5.03
C THR C 560 19.54 44.57 -4.24
N GLU C 561 18.50 45.21 -4.80
CA GLU C 561 17.17 45.27 -4.17
C GLU C 561 16.33 44.11 -4.66
N LYS C 562 16.33 43.04 -3.87
CA LYS C 562 15.76 41.74 -4.23
C LYS C 562 14.70 41.24 -3.25
N TRP C 563 14.91 41.50 -1.96
CA TRP C 563 14.17 40.88 -0.87
C TRP C 563 13.54 41.97 0.00
N ALA C 564 12.22 42.04 0.02
CA ALA C 564 11.50 43.24 0.45
C ALA C 564 11.55 43.46 1.95
N GLY C 565 11.76 42.38 2.69
CA GLY C 565 11.99 42.44 4.11
C GLY C 565 13.46 42.59 4.50
N GLY C 566 14.32 42.79 3.51
CA GLY C 566 15.76 42.88 3.75
C GLY C 566 16.48 41.58 3.47
N LEU C 567 17.79 41.68 3.27
CA LEU C 567 18.60 40.50 2.96
C LEU C 567 18.63 39.52 4.14
N TYR C 568 18.65 40.04 5.37
CA TYR C 568 18.69 39.23 6.57
C TYR C 568 17.45 39.50 7.39
N VAL C 569 16.55 38.52 7.43
CA VAL C 569 15.19 38.73 7.95
C VAL C 569 15.01 38.22 9.37
N ASP C 570 15.67 37.14 9.74
CA ASP C 570 15.54 36.57 11.07
C ASP C 570 16.15 37.56 12.10
N HIS C 571 15.33 38.02 13.04
CA HIS C 571 15.71 39.01 14.07
C HIS C 571 16.06 40.34 13.44
N SER C 572 15.43 40.65 12.29
CA SER C 572 15.70 41.92 11.61
C SER C 572 15.14 43.09 12.40
N ARG C 573 15.69 44.26 12.16
CA ARG C 573 15.25 45.47 12.83
C ARG C 573 14.46 46.34 11.88
N GLY C 574 14.32 45.89 10.64
CA GLY C 574 13.54 46.60 9.64
C GLY C 574 14.24 47.83 9.06
N ASP C 575 15.57 47.84 9.14
CA ASP C 575 16.38 48.91 8.57
C ASP C 575 16.83 48.62 7.11
N ASP C 576 16.33 47.53 6.53
CA ASP C 576 16.70 47.16 5.15
C ASP C 576 15.50 46.67 4.34
N THR C 577 14.33 47.30 4.52
CA THR C 577 13.12 46.91 3.79
C THR C 577 12.85 47.84 2.62
N LEU C 578 11.94 47.39 1.75
CA LEU C 578 11.38 48.20 0.66
C LEU C 578 10.98 49.59 1.11
N ALA C 579 10.35 49.70 2.28
CA ALA C 579 9.98 51.02 2.82
C ALA C 579 11.20 51.91 3.01
N VAL C 580 12.27 51.33 3.56
CA VAL C 580 13.48 52.10 3.82
C VAL C 580 14.13 52.51 2.50
N TRP C 581 14.23 51.60 1.54
CA TRP C 581 14.87 51.93 0.26
C TRP C 581 14.20 53.14 -0.41
N THR C 582 12.88 53.18 -0.39
CA THR C 582 12.13 54.20 -1.11
C THR C 582 12.17 55.59 -0.42
N LYS C 583 12.81 55.69 0.75
CA LYS C 583 13.05 56.98 1.38
C LYS C 583 14.03 57.82 0.55
N GLN C 584 14.88 57.17 -0.24
CA GLN C 584 15.67 57.85 -1.27
C GLN C 584 14.79 58.63 -2.27
N ASN C 585 13.56 58.14 -2.48
CA ASN C 585 12.59 58.79 -3.37
C ASN C 585 13.17 59.08 -4.76
N ARG C 586 13.67 58.03 -5.39
CA ARG C 586 14.33 58.14 -6.68
C ARG C 586 13.33 58.44 -7.80
N GLU C 587 13.85 58.93 -8.92
CA GLU C 587 13.03 59.22 -10.10
C GLU C 587 12.71 57.91 -10.81
N ILE C 588 11.52 57.80 -11.38
CA ILE C 588 11.07 56.56 -12.02
C ILE C 588 10.36 56.82 -13.35
N VAL C 589 10.81 57.87 -14.05
CA VAL C 589 10.22 58.28 -15.32
C VAL C 589 11.12 57.81 -16.46
N ASN C 590 10.53 57.08 -17.40
CA ASN C 590 11.21 56.65 -18.61
C ASN C 590 12.57 56.05 -18.33
N LYS C 591 12.57 55.02 -17.51
CA LYS C 591 13.77 54.34 -17.08
C LYS C 591 13.40 52.92 -16.62
N ASP C 592 14.41 52.10 -16.33
CA ASP C 592 14.17 50.74 -15.91
C ASP C 592 13.58 50.77 -14.48
N ILE C 593 12.31 50.34 -14.37
CA ILE C 593 11.57 50.34 -13.12
C ILE C 593 11.02 48.96 -12.82
N VAL C 594 10.62 48.78 -11.57
CA VAL C 594 10.11 47.52 -11.05
C VAL C 594 8.86 47.81 -10.26
N MET C 595 7.83 46.97 -10.44
CA MET C 595 6.63 47.06 -9.62
C MET C 595 6.68 45.98 -8.53
N TRP C 596 6.25 46.36 -7.35
CA TRP C 596 6.06 45.42 -6.24
C TRP C 596 4.58 45.46 -5.89
N HIS C 597 3.95 44.30 -5.81
CA HIS C 597 2.50 44.21 -5.53
C HIS C 597 2.26 43.29 -4.33
N VAL C 598 1.69 43.84 -3.26
CA VAL C 598 1.40 43.10 -2.04
C VAL C 598 -0.02 42.56 -2.13
N VAL C 599 -0.17 41.24 -1.98
CA VAL C 599 -1.48 40.60 -1.96
C VAL C 599 -1.63 39.87 -0.63
N GLY C 600 -2.86 39.75 -0.17
CA GLY C 600 -3.06 39.12 1.10
C GLY C 600 -4.49 38.91 1.51
N ILE C 601 -4.67 38.15 2.58
CA ILE C 601 -5.96 38.02 3.23
C ILE C 601 -5.85 38.18 4.73
N HIS C 602 -6.98 38.52 5.32
CA HIS C 602 -7.18 38.43 6.76
C HIS C 602 -7.91 37.13 7.00
N HIS C 603 -7.34 36.25 7.82
CA HIS C 603 -7.92 34.96 8.07
C HIS C 603 -8.62 34.94 9.42
N VAL C 604 -9.94 34.90 9.37
CA VAL C 604 -10.80 34.68 10.52
C VAL C 604 -11.21 33.21 10.44
N PRO C 605 -10.57 32.33 11.20
CA PRO C 605 -10.82 30.89 11.02
C PRO C 605 -12.28 30.51 11.22
N ALA C 606 -12.71 29.52 10.45
CA ALA C 606 -14.03 28.98 10.52
C ALA C 606 -13.92 27.47 10.68
N GLN C 607 -15.02 26.82 11.10
CA GLN C 607 -14.97 25.40 11.41
C GLN C 607 -14.68 24.57 10.18
N GLU C 608 -15.00 25.10 8.99
CA GLU C 608 -14.71 24.41 7.75
C GLU C 608 -13.22 24.29 7.49
N ASP C 609 -12.42 25.17 8.09
CA ASP C 609 -10.96 25.10 7.98
C ASP C 609 -10.35 23.95 8.81
N PHE C 610 -11.17 23.28 9.61
CA PHE C 610 -10.69 22.29 10.57
C PHE C 610 -11.19 20.92 10.16
N PRO C 611 -10.39 19.84 10.28
CA PRO C 611 -9.00 19.84 10.75
C PRO C 611 -7.96 20.09 9.66
N ILE C 612 -8.44 20.31 8.44
CA ILE C 612 -7.62 20.70 7.31
C ILE C 612 -8.50 21.57 6.40
N MET C 613 -7.90 22.52 5.70
CA MET C 613 -8.70 23.58 5.06
C MET C 613 -8.91 23.52 3.57
N PRO C 614 -10.16 23.65 3.14
CA PRO C 614 -10.45 23.73 1.71
C PRO C 614 -9.73 24.93 1.12
N LEU C 615 -9.28 24.76 -0.13
CA LEU C 615 -8.49 25.74 -0.84
C LEU C 615 -9.22 27.08 -0.84
N LEU C 616 -8.48 28.15 -0.51
CA LEU C 616 -8.91 29.51 -0.71
C LEU C 616 -8.04 30.11 -1.77
N SER C 617 -8.63 30.47 -2.90
CA SER C 617 -7.89 30.94 -4.09
C SER C 617 -7.90 32.46 -4.22
N THR C 618 -6.72 33.02 -4.51
CA THR C 618 -6.61 34.43 -4.86
C THR C 618 -5.77 34.58 -6.12
N SER C 619 -5.97 35.71 -6.78
CA SER C 619 -5.39 35.95 -8.08
C SER C 619 -5.35 37.44 -8.36
N PHE C 620 -4.43 37.84 -9.23
CA PHE C 620 -4.56 39.08 -9.98
C PHE C 620 -4.18 38.85 -11.44
N GLU C 621 -4.55 39.81 -12.30
CA GLU C 621 -4.31 39.75 -13.75
C GLU C 621 -3.41 40.91 -14.17
N LEU C 622 -2.48 40.61 -15.06
CA LEU C 622 -1.66 41.61 -15.72
C LEU C 622 -2.12 41.59 -17.18
N ARG C 623 -2.86 42.63 -17.58
CA ARG C 623 -3.63 42.62 -18.81
C ARG C 623 -3.09 43.65 -19.79
N PRO C 624 -2.81 43.24 -21.03
CA PRO C 624 -2.28 44.18 -22.01
C PRO C 624 -3.25 45.30 -22.24
N THR C 625 -2.71 46.52 -22.32
CA THR C 625 -3.51 47.74 -22.34
C THR C 625 -2.89 48.68 -23.36
N ASN C 626 -3.45 48.69 -24.56
CA ASN C 626 -2.83 49.37 -25.70
C ASN C 626 -1.44 48.87 -26.02
N PHE C 627 -1.12 47.65 -25.59
CA PHE C 627 0.13 47.00 -25.94
C PHE C 627 0.10 46.56 -27.37
N PHE C 628 -1.02 45.98 -27.78
CA PHE C 628 -1.25 45.55 -29.17
C PHE C 628 -2.11 46.57 -29.95
N GLU C 629 -1.99 46.58 -31.28
CA GLU C 629 -2.77 47.49 -32.12
C GLU C 629 -4.24 47.17 -31.98
N ARG C 630 -4.54 45.88 -31.82
CA ARG C 630 -5.90 45.38 -31.68
C ARG C 630 -5.86 44.04 -30.97
N ASN C 631 -7.03 43.48 -30.66
CA ASN C 631 -7.18 42.18 -30.00
C ASN C 631 -6.14 41.18 -30.55
N PRO C 632 -5.17 40.76 -29.75
CA PRO C 632 -4.11 39.87 -30.26
C PRO C 632 -4.58 38.47 -30.62
N VAL C 633 -5.75 38.07 -30.15
CA VAL C 633 -6.31 36.79 -30.49
C VAL C 633 -7.49 36.92 -31.46
N LEU C 634 -7.55 38.02 -32.20
CA LEU C 634 -8.60 38.17 -33.22
C LEU C 634 -8.55 37.06 -34.27
N LYS C 635 -7.33 36.58 -34.53
CA LYS C 635 -7.06 35.57 -35.56
C LYS C 635 -6.58 34.26 -34.96
N THR C 636 -6.97 33.97 -33.72
CA THR C 636 -6.61 32.72 -33.06
C THR C 636 -7.79 31.76 -33.15
N LEU C 637 -7.52 30.57 -33.65
CA LEU C 637 -8.56 29.57 -33.83
C LEU C 637 -8.69 28.70 -32.56
N SER C 638 -9.92 28.31 -32.26
CA SER C 638 -10.20 27.39 -31.19
C SER C 638 -9.49 26.05 -31.43
N PRO C 639 -9.11 25.32 -30.39
CA PRO C 639 -8.62 23.95 -30.60
C PRO C 639 -9.70 23.07 -31.31
N ARG C 640 -9.24 22.21 -32.21
CA ARG C 640 -10.14 21.35 -33.00
C ARG C 640 -10.96 20.43 -32.11
N ASP C 641 -12.18 20.13 -32.55
CA ASP C 641 -12.99 19.09 -31.92
C ASP C 641 -12.48 17.73 -32.37
N VAL C 642 -12.26 16.82 -31.41
CA VAL C 642 -11.81 15.46 -31.72
C VAL C 642 -12.63 14.38 -30.98
N ALA C 643 -13.26 13.48 -31.76
CA ALA C 643 -14.05 12.40 -31.20
C ALA C 643 -13.14 11.46 -30.41
N TRP C 644 -13.62 11.02 -29.24
CA TRP C 644 -12.91 10.07 -28.40
C TRP C 644 -12.71 8.75 -29.17
N PRO C 645 -11.56 8.06 -29.08
CA PRO C 645 -10.41 8.40 -28.23
C PRO C 645 -9.24 9.09 -28.94
N GLY C 646 -9.51 9.77 -30.03
CA GLY C 646 -8.52 10.63 -30.65
C GLY C 646 -7.68 9.96 -31.72
N CYS C 647 -8.31 9.05 -32.47
CA CYS C 647 -7.70 8.47 -33.67
C CYS C 647 -8.75 7.77 -34.53
N VAL D 6 -44.52 15.29 -12.44
CA VAL D 6 -43.38 15.54 -13.37
C VAL D 6 -43.06 17.05 -13.43
N GLN D 7 -44.05 17.89 -13.71
CA GLN D 7 -43.82 19.35 -13.69
C GLN D 7 -43.61 19.86 -12.25
N HIS D 8 -42.47 20.52 -12.03
CA HIS D 8 -42.16 21.17 -10.76
C HIS D 8 -42.77 22.58 -10.75
N PRO D 9 -43.35 23.04 -9.65
CA PRO D 9 -43.98 24.38 -9.61
C PRO D 9 -43.09 25.57 -10.03
N LEU D 10 -41.79 25.43 -10.00
CA LEU D 10 -40.88 26.51 -10.35
C LEU D 10 -40.37 26.40 -11.78
N ASP D 11 -40.79 25.35 -12.49
CA ASP D 11 -40.34 25.16 -13.87
C ASP D 11 -40.62 26.38 -14.74
N PRO D 12 -39.79 26.59 -15.76
CA PRO D 12 -40.13 27.63 -16.74
C PRO D 12 -41.42 27.31 -17.47
N LEU D 13 -42.03 28.36 -18.01
CA LEU D 13 -43.18 28.23 -18.87
C LEU D 13 -42.84 27.38 -20.10
N THR D 14 -43.70 26.39 -20.36
CA THR D 14 -43.60 25.51 -21.53
C THR D 14 -44.28 26.15 -22.73
N LYS D 15 -44.02 25.56 -23.89
CA LYS D 15 -44.67 25.94 -25.12
C LYS D 15 -46.19 25.98 -24.92
N GLU D 16 -46.75 24.90 -24.35
CA GLU D 16 -48.20 24.76 -24.15
C GLU D 16 -48.77 25.90 -23.27
N GLU D 17 -48.01 26.32 -22.27
CA GLU D 17 -48.47 27.33 -21.33
C GLU D 17 -48.44 28.70 -21.97
N PHE D 18 -47.47 28.95 -22.84
CA PHE D 18 -47.45 30.20 -23.59
C PHE D 18 -48.65 30.28 -24.51
N LEU D 19 -48.94 29.20 -25.23
CA LEU D 19 -50.11 29.14 -26.12
C LEU D 19 -51.44 29.36 -25.40
N ALA D 20 -51.55 28.86 -24.17
CA ALA D 20 -52.78 28.99 -23.39
C ALA D 20 -52.92 30.44 -22.93
N VAL D 21 -51.82 31.05 -22.52
CA VAL D 21 -51.86 32.46 -22.14
C VAL D 21 -52.28 33.30 -23.33
N GLN D 22 -51.67 33.05 -24.49
CA GLN D 22 -51.98 33.77 -25.73
C GLN D 22 -53.48 33.70 -26.00
N THR D 23 -54.01 32.48 -25.95
CA THR D 23 -55.42 32.23 -26.19
C THR D 23 -56.31 32.92 -25.17
N ILE D 24 -56.00 32.78 -23.88
CA ILE D 24 -56.84 33.36 -22.82
C ILE D 24 -56.90 34.89 -22.91
N VAL D 25 -55.78 35.53 -23.23
CA VAL D 25 -55.74 36.98 -23.30
C VAL D 25 -56.42 37.47 -24.58
N GLN D 26 -56.13 36.81 -25.72
CA GLN D 26 -56.83 37.11 -26.99
C GLN D 26 -58.35 36.98 -26.88
N ASN D 27 -58.82 36.02 -26.11
CA ASN D 27 -60.26 35.79 -25.99
C ASN D 27 -60.97 36.96 -25.30
N LYS D 28 -60.29 37.63 -24.37
CA LYS D 28 -60.81 38.86 -23.76
C LYS D 28 -60.57 40.08 -24.64
N TYR D 29 -59.46 40.09 -25.37
CA TYR D 29 -59.06 41.22 -26.22
C TYR D 29 -58.75 40.68 -27.60
N PRO D 30 -59.78 40.41 -28.40
CA PRO D 30 -59.58 39.89 -29.76
C PRO D 30 -58.76 40.86 -30.60
N ILE D 31 -57.90 40.33 -31.46
CA ILE D 31 -57.03 41.15 -32.31
C ILE D 31 -57.79 41.87 -33.42
N SER D 32 -59.02 41.44 -33.69
CA SER D 32 -59.86 42.13 -34.67
C SER D 32 -60.22 43.54 -34.24
N ASN D 33 -60.42 43.79 -32.95
CA ASN D 33 -60.71 45.16 -32.50
C ASN D 33 -59.89 45.62 -31.29
N ASN D 34 -58.70 45.03 -31.13
CA ASN D 34 -57.71 45.48 -30.16
C ASN D 34 -56.29 45.38 -30.74
N ARG D 35 -55.47 46.38 -30.44
CA ARG D 35 -54.03 46.31 -30.69
C ARG D 35 -53.39 45.72 -29.45
N LEU D 36 -52.82 44.52 -29.59
CA LEU D 36 -52.40 43.73 -28.47
C LEU D 36 -50.92 43.33 -28.60
N ALA D 37 -50.13 43.68 -27.61
CA ALA D 37 -48.71 43.33 -27.55
C ALA D 37 -48.37 42.79 -26.16
N PHE D 38 -47.78 41.60 -26.15
CA PHE D 38 -47.29 40.97 -24.94
C PHE D 38 -45.82 41.37 -24.72
N HIS D 39 -45.56 42.09 -23.63
CA HIS D 39 -44.19 42.56 -23.31
C HIS D 39 -43.51 41.73 -22.24
N TYR D 40 -44.30 41.01 -21.44
CA TYR D 40 -43.78 40.07 -20.49
C TYR D 40 -44.81 38.96 -20.24
N ILE D 41 -44.39 37.70 -20.31
CA ILE D 41 -45.20 36.56 -19.84
C ILE D 41 -44.31 35.68 -18.99
N GLY D 42 -44.62 35.58 -17.70
CA GLY D 42 -43.79 34.78 -16.80
C GLY D 42 -44.59 34.10 -15.72
N LEU D 43 -43.90 33.28 -14.93
CA LEU D 43 -44.51 32.58 -13.83
C LEU D 43 -44.72 33.57 -12.70
N ASP D 44 -45.93 33.67 -12.21
CA ASP D 44 -46.20 34.37 -10.96
C ASP D 44 -45.64 33.51 -9.82
N ASP D 45 -44.64 34.02 -9.11
CA ASP D 45 -43.96 33.26 -8.07
C ASP D 45 -44.98 32.62 -7.10
N PRO D 46 -44.96 31.30 -6.96
CA PRO D 46 -45.79 30.64 -5.97
C PRO D 46 -45.38 31.11 -4.60
N GLU D 47 -46.33 31.08 -3.66
CA GLU D 47 -46.07 31.52 -2.30
C GLU D 47 -45.03 30.59 -1.69
N LYS D 48 -44.05 31.14 -0.98
CA LYS D 48 -42.90 30.37 -0.49
C LYS D 48 -43.34 29.26 0.47
N ASP D 49 -44.22 29.60 1.40
CA ASP D 49 -44.78 28.60 2.33
C ASP D 49 -45.37 27.37 1.61
N HIS D 50 -46.03 27.57 0.47
CA HIS D 50 -46.53 26.47 -0.38
C HIS D 50 -45.39 25.65 -1.05
N VAL D 51 -44.39 26.33 -1.59
CA VAL D 51 -43.25 25.63 -2.20
C VAL D 51 -42.54 24.76 -1.17
N LEU D 52 -42.36 25.26 0.06
CA LEU D 52 -41.66 24.50 1.10
C LEU D 52 -42.46 23.26 1.48
N ARG D 53 -43.79 23.41 1.53
CA ARG D 53 -44.71 22.29 1.76
C ARG D 53 -44.57 21.26 0.61
N TYR D 54 -44.54 21.74 -0.64
CA TYR D 54 -44.36 20.84 -1.78
C TYR D 54 -43.06 20.04 -1.74
N GLU D 55 -41.95 20.66 -1.32
CA GLU D 55 -40.66 19.98 -1.24
C GLU D 55 -40.73 18.75 -0.36
N THR D 56 -41.41 18.87 0.77
CA THR D 56 -41.51 17.75 1.72
C THR D 56 -42.50 16.67 1.28
N HIS D 57 -43.50 17.03 0.49
CA HIS D 57 -44.45 16.04 -0.04
C HIS D 57 -44.80 16.34 -1.51
N PRO D 58 -43.86 16.12 -2.41
CA PRO D 58 -44.00 16.57 -3.81
C PRO D 58 -45.00 15.78 -4.64
N THR D 59 -45.42 14.61 -4.20
CA THR D 59 -46.47 13.84 -4.89
C THR D 59 -47.87 14.25 -4.45
N LEU D 60 -47.97 14.94 -3.31
CA LEU D 60 -49.24 15.27 -2.67
C LEU D 60 -49.67 16.75 -2.79
N VAL D 61 -48.71 17.67 -2.72
CA VAL D 61 -49.03 19.10 -2.69
C VAL D 61 -49.27 19.63 -4.11
N SER D 62 -50.40 20.28 -4.29
CA SER D 62 -50.83 20.74 -5.58
C SER D 62 -50.77 22.27 -5.61
N ILE D 63 -49.94 22.81 -6.49
CA ILE D 63 -49.87 24.25 -6.66
C ILE D 63 -50.31 24.60 -8.08
N PRO D 64 -51.30 25.47 -8.23
CA PRO D 64 -51.70 25.92 -9.56
C PRO D 64 -50.62 26.77 -10.21
N ARG D 65 -50.41 26.54 -11.49
CA ARG D 65 -49.56 27.41 -12.27
C ARG D 65 -50.28 28.73 -12.46
N LYS D 66 -49.75 29.81 -11.89
CA LYS D 66 -50.26 31.16 -12.13
C LYS D 66 -49.24 31.93 -13.01
N ILE D 67 -49.75 32.75 -13.92
CA ILE D 67 -48.96 33.46 -14.92
C ILE D 67 -49.18 34.96 -14.76
N PHE D 68 -48.11 35.74 -14.78
CA PHE D 68 -48.22 37.18 -14.78
C PHE D 68 -47.88 37.68 -16.17
N VAL D 69 -48.72 38.56 -16.70
CA VAL D 69 -48.60 39.08 -18.04
C VAL D 69 -48.57 40.60 -18.00
N VAL D 70 -47.62 41.20 -18.71
CA VAL D 70 -47.63 42.63 -18.95
C VAL D 70 -47.86 42.83 -20.45
N ALA D 71 -48.94 43.52 -20.77
CA ALA D 71 -49.38 43.70 -22.14
C ALA D 71 -49.73 45.15 -22.37
N ILE D 72 -49.36 45.68 -23.53
CA ILE D 72 -49.87 46.97 -23.95
C ILE D 72 -51.05 46.69 -24.87
N ILE D 73 -52.23 47.08 -24.41
CA ILE D 73 -53.48 46.89 -25.13
C ILE D 73 -54.11 48.24 -25.42
N ASN D 74 -54.22 48.58 -26.70
CA ASN D 74 -54.76 49.87 -27.11
C ASN D 74 -54.03 50.99 -26.38
N SER D 75 -52.70 50.92 -26.38
CA SER D 75 -51.83 51.96 -25.83
C SER D 75 -51.98 52.19 -24.31
N GLN D 76 -52.48 51.19 -23.60
CA GLN D 76 -52.50 51.21 -22.14
C GLN D 76 -51.83 49.93 -21.62
N THR D 77 -51.08 50.08 -20.54
CA THR D 77 -50.34 48.97 -19.98
C THR D 77 -51.27 48.23 -19.02
N HIS D 78 -51.45 46.94 -19.28
CA HIS D 78 -52.29 46.06 -18.48
C HIS D 78 -51.44 45.04 -17.74
N GLU D 79 -51.80 44.82 -16.47
CA GLU D 79 -51.18 43.79 -15.63
C GLU D 79 -52.20 42.71 -15.46
N ILE D 80 -51.91 41.51 -15.99
CA ILE D 80 -52.88 40.44 -16.02
C ILE D 80 -52.32 39.23 -15.29
N LEU D 81 -53.09 38.73 -14.33
CA LEU D 81 -52.76 37.52 -13.61
C LEU D 81 -53.68 36.44 -14.11
N ILE D 82 -53.12 35.29 -14.48
CA ILE D 82 -53.92 34.18 -14.99
C ILE D 82 -53.68 32.96 -14.10
N ASN D 83 -54.73 32.22 -13.78
CA ASN D 83 -54.61 30.91 -13.19
C ASN D 83 -54.82 29.89 -14.31
N LEU D 84 -53.74 29.23 -14.72
CA LEU D 84 -53.77 28.31 -15.83
C LEU D 84 -54.45 26.97 -15.54
N ARG D 85 -54.51 26.57 -14.28
CA ARG D 85 -55.19 25.34 -13.91
C ARG D 85 -56.64 25.40 -14.42
N ILE D 86 -57.29 26.54 -14.18
CA ILE D 86 -58.66 26.74 -14.56
C ILE D 86 -58.82 27.71 -15.75
N ARG D 87 -57.70 28.13 -16.32
CA ARG D 87 -57.67 28.97 -17.53
C ARG D 87 -58.57 30.20 -17.39
N SER D 88 -58.35 30.95 -16.32
CA SER D 88 -59.13 32.13 -16.06
C SER D 88 -58.22 33.29 -15.73
N ILE D 89 -58.70 34.50 -16.05
CA ILE D 89 -58.03 35.72 -15.64
C ILE D 89 -58.54 36.11 -14.26
N VAL D 90 -57.64 36.10 -13.27
CA VAL D 90 -58.01 36.43 -11.88
C VAL D 90 -57.99 37.95 -11.64
N SER D 91 -57.09 38.66 -12.30
CA SER D 91 -57.09 40.14 -12.27
C SER D 91 -56.48 40.76 -13.53
N ASP D 92 -56.94 41.98 -13.81
CA ASP D 92 -56.58 42.74 -15.02
C ASP D 92 -56.68 44.21 -14.59
N ASN D 93 -55.54 44.81 -14.31
CA ASN D 93 -55.49 46.20 -13.86
C ASN D 93 -54.61 47.02 -14.78
N ILE D 94 -54.95 48.29 -14.94
CA ILE D 94 -54.16 49.23 -15.72
C ILE D 94 -53.07 49.84 -14.83
N HIS D 95 -51.85 49.88 -15.34
CA HIS D 95 -50.73 50.51 -14.63
C HIS D 95 -50.91 52.01 -14.81
N ASN D 96 -51.04 52.74 -13.71
CA ASN D 96 -51.20 54.20 -13.79
C ASN D 96 -49.93 55.01 -13.47
N GLY D 97 -48.89 54.36 -12.96
CA GLY D 97 -47.65 55.02 -12.61
C GLY D 97 -46.77 55.41 -13.80
N TYR D 98 -45.52 55.80 -13.51
CA TYR D 98 -44.57 56.14 -14.57
C TYR D 98 -43.84 54.90 -15.03
N GLY D 99 -43.25 55.01 -16.22
CA GLY D 99 -42.41 53.96 -16.78
C GLY D 99 -43.18 52.96 -17.62
N PHE D 100 -42.43 52.16 -18.37
CA PHE D 100 -43.03 51.32 -19.38
C PHE D 100 -42.38 49.94 -19.38
N PRO D 101 -43.05 48.95 -19.97
CA PRO D 101 -42.53 47.58 -19.98
C PRO D 101 -41.30 47.38 -20.84
N ILE D 102 -40.80 46.15 -20.77
CA ILE D 102 -39.71 45.67 -21.60
C ILE D 102 -40.09 45.88 -23.04
N LEU D 103 -39.19 46.48 -23.83
CA LEU D 103 -39.39 46.62 -25.26
C LEU D 103 -39.51 45.25 -25.93
N SER D 104 -40.39 45.12 -26.93
CA SER D 104 -40.50 43.87 -27.67
C SER D 104 -39.53 43.87 -28.83
N VAL D 105 -39.13 42.67 -29.23
CA VAL D 105 -38.32 42.47 -30.43
C VAL D 105 -39.05 42.95 -31.70
N ASP D 106 -40.35 42.69 -31.81
CA ASP D 106 -41.07 43.03 -33.05
C ASP D 106 -41.16 44.54 -33.29
N GLU D 107 -41.43 45.32 -32.25
CA GLU D 107 -41.56 46.77 -32.44
C GLU D 107 -40.21 47.42 -32.77
N GLN D 108 -39.14 46.90 -32.20
CA GLN D 108 -37.81 47.35 -32.55
C GLN D 108 -37.48 47.05 -33.99
N SER D 109 -37.86 45.86 -34.49
CA SER D 109 -37.63 45.49 -35.90
C SER D 109 -38.28 46.50 -36.84
N LEU D 110 -39.46 47.00 -36.45
CA LEU D 110 -40.19 47.99 -37.23
C LEU D 110 -39.55 49.37 -37.05
N ALA D 111 -39.13 49.71 -35.83
CA ALA D 111 -38.57 51.03 -35.57
C ALA D 111 -37.28 51.27 -36.33
N ILE D 112 -36.48 50.22 -36.51
CA ILE D 112 -35.16 50.37 -37.13
C ILE D 112 -35.23 50.55 -38.65
N LYS D 113 -36.37 50.26 -39.26
CA LYS D 113 -36.58 50.51 -40.69
C LYS D 113 -36.93 51.96 -41.01
N LEU D 114 -37.45 52.68 -40.03
CA LEU D 114 -37.97 54.03 -40.26
C LEU D 114 -36.96 55.01 -40.88
N PRO D 115 -35.73 55.07 -40.37
CA PRO D 115 -34.75 56.01 -40.93
C PRO D 115 -34.52 55.79 -42.44
N LEU D 116 -34.58 54.54 -42.90
CA LEU D 116 -34.27 54.22 -44.30
C LEU D 116 -35.30 54.75 -45.30
N LYS D 117 -36.50 55.09 -44.84
CA LYS D 117 -37.55 55.71 -45.67
C LYS D 117 -37.83 57.18 -45.28
N TYR D 118 -37.04 57.73 -44.37
CA TYR D 118 -37.29 59.06 -43.83
C TYR D 118 -36.48 60.07 -44.64
N PRO D 119 -37.12 60.92 -45.46
CA PRO D 119 -36.38 61.75 -46.41
C PRO D 119 -35.23 62.59 -45.80
N PRO D 120 -35.38 63.25 -44.66
CA PRO D 120 -34.22 63.93 -44.07
C PRO D 120 -33.03 62.98 -43.73
N PHE D 121 -33.29 61.74 -43.34
CA PHE D 121 -32.20 60.78 -43.18
C PHE D 121 -31.54 60.43 -44.49
N ILE D 122 -32.38 60.13 -45.49
CA ILE D 122 -31.92 59.81 -46.84
C ILE D 122 -31.01 60.94 -47.35
N ASP D 123 -31.44 62.19 -47.18
CA ASP D 123 -30.63 63.34 -47.60
C ASP D 123 -29.34 63.48 -46.76
N SER D 124 -29.42 63.26 -45.45
CA SER D 124 -28.23 63.30 -44.59
C SER D 124 -27.21 62.24 -45.04
N VAL D 125 -27.71 61.09 -45.43
CA VAL D 125 -26.87 59.95 -45.84
C VAL D 125 -26.18 60.24 -47.19
N LYS D 126 -26.96 60.83 -48.10
CA LYS D 126 -26.47 61.21 -49.43
C LYS D 126 -25.37 62.28 -49.32
N LYS D 127 -25.58 63.25 -48.46
CA LYS D 127 -24.65 64.35 -48.22
C LYS D 127 -23.31 63.83 -47.68
N ARG D 128 -23.34 62.67 -47.02
CA ARG D 128 -22.11 62.03 -46.54
C ARG D 128 -21.50 61.06 -47.55
N GLY D 129 -22.24 60.76 -48.62
CA GLY D 129 -21.76 59.86 -49.66
C GLY D 129 -21.82 58.40 -49.27
N LEU D 130 -22.74 58.05 -48.38
CA LEU D 130 -22.88 56.67 -47.91
C LEU D 130 -23.92 55.89 -48.69
N ASN D 131 -23.75 54.58 -48.73
CA ASN D 131 -24.65 53.68 -49.43
C ASN D 131 -25.85 53.32 -48.54
N LEU D 132 -27.00 53.88 -48.89
CA LEU D 132 -28.23 53.71 -48.15
C LEU D 132 -28.63 52.24 -47.97
N SER D 133 -28.34 51.44 -48.99
CA SER D 133 -28.66 50.02 -48.99
C SER D 133 -27.85 49.18 -48.01
N GLU D 134 -26.81 49.76 -47.42
CA GLU D 134 -25.95 49.05 -46.48
C GLU D 134 -25.94 49.65 -45.09
N ILE D 135 -27.04 50.32 -44.73
CA ILE D 135 -27.20 50.91 -43.42
C ILE D 135 -28.15 50.05 -42.60
N VAL D 136 -27.76 49.82 -41.35
CA VAL D 136 -28.60 49.16 -40.37
C VAL D 136 -28.68 50.06 -39.14
N CYS D 137 -29.87 50.16 -38.58
CA CYS D 137 -30.09 50.97 -37.39
C CYS D 137 -30.46 50.08 -36.22
N SER D 138 -30.35 50.64 -35.02
CA SER D 138 -30.62 49.96 -33.75
C SER D 138 -31.37 50.91 -32.82
N SER D 139 -32.29 50.38 -31.99
CA SER D 139 -33.09 51.21 -31.07
C SER D 139 -32.44 51.26 -29.71
N PHE D 140 -32.22 52.47 -29.20
CA PHE D 140 -31.63 52.68 -27.89
C PHE D 140 -32.68 53.31 -26.96
N THR D 141 -32.78 52.79 -25.74
CA THR D 141 -33.59 53.44 -24.72
C THR D 141 -33.02 54.82 -24.35
N MET D 142 -33.89 55.73 -23.94
CA MET D 142 -33.60 57.14 -23.71
C MET D 142 -33.85 57.60 -22.27
N GLY D 143 -34.42 56.73 -21.44
CA GLY D 143 -34.63 57.02 -20.03
C GLY D 143 -35.54 58.22 -19.77
N TRP D 144 -35.17 58.99 -18.75
CA TRP D 144 -35.91 60.15 -18.27
C TRP D 144 -34.90 61.13 -17.70
N PHE D 145 -35.12 62.41 -17.99
CA PHE D 145 -34.22 63.48 -17.58
C PHE D 145 -35.00 64.68 -17.07
N GLY D 146 -36.02 64.42 -16.25
CA GLY D 146 -36.75 65.48 -15.58
C GLY D 146 -37.93 66.09 -16.33
N GLU D 147 -38.16 65.66 -17.58
CA GLU D 147 -39.31 66.12 -18.37
C GLU D 147 -40.63 65.54 -17.85
N GLU D 148 -41.72 66.28 -18.05
CA GLU D 148 -43.04 65.85 -17.57
C GLU D 148 -43.64 64.84 -18.54
N LYS D 149 -43.24 64.97 -19.80
CA LYS D 149 -43.59 64.05 -20.87
C LYS D 149 -43.32 62.58 -20.49
N ASN D 150 -44.28 61.70 -20.78
CA ASN D 150 -44.18 60.27 -20.50
C ASN D 150 -44.67 59.45 -21.70
N VAL D 151 -43.81 59.33 -22.72
CA VAL D 151 -44.11 58.57 -23.95
C VAL D 151 -43.03 57.54 -24.29
N ARG D 152 -43.44 56.50 -25.02
CA ARG D 152 -42.53 55.42 -25.39
C ARG D 152 -41.59 55.78 -26.55
N THR D 153 -40.64 56.67 -26.32
CA THR D 153 -39.70 57.06 -27.36
C THR D 153 -38.37 56.36 -27.19
N VAL D 154 -37.69 56.15 -28.31
CA VAL D 154 -36.33 55.64 -28.34
C VAL D 154 -35.49 56.48 -29.28
N ARG D 155 -34.17 56.43 -29.10
CA ARG D 155 -33.22 57.02 -30.04
C ARG D 155 -32.82 55.93 -31.02
N LEU D 156 -32.76 56.29 -32.31
CA LEU D 156 -32.30 55.38 -33.33
C LEU D 156 -30.95 55.86 -33.79
N ASP D 157 -29.98 54.96 -33.73
CA ASP D 157 -28.63 55.18 -34.24
C ASP D 157 -28.37 54.20 -35.38
N CYS D 158 -27.58 54.62 -36.36
CA CYS D 158 -27.37 53.82 -37.57
C CYS D 158 -25.91 53.54 -37.85
N PHE D 159 -25.66 52.50 -38.64
CA PHE D 159 -24.33 51.93 -38.85
C PHE D 159 -24.14 51.46 -40.29
N MET D 160 -22.89 51.49 -40.77
CA MET D 160 -22.56 50.92 -42.06
C MET D 160 -22.15 49.44 -41.94
N LYS D 161 -22.55 48.65 -42.92
CA LYS D 161 -22.28 47.23 -42.97
C LYS D 161 -21.26 46.98 -44.12
N GLU D 162 -21.75 46.86 -45.35
CA GLU D 162 -20.89 46.68 -46.50
C GLU D 162 -20.03 45.40 -46.32
N SER D 163 -18.71 45.53 -46.25
CA SER D 163 -17.84 44.36 -46.24
C SER D 163 -17.66 43.66 -44.86
N THR D 164 -18.43 44.08 -43.85
CA THR D 164 -18.36 43.48 -42.52
C THR D 164 -19.72 43.41 -41.83
N VAL D 165 -19.87 42.44 -40.92
CA VAL D 165 -21.04 42.40 -40.06
C VAL D 165 -20.82 43.13 -38.74
N ASN D 166 -19.62 43.65 -38.52
CA ASN D 166 -19.32 44.33 -37.27
C ASN D 166 -19.81 45.76 -37.32
N ILE D 167 -21.15 45.91 -37.28
CA ILE D 167 -21.80 47.21 -37.49
C ILE D 167 -21.50 48.22 -36.38
N TYR D 168 -21.37 47.73 -35.15
CA TYR D 168 -21.17 48.60 -33.98
C TYR D 168 -19.84 49.39 -34.03
N VAL D 169 -18.86 48.91 -34.78
CA VAL D 169 -17.62 49.68 -34.93
C VAL D 169 -17.67 50.64 -36.11
N ARG D 170 -18.82 50.70 -36.81
CA ARG D 170 -18.99 51.61 -37.95
C ARG D 170 -20.20 52.55 -37.80
N PRO D 171 -20.25 53.32 -36.72
CA PRO D 171 -21.36 54.28 -36.55
C PRO D 171 -21.38 55.37 -37.60
N ILE D 172 -22.59 55.80 -37.92
CA ILE D 172 -22.85 57.08 -38.54
C ILE D 172 -23.13 58.01 -37.38
N THR D 173 -22.12 58.74 -36.92
CA THR D 173 -22.22 59.59 -35.71
C THR D 173 -22.63 61.02 -36.07
N GLY D 174 -23.48 61.61 -35.23
CA GLY D 174 -23.84 63.02 -35.31
C GLY D 174 -25.28 63.33 -35.75
N ILE D 175 -26.17 62.34 -35.71
CA ILE D 175 -27.57 62.53 -36.09
C ILE D 175 -28.50 62.10 -34.93
N THR D 176 -29.37 63.01 -34.52
CA THR D 176 -30.41 62.74 -33.55
C THR D 176 -31.66 62.22 -34.26
N ILE D 177 -32.09 61.02 -33.91
CA ILE D 177 -33.38 60.50 -34.37
C ILE D 177 -34.12 59.95 -33.17
N VAL D 178 -35.29 60.49 -32.93
CA VAL D 178 -36.18 59.99 -31.90
C VAL D 178 -37.37 59.38 -32.57
N ALA D 179 -37.74 58.15 -32.16
CA ALA D 179 -38.94 57.50 -32.69
C ALA D 179 -39.89 57.15 -31.55
N ASP D 180 -41.17 57.45 -31.73
CA ASP D 180 -42.23 57.03 -30.81
C ASP D 180 -42.70 55.65 -31.24
N LEU D 181 -42.56 54.67 -30.34
CA LEU D 181 -42.83 53.28 -30.65
C LEU D 181 -44.32 52.97 -30.77
N ASP D 182 -45.15 53.68 -29.99
CA ASP D 182 -46.60 53.54 -30.06
C ASP D 182 -47.11 54.06 -31.39
N LEU D 183 -46.69 55.26 -31.78
CA LEU D 183 -47.09 55.83 -33.07
C LEU D 183 -46.31 55.19 -34.21
N MET D 184 -45.20 54.53 -33.86
CA MET D 184 -44.23 53.98 -34.82
C MET D 184 -43.82 54.98 -35.89
N LYS D 185 -43.41 56.17 -35.46
CA LYS D 185 -42.83 57.16 -36.37
C LYS D 185 -41.74 57.99 -35.73
N ILE D 186 -40.94 58.62 -36.59
CA ILE D 186 -39.89 59.50 -36.15
C ILE D 186 -40.55 60.82 -35.82
N VAL D 187 -40.38 61.28 -34.57
CA VAL D 187 -40.96 62.53 -34.06
C VAL D 187 -39.93 63.65 -33.89
N GLU D 188 -38.66 63.34 -34.07
CA GLU D 188 -37.60 64.33 -33.93
C GLU D 188 -36.42 63.94 -34.78
N TYR D 189 -35.85 64.92 -35.46
CA TYR D 189 -34.66 64.71 -36.29
C TYR D 189 -33.79 65.97 -36.31
N HIS D 190 -32.52 65.82 -35.96
CA HIS D 190 -31.56 66.92 -36.06
C HIS D 190 -30.22 66.34 -36.50
N ASP D 191 -29.81 66.67 -37.73
CA ASP D 191 -28.50 66.36 -38.27
C ASP D 191 -27.47 67.39 -37.76
N ARG D 192 -26.68 67.02 -36.77
CA ARG D 192 -25.78 67.96 -36.10
C ARG D 192 -24.39 68.05 -36.70
N ASP D 193 -23.74 66.91 -36.84
CA ASP D 193 -22.32 66.87 -37.18
C ASP D 193 -21.97 65.74 -38.15
N ILE D 194 -21.07 66.05 -39.07
CA ILE D 194 -20.56 65.07 -40.01
C ILE D 194 -19.29 64.49 -39.44
N GLU D 195 -19.30 63.19 -39.21
CA GLU D 195 -18.13 62.49 -38.72
C GLU D 195 -17.81 61.39 -39.69
N ALA D 196 -16.52 61.13 -39.90
CA ALA D 196 -16.11 59.99 -40.69
C ALA D 196 -16.67 58.69 -40.08
N VAL D 197 -17.08 57.78 -40.96
CA VAL D 197 -17.37 56.41 -40.60
C VAL D 197 -16.08 55.57 -40.64
N PRO D 198 -15.71 54.94 -39.53
CA PRO D 198 -14.51 54.11 -39.50
C PRO D 198 -14.58 53.03 -40.55
N THR D 199 -13.39 52.66 -41.05
CA THR D 199 -13.24 51.67 -42.10
C THR D 199 -13.77 50.31 -41.64
N ALA D 200 -14.19 49.49 -42.60
CA ALA D 200 -14.55 48.11 -42.34
C ALA D 200 -13.31 47.19 -42.25
N GLU D 201 -12.18 47.65 -42.78
CA GLU D 201 -10.95 46.86 -42.81
C GLU D 201 -10.53 46.34 -41.43
N ASN D 202 -10.19 45.06 -41.39
CA ASN D 202 -9.88 44.30 -40.17
C ASN D 202 -10.84 44.43 -38.97
N THR D 203 -12.13 44.63 -39.24
CA THR D 203 -13.16 44.61 -38.20
C THR D 203 -13.84 43.25 -38.11
N GLU D 204 -13.58 42.37 -39.05
CA GLU D 204 -14.33 41.13 -39.12
C GLU D 204 -13.84 40.13 -38.07
N TYR D 205 -14.80 39.49 -37.40
CA TYR D 205 -14.51 38.52 -36.33
C TYR D 205 -14.96 37.11 -36.66
N GLN D 206 -15.72 36.92 -37.75
CA GLN D 206 -16.07 35.58 -38.22
C GLN D 206 -14.87 34.94 -38.92
N VAL D 207 -14.51 33.74 -38.51
CA VAL D 207 -13.39 33.04 -39.12
C VAL D 207 -13.56 32.86 -40.61
N SER D 208 -14.80 32.64 -41.06
CA SER D 208 -15.08 32.46 -42.50
C SER D 208 -14.82 33.72 -43.34
N LYS D 209 -14.75 34.88 -42.68
CA LYS D 209 -14.49 36.17 -43.33
C LYS D 209 -13.10 36.76 -43.00
N GLN D 210 -12.24 35.98 -42.36
CA GLN D 210 -10.88 36.43 -42.07
C GLN D 210 -9.89 35.76 -43.02
N SER D 211 -8.77 36.40 -43.29
CA SER D 211 -7.70 35.77 -44.07
C SER D 211 -6.43 35.54 -43.23
N PRO D 212 -5.59 34.59 -43.66
CA PRO D 212 -4.30 34.33 -43.00
C PRO D 212 -3.43 35.59 -42.83
N PRO D 213 -2.42 35.52 -41.98
CA PRO D 213 -2.10 34.34 -41.16
C PRO D 213 -2.94 34.20 -39.88
N PHE D 214 -3.15 32.97 -39.41
CA PHE D 214 -3.79 32.72 -38.12
C PHE D 214 -2.72 32.19 -37.13
N GLY D 215 -3.04 32.26 -35.84
CA GLY D 215 -2.14 31.82 -34.79
C GLY D 215 -2.42 32.51 -33.45
N PRO D 216 -1.84 32.01 -32.37
CA PRO D 216 -1.00 30.80 -32.37
C PRO D 216 -1.86 29.55 -32.44
N LYS D 217 -1.33 28.47 -33.01
CA LYS D 217 -1.99 27.17 -33.06
C LYS D 217 -2.20 26.63 -31.63
N GLN D 218 -3.42 26.17 -31.36
CA GLN D 218 -3.74 25.61 -30.05
C GLN D 218 -4.03 24.11 -30.25
N HIS D 219 -3.35 23.27 -29.45
CA HIS D 219 -3.48 21.82 -29.54
C HIS D 219 -4.82 21.34 -28.99
N SER D 220 -5.39 20.36 -29.68
CA SER D 220 -6.67 19.79 -29.33
C SER D 220 -6.56 18.83 -28.15
N LEU D 221 -7.70 18.66 -27.47
CA LEU D 221 -7.87 17.72 -26.37
C LEU D 221 -9.12 16.92 -26.63
N THR D 222 -9.10 15.64 -26.28
CA THR D 222 -10.31 14.83 -26.27
C THR D 222 -10.46 14.17 -24.92
N SER D 223 -11.69 14.05 -24.44
CA SER D 223 -11.96 13.52 -23.12
C SER D 223 -13.19 12.61 -23.05
N HIS D 224 -13.31 11.87 -21.95
CA HIS D 224 -14.39 10.92 -21.78
C HIS D 224 -14.56 10.62 -20.32
N GLN D 225 -15.82 10.52 -19.88
CA GLN D 225 -16.14 10.09 -18.52
C GLN D 225 -16.55 8.63 -18.59
N PRO D 226 -15.71 7.71 -18.10
CA PRO D 226 -16.02 6.27 -18.20
C PRO D 226 -17.36 5.91 -17.55
N GLN D 227 -17.73 6.61 -16.47
CA GLN D 227 -18.98 6.35 -15.78
C GLN D 227 -20.05 7.40 -16.07
N GLY D 228 -19.87 8.17 -17.14
CA GLY D 228 -20.86 9.16 -17.55
C GLY D 228 -20.80 10.38 -16.65
N PRO D 229 -21.75 11.30 -16.84
CA PRO D 229 -21.80 12.53 -16.05
C PRO D 229 -22.11 12.22 -14.60
N GLY D 230 -21.59 13.02 -13.70
CA GLY D 230 -21.89 12.88 -12.29
C GLY D 230 -23.14 13.60 -11.86
N PHE D 231 -23.76 14.36 -12.77
CA PHE D 231 -25.04 14.99 -12.50
C PHE D 231 -26.16 14.32 -13.30
N GLN D 232 -27.38 14.33 -12.77
CA GLN D 232 -28.56 14.03 -13.57
C GLN D 232 -29.49 15.23 -13.55
N ILE D 233 -30.16 15.45 -14.67
CA ILE D 233 -31.23 16.42 -14.74
C ILE D 233 -32.57 15.69 -14.94
N ASN D 234 -33.41 15.71 -13.92
CA ASN D 234 -34.80 15.26 -14.03
C ASN D 234 -35.70 16.46 -14.29
N GLY D 235 -36.01 16.69 -15.56
CA GLY D 235 -36.79 17.86 -15.95
C GLY D 235 -35.90 19.08 -15.79
N HIS D 236 -36.15 19.87 -14.76
CA HIS D 236 -35.34 21.04 -14.43
C HIS D 236 -34.63 20.91 -13.06
N SER D 237 -34.79 19.77 -12.41
CA SER D 237 -34.21 19.50 -11.11
C SER D 237 -32.87 18.78 -11.24
N VAL D 238 -31.81 19.40 -10.71
CA VAL D 238 -30.47 18.85 -10.80
C VAL D 238 -30.06 18.17 -9.52
N SER D 239 -29.53 16.97 -9.67
CA SER D 239 -28.88 16.23 -8.60
C SER D 239 -27.45 16.02 -9.04
N TRP D 240 -26.52 16.48 -8.19
CA TRP D 240 -25.10 16.39 -8.47
C TRP D 240 -24.30 16.34 -7.17
N ALA D 241 -23.48 15.31 -7.00
CA ALA D 241 -22.62 15.23 -5.82
C ALA D 241 -23.47 15.36 -4.55
N ASN D 242 -23.23 16.39 -3.73
CA ASN D 242 -23.99 16.61 -2.50
C ASN D 242 -25.05 17.72 -2.66
N TRP D 243 -25.26 18.16 -3.88
CA TRP D 243 -26.18 19.26 -4.14
C TRP D 243 -27.45 18.79 -4.81
N LYS D 244 -28.53 19.53 -4.51
CA LYS D 244 -29.77 19.51 -5.26
C LYS D 244 -30.18 20.96 -5.49
N PHE D 245 -30.66 21.26 -6.69
CA PHE D 245 -31.19 22.60 -6.99
C PHE D 245 -32.03 22.56 -8.27
N HIS D 246 -32.81 23.61 -8.45
CA HIS D 246 -33.74 23.70 -9.57
C HIS D 246 -33.27 24.80 -10.52
N ILE D 247 -33.24 24.49 -11.82
CA ILE D 247 -32.90 25.46 -12.87
C ILE D 247 -34.19 26.02 -13.46
N GLY D 248 -34.40 27.31 -13.28
CA GLY D 248 -35.53 28.02 -13.82
C GLY D 248 -35.09 29.05 -14.86
N PHE D 249 -36.07 29.63 -15.53
CA PHE D 249 -35.83 30.54 -16.64
C PHE D 249 -37.07 31.45 -16.79
N ASP D 250 -36.81 32.73 -16.98
CA ASP D 250 -37.86 33.77 -17.00
C ASP D 250 -37.46 34.76 -18.10
N VAL D 251 -38.41 35.28 -18.85
CA VAL D 251 -38.04 36.10 -20.01
C VAL D 251 -37.38 37.41 -19.62
N ARG D 252 -37.63 37.86 -18.41
CA ARG D 252 -36.99 39.07 -17.88
C ARG D 252 -35.68 38.79 -17.18
N ALA D 253 -35.71 37.90 -16.20
CA ALA D 253 -34.53 37.65 -15.34
C ALA D 253 -33.45 36.83 -16.01
N GLY D 254 -33.86 35.96 -16.93
CA GLY D 254 -32.99 34.93 -17.44
C GLY D 254 -32.97 33.73 -16.48
N ILE D 255 -31.80 33.14 -16.29
CA ILE D 255 -31.69 31.95 -15.45
C ILE D 255 -32.03 32.27 -14.01
N VAL D 256 -32.66 31.33 -13.34
CA VAL D 256 -33.00 31.43 -11.91
C VAL D 256 -32.57 30.12 -11.25
N ILE D 257 -31.73 30.22 -10.22
CA ILE D 257 -31.34 29.02 -9.46
C ILE D 257 -32.22 29.04 -8.21
N SER D 258 -32.93 27.94 -7.96
CA SER D 258 -33.82 27.83 -6.79
C SER D 258 -33.59 26.56 -5.98
N LEU D 259 -34.00 26.58 -4.71
CA LEU D 259 -33.98 25.41 -3.83
C LEU D 259 -32.62 24.71 -3.70
N ALA D 260 -31.55 25.50 -3.66
CA ALA D 260 -30.19 24.96 -3.57
C ALA D 260 -29.89 24.48 -2.14
N SER D 261 -29.72 23.17 -1.99
CA SER D 261 -29.46 22.50 -0.73
C SER D 261 -28.30 21.53 -0.87
N ILE D 262 -27.52 21.44 0.20
CA ILE D 262 -26.34 20.59 0.24
C ILE D 262 -26.56 19.51 1.30
N TYR D 263 -26.27 18.26 0.94
CA TYR D 263 -26.35 17.13 1.87
C TYR D 263 -25.15 17.19 2.79
N ASP D 264 -25.44 17.24 4.08
CA ASP D 264 -24.43 17.21 5.13
C ASP D 264 -24.24 15.75 5.55
N LEU D 265 -23.11 15.17 5.16
CA LEU D 265 -22.90 13.73 5.37
C LEU D 265 -22.82 13.39 6.87
N GLU D 266 -22.22 14.27 7.66
CA GLU D 266 -22.14 14.08 9.11
C GLU D 266 -23.51 14.06 9.80
N LYS D 267 -24.45 14.91 9.35
CA LYS D 267 -25.79 15.00 9.95
C LYS D 267 -26.83 14.17 9.17
N HIS D 268 -26.39 13.55 8.07
CA HIS D 268 -27.27 12.81 7.19
C HIS D 268 -28.57 13.56 6.89
N LYS D 269 -28.44 14.81 6.42
CA LYS D 269 -29.59 15.67 6.13
C LYS D 269 -29.32 16.64 4.97
N SER D 270 -30.32 16.89 4.14
CA SER D 270 -30.21 17.94 3.12
C SER D 270 -30.53 19.27 3.76
N ARG D 271 -29.66 20.27 3.57
CA ARG D 271 -29.78 21.54 4.25
C ARG D 271 -29.79 22.69 3.27
N ARG D 272 -30.79 23.54 3.37
CA ARG D 272 -30.98 24.63 2.45
C ARG D 272 -29.90 25.69 2.61
N VAL D 273 -29.51 26.28 1.48
CA VAL D 273 -28.62 27.42 1.45
C VAL D 273 -29.29 28.61 0.73
N LEU D 274 -29.71 28.42 -0.52
CA LEU D 274 -30.28 29.47 -1.36
C LEU D 274 -31.65 29.11 -1.93
N TYR D 275 -32.70 29.78 -1.47
CA TYR D 275 -34.04 29.55 -1.97
C TYR D 275 -34.17 30.00 -3.41
N LYS D 276 -33.61 31.17 -3.73
CA LYS D 276 -33.77 31.75 -5.05
C LYS D 276 -32.61 32.73 -5.33
N GLY D 277 -31.97 32.58 -6.49
CA GLY D 277 -30.89 33.43 -6.91
C GLY D 277 -31.03 33.79 -8.38
N TYR D 278 -30.95 35.08 -8.67
CA TYR D 278 -30.88 35.55 -10.05
C TYR D 278 -30.30 36.96 -10.13
N ILE D 279 -30.07 37.40 -11.36
CA ILE D 279 -29.67 38.78 -11.62
C ILE D 279 -30.95 39.54 -11.85
N SER D 280 -31.19 40.54 -11.02
CA SER D 280 -32.44 41.25 -10.96
C SER D 280 -32.48 42.42 -11.91
N GLU D 281 -31.33 43.09 -12.09
CA GLU D 281 -31.24 44.19 -13.03
C GLU D 281 -29.79 44.46 -13.44
N LEU D 282 -29.62 45.08 -14.60
CA LEU D 282 -28.33 45.61 -15.06
C LEU D 282 -28.41 47.13 -15.17
N PHE D 283 -27.27 47.78 -15.22
CA PHE D 283 -27.18 49.24 -15.43
C PHE D 283 -25.85 49.52 -16.12
N VAL D 284 -25.91 50.06 -17.33
CA VAL D 284 -24.73 50.28 -18.15
C VAL D 284 -24.66 51.76 -18.56
N PRO D 285 -24.35 52.64 -17.61
CA PRO D 285 -24.30 54.07 -17.90
C PRO D 285 -23.10 54.44 -18.74
N TYR D 286 -23.32 55.14 -19.85
CA TYR D 286 -22.23 55.71 -20.63
C TYR D 286 -21.88 57.09 -20.05
N GLN D 287 -20.72 57.60 -20.41
CA GLN D 287 -20.17 58.77 -19.75
C GLN D 287 -19.90 59.93 -20.70
N ASP D 288 -20.67 59.96 -21.80
CA ASP D 288 -20.58 61.01 -22.83
C ASP D 288 -21.84 61.87 -22.73
N PRO D 289 -21.71 63.09 -22.19
CA PRO D 289 -22.88 63.95 -21.94
C PRO D 289 -23.42 64.76 -23.13
N THR D 290 -22.79 64.70 -24.28
CA THR D 290 -23.28 65.37 -25.46
C THR D 290 -24.56 64.73 -25.98
N GLU D 291 -25.18 65.39 -26.94
CA GLU D 291 -26.45 64.95 -27.50
C GLU D 291 -26.37 63.54 -28.10
N GLU D 292 -25.18 63.13 -28.49
CA GLU D 292 -25.02 61.82 -29.12
C GLU D 292 -25.24 60.64 -28.16
N PHE D 293 -24.87 60.76 -26.89
CA PHE D 293 -24.95 59.60 -25.98
C PHE D 293 -25.45 59.85 -24.55
N TYR D 294 -25.90 61.08 -24.23
CA TYR D 294 -26.27 61.44 -22.85
C TYR D 294 -27.30 60.46 -22.25
N PHE D 295 -28.19 60.03 -23.11
CA PHE D 295 -29.35 59.20 -22.77
C PHE D 295 -29.05 57.70 -22.63
N LYS D 296 -27.85 57.28 -23.00
CA LYS D 296 -27.54 55.84 -23.11
C LYS D 296 -27.03 55.28 -21.80
N THR D 297 -27.96 54.72 -21.04
CA THR D 297 -27.68 54.06 -19.79
C THR D 297 -28.63 52.89 -19.66
N PHE D 298 -28.40 51.87 -20.45
CA PHE D 298 -29.28 50.73 -20.53
C PHE D 298 -29.50 50.02 -19.17
N PHE D 299 -30.74 49.61 -18.94
CA PHE D 299 -31.10 48.67 -17.90
C PHE D 299 -31.53 47.41 -18.64
N ASP D 300 -30.58 46.56 -18.97
CA ASP D 300 -30.79 45.44 -19.88
C ASP D 300 -31.99 44.59 -19.55
N SER D 301 -32.12 44.21 -18.29
CA SER D 301 -33.12 43.26 -17.91
C SER D 301 -34.50 43.89 -17.98
N GLY D 302 -34.68 45.10 -17.44
CA GLY D 302 -35.97 45.76 -17.47
C GLY D 302 -36.37 46.42 -18.80
N GLU D 303 -35.41 46.70 -19.67
CA GLU D 303 -35.72 47.34 -20.93
C GLU D 303 -35.70 46.39 -22.10
N PHE D 304 -34.88 45.33 -22.05
CA PHE D 304 -34.80 44.36 -23.17
C PHE D 304 -35.09 42.90 -22.82
N GLY D 305 -35.05 42.57 -21.53
CA GLY D 305 -35.27 41.20 -21.11
C GLY D 305 -34.02 40.34 -21.20
N PHE D 306 -33.51 39.90 -20.06
CA PHE D 306 -32.32 39.03 -20.04
C PHE D 306 -32.65 37.67 -20.68
N GLY D 307 -33.84 37.16 -20.41
CA GLY D 307 -34.31 35.92 -21.02
C GLY D 307 -34.62 36.06 -22.50
N LEU D 308 -35.37 37.10 -22.88
CA LEU D 308 -35.62 37.41 -24.28
C LEU D 308 -34.33 37.57 -25.08
N SER D 309 -33.26 37.97 -24.40
CA SER D 309 -31.99 38.26 -25.07
C SER D 309 -31.00 37.11 -24.92
N THR D 310 -31.46 35.99 -24.40
CA THR D 310 -30.56 34.85 -24.21
C THR D 310 -30.31 34.21 -25.57
N VAL D 311 -29.07 33.81 -25.82
CA VAL D 311 -28.70 33.26 -27.11
C VAL D 311 -28.54 31.76 -26.99
N SER D 312 -28.54 31.07 -28.14
CA SER D 312 -28.23 29.65 -28.17
C SER D 312 -26.74 29.44 -27.97
N LEU D 313 -26.39 28.60 -26.99
CA LEU D 313 -25.01 28.24 -26.74
C LEU D 313 -24.46 27.38 -27.87
N ILE D 314 -23.24 27.68 -28.31
CA ILE D 314 -22.61 26.95 -29.39
C ILE D 314 -21.90 25.78 -28.77
N PRO D 315 -22.28 24.55 -29.11
CA PRO D 315 -21.61 23.37 -28.54
C PRO D 315 -20.11 23.35 -28.76
N ASN D 316 -19.38 22.90 -27.74
CA ASN D 316 -17.92 22.75 -27.74
C ASN D 316 -17.16 24.05 -27.65
N ARG D 317 -17.86 25.18 -27.74
CA ARG D 317 -17.23 26.50 -27.68
C ARG D 317 -17.72 27.25 -26.44
N ASP D 318 -19.02 27.56 -26.38
CA ASP D 318 -19.57 28.25 -25.21
C ASP D 318 -19.56 27.36 -24.00
N CYS D 319 -19.65 26.06 -24.23
CA CYS D 319 -19.61 25.02 -23.18
C CYS D 319 -18.62 23.95 -23.66
N PRO D 320 -17.92 23.31 -22.74
CA PRO D 320 -17.03 22.21 -23.09
C PRO D 320 -17.79 21.04 -23.72
N PRO D 321 -17.07 20.15 -24.40
CA PRO D 321 -17.69 18.95 -24.99
C PRO D 321 -18.33 18.07 -23.90
N HIS D 322 -19.44 17.42 -24.21
CA HIS D 322 -20.17 16.58 -23.25
C HIS D 322 -21.01 17.36 -22.23
N ALA D 323 -21.08 18.69 -22.36
CA ALA D 323 -22.03 19.47 -21.61
C ALA D 323 -23.45 19.03 -21.97
N GLN D 324 -24.36 19.09 -21.01
CA GLN D 324 -25.77 18.84 -21.31
C GLN D 324 -26.51 20.17 -21.48
N PHE D 325 -27.42 20.23 -22.44
CA PHE D 325 -28.16 21.42 -22.77
C PHE D 325 -29.62 21.35 -22.38
N ILE D 326 -30.15 22.49 -21.98
CA ILE D 326 -31.57 22.65 -21.67
C ILE D 326 -32.13 23.69 -22.61
N ASP D 327 -33.17 23.31 -23.34
CA ASP D 327 -33.96 24.22 -24.16
C ASP D 327 -34.94 25.01 -23.27
N THR D 328 -35.20 26.26 -23.63
CA THR D 328 -36.28 27.03 -23.01
C THR D 328 -37.15 27.65 -24.09
N TYR D 329 -38.24 28.26 -23.65
CA TYR D 329 -39.12 29.01 -24.53
C TYR D 329 -39.17 30.47 -24.07
N VAL D 330 -39.13 31.39 -25.05
CA VAL D 330 -39.48 32.77 -24.81
C VAL D 330 -40.76 33.07 -25.60
N HIS D 331 -41.11 34.33 -25.76
CA HIS D 331 -42.30 34.70 -26.52
C HIS D 331 -42.07 35.94 -27.35
N SER D 332 -42.84 36.06 -28.43
CA SER D 332 -42.81 37.26 -29.28
C SER D 332 -43.90 38.27 -28.82
N ALA D 333 -43.98 39.40 -29.50
CA ALA D 333 -44.97 40.43 -29.14
C ALA D 333 -46.43 39.96 -29.28
N ASN D 334 -46.71 39.06 -30.21
CA ASN D 334 -48.10 38.58 -30.33
C ASN D 334 -48.41 37.39 -29.42
N GLY D 335 -47.45 37.00 -28.57
CA GLY D 335 -47.68 35.98 -27.56
C GLY D 335 -47.30 34.57 -27.99
N THR D 336 -46.67 34.45 -29.15
CA THR D 336 -46.31 33.15 -29.70
C THR D 336 -45.04 32.63 -29.03
N PRO D 337 -45.04 31.41 -28.53
CA PRO D 337 -43.80 30.83 -28.00
C PRO D 337 -42.68 30.67 -29.04
N ILE D 338 -41.46 30.94 -28.63
CA ILE D 338 -40.30 30.76 -29.49
C ILE D 338 -39.35 29.82 -28.79
N LEU D 339 -38.95 28.75 -29.49
CA LEU D 339 -37.99 27.80 -29.00
C LEU D 339 -36.61 28.43 -28.96
N LEU D 340 -35.98 28.37 -27.80
CA LEU D 340 -34.60 28.82 -27.63
C LEU D 340 -33.74 27.62 -27.31
N LYS D 341 -33.19 27.03 -28.37
CA LYS D 341 -32.33 25.86 -28.27
C LYS D 341 -31.07 26.18 -27.49
N ASN D 342 -30.63 25.24 -26.66
CA ASN D 342 -29.35 25.36 -25.95
C ASN D 342 -29.24 26.65 -25.14
N ALA D 343 -30.31 27.03 -24.44
CA ALA D 343 -30.32 28.29 -23.68
C ALA D 343 -29.39 28.22 -22.46
N ILE D 344 -29.29 27.03 -21.88
CA ILE D 344 -28.52 26.79 -20.66
C ILE D 344 -27.77 25.48 -20.83
N CYS D 345 -26.56 25.41 -20.30
CA CYS D 345 -25.81 24.16 -20.27
C CYS D 345 -25.28 23.86 -18.88
N VAL D 346 -25.06 22.57 -18.65
CA VAL D 346 -24.56 22.07 -17.39
C VAL D 346 -23.38 21.16 -17.69
N PHE D 347 -22.26 21.38 -16.99
CA PHE D 347 -21.09 20.54 -17.17
C PHE D 347 -20.24 20.48 -15.92
N GLU D 348 -19.33 19.53 -15.89
CA GLU D 348 -18.42 19.38 -14.77
C GLU D 348 -17.00 19.84 -15.16
N GLN D 349 -16.29 20.39 -14.18
CA GLN D 349 -15.00 21.02 -14.35
C GLN D 349 -13.98 20.30 -13.47
N TYR D 350 -12.86 19.91 -14.08
CA TYR D 350 -11.81 19.13 -13.43
C TYR D 350 -10.52 19.88 -13.24
N GLY D 351 -9.67 19.36 -12.35
CA GLY D 351 -8.31 19.84 -12.18
C GLY D 351 -8.03 20.58 -10.89
N ASN D 352 -9.04 21.12 -10.22
CA ASN D 352 -8.79 21.95 -9.04
C ASN D 352 -8.36 21.10 -7.86
N ILE D 353 -7.41 21.59 -7.08
CA ILE D 353 -7.07 20.98 -5.80
C ILE D 353 -8.17 21.33 -4.79
N MET D 354 -8.66 20.32 -4.10
CA MET D 354 -9.75 20.49 -3.13
C MET D 354 -9.14 20.94 -1.81
N TRP D 355 -8.08 20.24 -1.43
CA TRP D 355 -7.29 20.59 -0.26
C TRP D 355 -6.08 19.69 -0.19
N ARG D 356 -5.06 20.11 0.55
CA ARG D 356 -3.84 19.33 0.68
C ARG D 356 -3.06 19.67 1.95
N HIS D 357 -2.18 18.76 2.33
CA HIS D 357 -1.09 19.08 3.22
C HIS D 357 0.08 18.13 3.04
N THR D 358 1.28 18.71 3.03
CA THR D 358 2.51 17.97 3.17
C THR D 358 3.08 18.25 4.57
N GLU D 359 3.32 17.19 5.33
CA GLU D 359 3.84 17.31 6.69
C GLU D 359 5.30 16.86 6.74
N ASN D 360 6.18 17.80 7.08
CA ASN D 360 7.62 17.54 7.18
C ASN D 360 8.14 17.70 8.63
N GLY D 361 7.24 17.99 9.58
CA GLY D 361 7.62 18.25 10.96
C GLY D 361 7.79 17.01 11.82
N ILE D 362 7.38 15.84 11.34
CA ILE D 362 7.53 14.60 12.12
C ILE D 362 8.81 13.87 11.69
N PRO D 363 9.82 13.83 12.57
CA PRO D 363 11.09 13.15 12.24
C PRO D 363 10.91 11.76 11.62
N ASN D 364 11.55 11.52 10.48
CA ASN D 364 11.60 10.19 9.83
C ASN D 364 10.26 9.69 9.26
N GLU D 365 9.33 10.60 9.04
CA GLU D 365 8.04 10.26 8.46
C GLU D 365 7.79 11.20 7.28
N SER D 366 7.41 10.62 6.14
CA SER D 366 6.96 11.42 4.99
C SER D 366 5.45 11.27 4.93
N ILE D 367 4.76 12.39 5.09
CA ILE D 367 3.31 12.40 5.03
C ILE D 367 2.86 13.49 4.05
N GLU D 368 2.04 13.10 3.11
CA GLU D 368 1.45 14.03 2.17
C GLU D 368 0.11 13.50 1.72
N GLU D 369 -0.80 14.46 1.50
CA GLU D 369 -2.12 14.16 1.02
C GLU D 369 -2.59 15.35 0.19
N SER D 370 -2.98 15.08 -1.03
CA SER D 370 -3.58 16.10 -1.89
C SER D 370 -4.76 15.47 -2.59
N ARG D 371 -5.91 16.12 -2.51
CA ARG D 371 -7.14 15.62 -3.12
C ARG D 371 -7.69 16.65 -4.07
N THR D 372 -8.33 16.19 -5.14
CA THR D 372 -8.90 17.06 -6.16
C THR D 372 -10.41 17.04 -6.05
N GLU D 373 -11.02 18.11 -6.57
CA GLU D 373 -12.47 18.25 -6.58
C GLU D 373 -12.97 18.29 -8.03
N VAL D 374 -14.20 17.84 -8.23
CA VAL D 374 -14.95 18.03 -9.47
C VAL D 374 -16.00 19.04 -9.10
N ASN D 375 -16.09 20.13 -9.87
CA ASN D 375 -17.05 21.20 -9.67
C ASN D 375 -18.09 21.17 -10.78
N LEU D 376 -19.21 21.83 -10.54
CA LEU D 376 -20.32 21.84 -11.47
C LEU D 376 -20.58 23.27 -11.89
N ILE D 377 -20.79 23.46 -13.18
CA ILE D 377 -21.04 24.76 -13.78
C ILE D 377 -22.33 24.75 -14.59
N VAL D 378 -23.17 25.74 -14.30
CA VAL D 378 -24.39 25.99 -15.03
C VAL D 378 -24.19 27.33 -15.72
N ARG D 379 -24.29 27.33 -17.04
CA ARG D 379 -23.95 28.50 -17.83
C ARG D 379 -25.08 28.90 -18.76
N THR D 380 -25.21 30.20 -18.92
CA THR D 380 -26.10 30.79 -19.92
C THR D 380 -25.48 32.11 -20.43
N ILE D 381 -25.81 32.50 -21.64
CA ILE D 381 -25.19 33.69 -22.27
C ILE D 381 -26.26 34.65 -22.78
N VAL D 382 -26.19 35.90 -22.34
CA VAL D 382 -27.17 36.92 -22.66
C VAL D 382 -26.46 37.98 -23.45
N THR D 383 -27.00 38.25 -24.64
CA THR D 383 -26.44 39.26 -25.53
C THR D 383 -27.48 40.36 -25.78
N VAL D 384 -27.19 41.55 -25.29
CA VAL D 384 -28.02 42.72 -25.55
C VAL D 384 -27.23 43.69 -26.44
N GLY D 385 -27.68 43.88 -27.67
CA GLY D 385 -26.95 44.67 -28.66
C GLY D 385 -25.50 44.23 -28.80
N ASN D 386 -24.59 45.09 -28.37
CA ASN D 386 -23.16 44.83 -28.52
C ASN D 386 -22.50 44.05 -27.38
N ASP D 388 -21.99 40.93 -24.73
CA ASP D 388 -22.23 39.50 -24.43
C ASP D 388 -21.84 39.24 -22.97
N ASN D 389 -22.73 38.62 -22.22
CA ASN D 389 -22.55 38.38 -20.78
C ASN D 389 -22.61 36.89 -20.56
N VAL D 390 -21.51 36.28 -20.17
CA VAL D 390 -21.46 34.86 -19.85
C VAL D 390 -21.75 34.74 -18.36
N ILE D 391 -22.90 34.16 -18.02
CA ILE D 391 -23.37 34.04 -16.65
C ILE D 391 -23.24 32.61 -16.18
N ASP D 392 -22.45 32.38 -15.15
CA ASP D 392 -22.23 31.03 -14.61
C ASP D 392 -22.68 30.98 -13.17
N TRP D 393 -23.18 29.81 -12.77
CA TRP D 393 -23.31 29.46 -11.37
C TRP D 393 -22.48 28.21 -11.15
N GLU D 394 -21.49 28.31 -10.27
CA GLU D 394 -20.60 27.20 -9.97
C GLU D 394 -20.85 26.64 -8.57
N PHE D 395 -20.99 25.31 -8.49
CA PHE D 395 -21.26 24.62 -7.23
C PHE D 395 -20.09 23.68 -6.90
N LYS D 396 -19.68 23.67 -5.63
CA LYS D 396 -18.59 22.81 -5.17
C LYS D 396 -19.03 21.91 -4.04
N ALA D 397 -18.46 20.70 -3.96
CA ALA D 397 -18.79 19.75 -2.92
C ALA D 397 -18.45 20.31 -1.55
N SER D 398 -17.49 21.22 -1.50
CA SER D 398 -17.08 21.92 -0.29
C SER D 398 -18.13 22.89 0.19
N GLY D 399 -19.17 23.13 -0.60
CA GLY D 399 -20.27 23.99 -0.22
C GLY D 399 -20.24 25.39 -0.77
N SER D 400 -19.15 25.81 -1.36
CA SER D 400 -19.08 27.12 -1.99
C SER D 400 -19.96 27.17 -3.23
N ILE D 401 -20.60 28.33 -3.42
CA ILE D 401 -21.24 28.67 -4.65
C ILE D 401 -20.49 29.90 -5.17
N LYS D 402 -20.19 29.89 -6.47
CA LYS D 402 -19.42 30.95 -7.09
C LYS D 402 -20.19 31.44 -8.32
N PRO D 403 -21.01 32.47 -8.15
CA PRO D 403 -21.66 33.07 -9.33
C PRO D 403 -20.62 33.96 -10.06
N SER D 404 -20.49 33.83 -11.37
CA SER D 404 -19.55 34.64 -12.13
C SER D 404 -20.18 35.24 -13.39
N ILE D 405 -19.60 36.37 -13.81
CA ILE D 405 -19.98 37.07 -15.05
C ILE D 405 -18.74 37.41 -15.85
N ALA D 406 -18.71 36.97 -17.11
CA ALA D 406 -17.63 37.33 -18.01
C ALA D 406 -18.23 38.16 -19.14
N LEU D 407 -17.47 39.15 -19.61
CA LEU D 407 -17.92 40.10 -20.60
C LEU D 407 -17.10 39.91 -21.85
N SER D 408 -17.77 39.91 -23.01
CA SER D 408 -17.12 39.98 -24.30
C SER D 408 -18.07 40.73 -25.27
N GLY D 409 -17.88 40.59 -26.56
CA GLY D 409 -18.65 41.35 -27.52
C GLY D 409 -17.90 42.53 -28.10
N ILE D 410 -18.66 43.57 -28.48
CA ILE D 410 -18.14 44.70 -29.24
C ILE D 410 -18.20 46.00 -28.43
N LEU D 411 -17.17 46.82 -28.55
CA LEU D 411 -17.19 48.18 -28.03
C LEU D 411 -18.24 48.99 -28.74
N GLU D 412 -18.93 49.82 -27.98
CA GLU D 412 -19.73 50.85 -28.56
C GLU D 412 -18.78 51.97 -28.94
N ILE D 413 -18.76 52.29 -30.24
CA ILE D 413 -17.85 53.25 -30.83
C ILE D 413 -18.63 54.50 -31.18
N LYS D 414 -18.02 55.65 -30.90
CA LYS D 414 -18.46 56.95 -31.40
C LYS D 414 -17.51 57.33 -32.53
N GLY D 415 -18.06 57.58 -33.71
CA GLY D 415 -17.25 58.02 -34.83
C GLY D 415 -16.67 59.41 -34.61
N THR D 416 -15.49 59.64 -35.17
CA THR D 416 -14.85 60.94 -35.14
C THR D 416 -13.90 61.13 -36.34
N ASN D 417 -13.60 62.38 -36.66
CA ASN D 417 -12.65 62.71 -37.73
C ASN D 417 -11.19 62.52 -37.31
N ILE D 418 -10.95 62.45 -36.01
CA ILE D 418 -9.60 62.24 -35.45
C ILE D 418 -9.06 60.86 -35.77
N LYS D 419 -7.82 60.82 -36.26
CA LYS D 419 -7.11 59.58 -36.54
C LYS D 419 -6.00 59.24 -35.56
N HIS D 420 -5.49 60.24 -34.83
CA HIS D 420 -4.34 60.03 -33.92
C HIS D 420 -4.57 60.76 -32.61
N LYS D 421 -4.01 60.23 -31.54
CA LYS D 421 -4.13 60.85 -30.22
C LYS D 421 -3.62 62.29 -30.15
N ASP D 422 -2.56 62.62 -30.91
CA ASP D 422 -1.95 63.96 -30.90
C ASP D 422 -2.89 65.05 -31.48
N GLU D 423 -3.96 64.66 -32.17
CA GLU D 423 -4.95 65.62 -32.69
C GLU D 423 -6.03 65.99 -31.65
N ILE D 424 -6.06 65.29 -30.51
CA ILE D 424 -7.12 65.51 -29.52
C ILE D 424 -6.93 66.80 -28.76
N LYS D 425 -7.93 67.66 -28.77
CA LYS D 425 -7.87 68.96 -28.14
C LYS D 425 -8.92 69.17 -27.03
N GLU D 426 -9.74 68.16 -26.78
CA GLU D 426 -10.72 68.19 -25.70
C GLU D 426 -11.06 66.77 -25.22
N ASP D 427 -11.82 66.70 -24.13
CA ASP D 427 -12.30 65.42 -23.61
C ASP D 427 -13.26 64.77 -24.60
N LEU D 428 -12.83 63.65 -25.19
CA LEU D 428 -13.67 62.87 -26.10
C LEU D 428 -14.65 61.93 -25.37
N HIS D 429 -14.47 61.75 -24.07
CA HIS D 429 -15.32 60.88 -23.25
C HIS D 429 -15.11 59.41 -23.57
N GLY D 430 -13.89 59.10 -23.98
CA GLY D 430 -13.50 57.75 -24.31
C GLY D 430 -12.05 57.72 -24.75
N LYS D 431 -11.52 56.54 -25.07
CA LYS D 431 -10.18 56.38 -25.62
C LYS D 431 -10.28 56.19 -27.12
N LEU D 432 -9.31 56.71 -27.84
CA LEU D 432 -9.18 56.44 -29.25
C LEU D 432 -8.63 55.03 -29.42
N VAL D 433 -9.47 54.10 -29.83
CA VAL D 433 -9.06 52.71 -29.92
C VAL D 433 -8.69 52.29 -31.31
N SER D 434 -9.03 53.12 -32.29
CA SER D 434 -8.65 52.88 -33.68
C SER D 434 -8.91 54.17 -34.41
N ALA D 435 -8.41 54.30 -35.63
CA ALA D 435 -8.66 55.52 -36.40
C ALA D 435 -10.18 55.78 -36.45
N ASN D 436 -10.55 57.04 -36.20
CA ASN D 436 -11.93 57.51 -36.28
C ASN D 436 -12.86 56.86 -35.23
N SER D 437 -12.30 56.19 -34.24
CA SER D 437 -13.08 55.33 -33.37
C SER D 437 -12.82 55.62 -31.90
N ILE D 438 -13.79 56.25 -31.24
CA ILE D 438 -13.74 56.44 -29.79
C ILE D 438 -14.51 55.34 -29.04
N GLY D 439 -13.82 54.63 -28.17
CA GLY D 439 -14.48 53.71 -27.26
C GLY D 439 -14.93 54.51 -26.07
N ILE D 440 -16.22 54.78 -25.98
CA ILE D 440 -16.75 55.66 -24.95
C ILE D 440 -16.64 54.99 -23.58
N TYR D 441 -16.23 55.75 -22.57
CA TYR D 441 -16.18 55.26 -21.19
C TYR D 441 -17.58 54.84 -20.76
N HIS D 442 -17.68 53.73 -20.02
CA HIS D 442 -18.96 53.28 -19.46
C HIS D 442 -18.73 52.29 -18.32
N ASP D 443 -19.82 52.00 -17.59
CA ASP D 443 -19.81 51.02 -16.49
C ASP D 443 -20.76 49.87 -16.78
N HIS D 444 -20.48 48.71 -16.20
CA HIS D 444 -21.43 47.60 -16.17
C HIS D 444 -21.72 47.31 -14.70
N PHE D 445 -22.97 47.47 -14.29
CA PHE D 445 -23.37 47.11 -12.92
C PHE D 445 -24.42 46.03 -13.06
N TYR D 446 -24.25 44.96 -12.31
CA TYR D 446 -25.21 43.89 -12.21
C TYR D 446 -25.61 43.81 -10.73
N ILE D 447 -26.89 43.56 -10.47
CA ILE D 447 -27.32 43.30 -9.10
C ILE D 447 -27.99 41.94 -9.00
N TYR D 448 -27.47 41.13 -8.09
CA TYR D 448 -28.00 39.81 -7.77
C TYR D 448 -29.06 39.90 -6.67
N TYR D 449 -30.19 39.26 -6.88
CA TYR D 449 -31.14 38.90 -5.83
C TYR D 449 -30.69 37.57 -5.26
N LEU D 450 -30.37 37.54 -3.97
CA LEU D 450 -29.90 36.31 -3.33
C LEU D 450 -30.75 36.01 -2.10
N ASP D 451 -31.85 35.28 -2.29
CA ASP D 451 -32.72 34.90 -1.18
C ASP D 451 -32.12 33.71 -0.44
N PHE D 452 -31.11 33.98 0.39
CA PHE D 452 -30.55 32.94 1.24
C PHE D 452 -31.63 32.54 2.25
N ASP D 453 -31.77 31.24 2.46
CA ASP D 453 -32.48 30.69 3.61
C ASP D 453 -31.51 29.71 4.26
N ILE D 454 -30.56 30.26 5.01
CA ILE D 454 -29.46 29.49 5.61
C ILE D 454 -30.00 28.48 6.62
N ASP D 455 -30.03 27.23 6.20
CA ASP D 455 -30.59 26.12 6.96
C ASP D 455 -31.99 26.42 7.51
N GLY D 456 -32.80 27.13 6.73
CA GLY D 456 -34.12 27.59 7.17
C GLY D 456 -34.30 29.07 6.85
N THR D 457 -35.53 29.55 6.99
CA THR D 457 -35.91 30.93 6.58
C THR D 457 -35.51 32.00 7.56
N HIS D 458 -35.40 31.68 8.84
CA HIS D 458 -35.19 32.71 9.85
C HIS D 458 -33.70 32.97 9.99
N ASN D 459 -33.27 34.09 9.41
CA ASN D 459 -31.87 34.42 9.30
C ASN D 459 -31.58 35.81 9.82
N SER D 460 -30.29 36.11 10.07
CA SER D 460 -29.83 37.46 10.36
C SER D 460 -28.59 37.75 9.50
N PHE D 461 -28.26 39.04 9.40
CA PHE D 461 -27.08 39.50 8.67
C PHE D 461 -26.10 40.04 9.70
N GLU D 462 -24.88 39.49 9.70
CA GLU D 462 -23.81 39.91 10.61
C GLU D 462 -22.63 40.53 9.85
N LYS D 463 -22.12 41.62 10.39
CA LYS D 463 -20.91 42.28 9.93
C LYS D 463 -19.87 41.99 10.97
N THR D 464 -18.86 41.21 10.61
CA THR D 464 -17.74 40.92 11.51
C THR D 464 -16.61 41.88 11.22
N SER D 465 -16.58 42.99 11.96
CA SER D 465 -15.56 44.01 11.77
C SER D 465 -14.22 43.53 12.30
N LEU D 466 -13.14 43.83 11.58
CA LEU D 466 -11.79 43.58 12.07
C LEU D 466 -11.27 44.92 12.57
N LYS D 467 -10.90 44.95 13.86
CA LYS D 467 -10.52 46.17 14.55
C LYS D 467 -9.12 46.06 15.13
N THR D 468 -8.35 47.12 14.97
CA THR D 468 -7.02 47.27 15.50
C THR D 468 -7.12 47.71 16.93
N VAL D 469 -6.41 47.00 17.81
CA VAL D 469 -6.26 47.32 19.22
C VAL D 469 -4.80 47.70 19.49
N ARG D 470 -4.57 48.84 20.13
CA ARG D 470 -3.24 49.25 20.56
C ARG D 470 -3.00 48.84 22.02
N ILE D 471 -1.89 48.19 22.29
CA ILE D 471 -1.44 47.93 23.65
C ILE D 471 -0.47 49.08 24.03
N LYS D 472 -0.94 50.06 24.80
CA LYS D 472 -0.09 51.21 25.17
C LYS D 472 0.89 50.86 26.30
N ASP D 473 0.43 50.11 27.29
CA ASP D 473 1.30 49.69 28.38
C ASP D 473 2.14 48.46 27.96
N GLY D 474 2.85 47.87 28.93
CA GLY D 474 3.74 46.77 28.66
C GLY D 474 3.14 45.39 28.95
N SER D 475 1.80 45.25 28.93
CA SER D 475 1.18 43.93 29.17
C SER D 475 1.63 42.92 28.08
N SER D 476 2.18 43.44 26.98
CA SER D 476 2.76 42.61 25.91
C SER D 476 3.91 43.36 25.25
N LYS D 477 4.83 42.60 24.67
CA LYS D 477 5.88 43.20 23.87
C LYS D 477 5.32 43.73 22.55
N ARG D 478 4.18 43.22 22.11
CA ARG D 478 3.54 43.71 20.91
C ARG D 478 2.86 45.03 21.22
N LYS D 479 2.92 45.94 20.26
CA LYS D 479 2.22 47.21 20.33
C LYS D 479 0.80 47.15 19.78
N SER D 480 0.47 46.11 19.04
CA SER D 480 -0.84 46.04 18.41
C SER D 480 -1.21 44.65 17.93
N TYR D 481 -2.52 44.50 17.75
CA TYR D 481 -3.08 43.32 17.15
C TYR D 481 -4.48 43.69 16.66
N TRP D 482 -5.07 42.85 15.84
CA TRP D 482 -6.49 42.99 15.51
C TRP D 482 -7.34 41.84 16.03
N THR D 483 -8.60 42.16 16.29
CA THR D 483 -9.61 41.20 16.70
C THR D 483 -10.93 41.44 15.95
N THR D 484 -11.92 40.59 16.21
CA THR D 484 -13.24 40.76 15.58
C THR D 484 -14.29 41.29 16.54
N GLU D 485 -15.26 41.96 15.96
CA GLU D 485 -16.39 42.54 16.66
C GLU D 485 -17.58 42.30 15.74
N THR D 486 -18.47 41.41 16.16
CA THR D 486 -19.63 41.02 15.36
C THR D 486 -20.86 41.83 15.74
N GLN D 487 -21.45 42.51 14.75
CA GLN D 487 -22.70 43.25 14.93
C GLN D 487 -23.77 42.66 14.01
N THR D 488 -24.93 42.45 14.57
CA THR D 488 -26.08 42.00 13.80
C THR D 488 -26.81 43.26 13.33
N ALA D 489 -27.04 43.37 12.03
CA ALA D 489 -27.84 44.44 11.45
C ALA D 489 -29.27 44.30 11.95
N LYS D 490 -29.77 45.37 12.56
CA LYS D 490 -31.11 45.43 13.09
C LYS D 490 -32.16 45.77 12.03
N THR D 491 -31.85 46.73 11.17
CA THR D 491 -32.78 47.17 10.15
C THR D 491 -32.04 47.33 8.81
N GLU D 492 -32.79 47.63 7.76
CA GLU D 492 -32.24 47.67 6.42
C GLU D 492 -31.13 48.73 6.30
N SER D 493 -31.24 49.84 7.00
CA SER D 493 -30.18 50.86 6.97
C SER D 493 -28.84 50.32 7.45
N ASP D 494 -28.87 49.41 8.43
CA ASP D 494 -27.64 48.82 8.97
C ASP D 494 -26.95 47.87 8.00
N ALA D 495 -27.66 47.43 6.97
CA ALA D 495 -27.14 46.44 6.02
C ALA D 495 -26.80 47.03 4.65
N LYS D 496 -26.74 48.35 4.55
CA LYS D 496 -26.31 49.00 3.32
C LYS D 496 -24.78 49.16 3.40
N ILE D 497 -24.06 48.35 2.64
CA ILE D 497 -22.61 48.28 2.77
C ILE D 497 -21.92 48.81 1.53
N THR D 498 -21.02 49.77 1.75
CA THR D 498 -20.03 50.19 0.79
C THR D 498 -18.76 49.43 1.10
N ILE D 499 -18.47 48.41 0.29
CA ILE D 499 -17.30 47.57 0.49
C ILE D 499 -16.02 48.37 0.28
N GLY D 500 -15.03 48.11 1.15
CA GLY D 500 -13.74 48.73 1.05
C GLY D 500 -13.51 49.93 1.96
N LEU D 501 -14.56 50.40 2.63
CA LEU D 501 -14.41 51.48 3.61
C LEU D 501 -13.77 50.99 4.91
N ALA D 502 -14.24 49.85 5.40
CA ALA D 502 -13.65 49.24 6.59
C ALA D 502 -13.56 47.73 6.41
N PRO D 503 -12.54 47.10 6.98
CA PRO D 503 -12.36 45.65 6.81
C PRO D 503 -13.39 44.90 7.66
N ALA D 504 -14.07 43.95 7.03
CA ALA D 504 -15.13 43.18 7.64
C ALA D 504 -15.51 41.97 6.78
N GLU D 505 -16.00 40.92 7.42
CA GLU D 505 -16.64 39.80 6.74
C GLU D 505 -18.14 39.99 6.85
N LEU D 506 -18.84 39.71 5.75
CA LEU D 506 -20.27 39.88 5.68
C LEU D 506 -20.87 38.49 5.59
N VAL D 507 -21.71 38.16 6.55
CA VAL D 507 -22.19 36.79 6.78
C VAL D 507 -23.69 36.76 6.97
N VAL D 508 -24.37 35.86 6.27
CA VAL D 508 -25.75 35.58 6.58
C VAL D 508 -25.75 34.33 7.46
N VAL D 509 -26.32 34.44 8.66
CA VAL D 509 -26.39 33.34 9.60
C VAL D 509 -27.82 32.93 9.92
N ASN D 510 -27.98 31.71 10.39
CA ASN D 510 -29.20 31.30 11.07
C ASN D 510 -28.94 31.32 12.58
N PRO D 511 -29.48 32.31 13.29
CA PRO D 511 -29.22 32.46 14.72
C PRO D 511 -29.83 31.36 15.61
N ASN D 512 -30.74 30.58 15.04
CA ASN D 512 -31.45 29.52 15.77
C ASN D 512 -30.73 28.20 15.70
N ILE D 513 -29.71 28.10 14.84
CA ILE D 513 -29.01 26.86 14.59
C ILE D 513 -27.52 27.06 14.77
N LYS D 514 -26.94 26.31 15.69
CA LYS D 514 -25.52 26.41 16.04
C LYS D 514 -24.81 25.08 15.87
N THR D 515 -23.50 25.14 15.68
CA THR D 515 -22.66 23.95 15.69
C THR D 515 -22.57 23.46 17.11
N ALA D 516 -22.09 22.24 17.26
CA ALA D 516 -21.92 21.65 18.58
C ALA D 516 -21.02 22.50 19.50
N VAL D 517 -20.05 23.22 18.93
CA VAL D 517 -19.22 24.12 19.73
C VAL D 517 -19.87 25.48 19.96
N GLY D 518 -20.94 25.80 19.23
CA GLY D 518 -21.78 26.95 19.55
C GLY D 518 -21.70 28.15 18.60
N ASN D 519 -21.10 27.98 17.43
CA ASN D 519 -21.09 29.05 16.43
C ASN D 519 -22.37 28.98 15.62
N GLU D 520 -22.95 30.13 15.30
CA GLU D 520 -24.10 30.21 14.38
C GLU D 520 -23.71 29.71 12.98
N VAL D 521 -24.56 28.88 12.35
CA VAL D 521 -24.31 28.40 11.00
C VAL D 521 -24.46 29.58 10.03
N GLY D 522 -23.54 29.71 9.09
CA GLY D 522 -23.63 30.80 8.14
C GLY D 522 -22.97 30.61 6.80
N TYR D 523 -23.17 31.58 5.89
CA TYR D 523 -22.43 31.69 4.64
C TYR D 523 -21.90 33.11 4.52
N ARG D 524 -20.69 33.26 3.99
CA ARG D 524 -20.03 34.56 3.86
C ARG D 524 -19.74 34.94 2.41
N LEU D 525 -19.80 36.24 2.13
CA LEU D 525 -19.50 36.79 0.83
C LEU D 525 -18.02 37.14 0.78
N ILE D 526 -17.31 36.59 -0.20
CA ILE D 526 -15.97 37.04 -0.55
C ILE D 526 -16.12 37.73 -1.90
N PRO D 527 -16.13 39.05 -1.90
CA PRO D 527 -16.40 39.81 -3.14
C PRO D 527 -15.13 40.08 -3.96
N ALA D 528 -15.32 40.45 -5.22
CA ALA D 528 -14.25 40.98 -6.05
C ALA D 528 -14.05 42.45 -5.70
N ILE D 529 -12.96 43.01 -6.21
CA ILE D 529 -12.71 44.44 -6.10
C ILE D 529 -14.02 45.15 -6.52
N PRO D 530 -14.57 45.96 -5.62
CA PRO D 530 -15.88 46.57 -5.84
C PRO D 530 -15.84 47.78 -6.77
N ALA D 531 -16.84 47.89 -7.62
CA ALA D 531 -17.05 49.12 -8.36
C ALA D 531 -18.04 49.95 -7.56
N HIS D 532 -17.81 51.26 -7.49
CA HIS D 532 -18.77 52.19 -6.92
C HIS D 532 -19.31 53.14 -8.00
N PRO D 533 -20.54 53.62 -7.88
CA PRO D 533 -21.08 54.61 -8.82
C PRO D 533 -20.20 55.86 -8.90
N LEU D 534 -20.02 56.38 -10.10
CA LEU D 534 -19.25 57.61 -10.32
C LEU D 534 -20.14 58.76 -10.82
N LEU D 535 -21.37 58.45 -11.16
CA LEU D 535 -22.39 59.48 -11.35
C LEU D 535 -22.74 60.11 -10.00
N THR D 536 -23.23 61.34 -10.03
CA THR D 536 -23.75 61.95 -8.81
C THR D 536 -25.11 61.37 -8.46
N GLU D 537 -25.44 61.38 -7.17
CA GLU D 537 -26.65 60.73 -6.65
C GLU D 537 -27.88 61.28 -7.31
N ASP D 538 -27.83 62.57 -7.57
CA ASP D 538 -28.97 63.27 -8.15
C ASP D 538 -29.03 63.19 -9.69
N ASP D 539 -28.06 62.55 -10.34
CA ASP D 539 -28.16 62.43 -11.79
C ASP D 539 -29.33 61.50 -12.14
N TYR D 540 -30.08 61.84 -13.18
CA TYR D 540 -31.33 61.13 -13.49
C TYR D 540 -31.13 59.62 -13.71
N PRO D 541 -30.11 59.21 -14.44
CA PRO D 541 -29.80 57.77 -14.57
C PRO D 541 -29.38 57.13 -13.24
N GLN D 542 -28.73 57.86 -12.33
CA GLN D 542 -28.35 57.31 -11.04
C GLN D 542 -29.51 57.15 -10.10
N ILE D 543 -30.51 58.02 -10.22
CA ILE D 543 -31.74 57.92 -9.45
C ILE D 543 -32.52 56.70 -9.91
N ARG D 544 -32.62 56.52 -11.24
CA ARG D 544 -33.23 55.32 -11.81
C ARG D 544 -32.45 54.05 -11.46
N GLY D 545 -31.13 54.16 -11.42
CA GLY D 545 -30.27 53.05 -11.05
C GLY D 545 -29.75 53.14 -9.62
N ALA D 546 -30.57 53.63 -8.69
CA ALA D 546 -30.13 53.83 -7.30
C ALA D 546 -29.86 52.50 -6.59
N PHE D 547 -30.26 51.39 -7.19
CA PHE D 547 -29.90 50.08 -6.66
C PHE D 547 -28.39 49.85 -6.63
N THR D 548 -27.63 50.61 -7.43
CA THR D 548 -26.14 50.57 -7.41
C THR D 548 -25.48 51.41 -6.32
N ASN D 549 -26.26 52.10 -5.49
CA ASN D 549 -25.71 52.98 -4.47
C ASN D 549 -24.94 52.29 -3.36
N TYR D 550 -25.17 50.99 -3.18
CA TYR D 550 -24.39 50.16 -2.27
C TYR D 550 -23.96 48.82 -2.91
N ASN D 551 -22.86 48.28 -2.43
CA ASN D 551 -22.38 47.00 -2.89
C ASN D 551 -23.19 45.84 -2.35
N VAL D 552 -23.69 45.99 -1.12
CA VAL D 552 -24.53 44.99 -0.50
C VAL D 552 -25.72 45.65 0.14
N TRP D 553 -26.90 45.03 -0.03
CA TRP D 553 -28.10 45.39 0.70
C TRP D 553 -28.72 44.15 1.32
N VAL D 554 -29.48 44.30 2.39
CA VAL D 554 -30.32 43.23 2.89
C VAL D 554 -31.72 43.80 3.20
N THR D 555 -32.74 43.14 2.66
CA THR D 555 -34.13 43.53 2.87
C THR D 555 -34.90 42.38 3.52
N ALA D 556 -36.04 42.69 4.12
CA ALA D 556 -36.98 41.67 4.55
C ALA D 556 -37.59 41.06 3.31
N TYR D 557 -37.72 39.74 3.27
CA TYR D 557 -38.35 39.05 2.15
C TYR D 557 -39.71 39.63 1.88
N ASN D 558 -39.98 39.93 0.61
CA ASN D 558 -41.29 40.41 0.17
C ASN D 558 -41.53 39.96 -1.27
N ARG D 559 -42.57 39.16 -1.48
CA ARG D 559 -42.80 38.53 -2.80
C ARG D 559 -42.83 39.53 -3.97
N THR D 560 -43.34 40.74 -3.74
CA THR D 560 -43.48 41.76 -4.79
C THR D 560 -42.20 42.53 -5.12
N GLU D 561 -41.17 42.42 -4.28
CA GLU D 561 -39.87 43.06 -4.51
C GLU D 561 -38.92 42.12 -5.23
N LYS D 562 -38.93 42.24 -6.57
CA LYS D 562 -38.25 41.32 -7.49
C LYS D 562 -37.20 42.00 -8.36
N TRP D 563 -37.48 43.24 -8.76
CA TRP D 563 -36.74 43.96 -9.80
C TRP D 563 -36.19 45.28 -9.25
N ALA D 564 -34.87 45.35 -9.13
CA ALA D 564 -34.22 46.38 -8.32
C ALA D 564 -34.37 47.79 -8.87
N GLY D 565 -34.55 47.90 -10.17
CA GLY D 565 -34.83 49.18 -10.79
C GLY D 565 -36.31 49.50 -10.96
N GLY D 566 -37.16 48.67 -10.35
CA GLY D 566 -38.60 48.78 -10.45
C GLY D 566 -39.22 47.88 -11.48
N LEU D 567 -40.54 47.71 -11.37
CA LEU D 567 -41.29 46.83 -12.27
C LEU D 567 -41.28 47.38 -13.70
N TYR D 568 -41.42 48.70 -13.82
CA TYR D 568 -41.38 49.35 -15.12
C TYR D 568 -40.16 50.25 -15.26
N VAL D 569 -39.22 49.84 -16.11
CA VAL D 569 -37.93 50.49 -16.15
C VAL D 569 -37.78 51.47 -17.28
N ASP D 570 -38.41 51.23 -18.42
CA ASP D 570 -38.27 52.11 -19.57
C ASP D 570 -38.93 53.48 -19.25
N HIS D 571 -38.15 54.55 -19.33
CA HIS D 571 -38.59 55.91 -18.94
C HIS D 571 -38.99 55.98 -17.46
N SER D 572 -38.38 55.15 -16.61
CA SER D 572 -38.70 55.18 -15.19
C SER D 572 -38.26 56.50 -14.59
N ARG D 573 -38.82 56.82 -13.43
CA ARG D 573 -38.41 58.01 -12.68
C ARG D 573 -37.71 57.60 -11.40
N GLY D 574 -37.54 56.30 -11.20
CA GLY D 574 -36.81 55.82 -10.05
C GLY D 574 -37.56 55.96 -8.73
N ASP D 575 -38.89 55.99 -8.81
CA ASP D 575 -39.77 55.96 -7.64
C ASP D 575 -40.13 54.53 -7.19
N ASP D 576 -39.54 53.52 -7.83
CA ASP D 576 -39.81 52.13 -7.51
C ASP D 576 -38.53 51.26 -7.54
N THR D 577 -37.46 51.75 -6.92
CA THR D 577 -36.21 51.00 -6.83
C THR D 577 -35.93 50.45 -5.44
N LEU D 578 -34.95 49.57 -5.36
CA LEU D 578 -34.46 49.02 -4.10
C LEU D 578 -34.15 50.13 -3.11
N ALA D 579 -33.59 51.24 -3.57
CA ALA D 579 -33.30 52.37 -2.68
C ALA D 579 -34.56 52.90 -2.06
N VAL D 580 -35.61 53.03 -2.86
CA VAL D 580 -36.87 53.55 -2.37
C VAL D 580 -37.52 52.59 -1.39
N TRP D 581 -37.54 51.29 -1.71
CA TRP D 581 -38.17 50.31 -0.83
C TRP D 581 -37.58 50.35 0.58
N THR D 582 -36.26 50.47 0.66
CA THR D 582 -35.56 50.42 1.95
C THR D 582 -35.67 51.69 2.80
N LYS D 583 -36.34 52.72 2.28
CA LYS D 583 -36.69 53.89 3.09
C LYS D 583 -37.66 53.51 4.22
N GLN D 584 -38.46 52.47 4.02
CA GLN D 584 -39.25 51.87 5.10
C GLN D 584 -38.37 51.38 6.28
N ASN D 585 -37.12 51.02 6.00
CA ASN D 585 -36.15 50.64 7.04
C ASN D 585 -36.66 49.54 7.96
N ARG D 586 -37.12 48.46 7.34
CA ARG D 586 -37.76 47.37 8.06
C ARG D 586 -36.75 46.60 8.87
N GLU D 587 -37.25 45.87 9.85
CA GLU D 587 -36.44 45.03 10.71
C GLU D 587 -36.01 43.76 9.94
N ILE D 588 -34.78 43.30 10.17
CA ILE D 588 -34.22 42.17 9.43
C ILE D 588 -33.49 41.19 10.36
N VAL D 589 -33.98 41.05 11.58
CA VAL D 589 -33.35 40.18 12.56
C VAL D 589 -34.17 38.91 12.68
N ASN D 590 -33.50 37.76 12.56
CA ASN D 590 -34.10 36.44 12.75
C ASN D 590 -35.45 36.33 12.07
N LYS D 591 -35.42 36.54 10.76
CA LYS D 591 -36.61 36.44 9.93
C LYS D 591 -36.17 36.17 8.47
N ASP D 592 -37.13 36.00 7.58
CA ASP D 592 -36.82 35.72 6.20
C ASP D 592 -36.26 37.01 5.58
N ILE D 593 -35.00 36.96 5.15
CA ILE D 593 -34.29 38.07 4.56
C ILE D 593 -33.68 37.70 3.23
N VAL D 594 -33.31 38.73 2.48
CA VAL D 594 -32.75 38.59 1.15
C VAL D 594 -31.55 39.51 1.07
N MET D 595 -30.45 39.01 0.50
CA MET D 595 -29.30 39.84 0.22
C MET D 595 -29.32 40.24 -1.24
N TRP D 596 -28.90 41.46 -1.50
CA TRP D 596 -28.71 41.95 -2.85
C TRP D 596 -27.25 42.34 -2.96
N HIS D 597 -26.57 41.91 -4.01
CA HIS D 597 -25.15 42.22 -4.16
C HIS D 597 -24.91 42.79 -5.55
N VAL D 598 -24.36 44.01 -5.58
CA VAL D 598 -24.08 44.74 -6.82
C VAL D 598 -22.62 44.50 -7.20
N VAL D 599 -22.38 43.97 -8.40
CA VAL D 599 -21.02 43.78 -8.90
C VAL D 599 -20.89 44.60 -10.16
N GLY D 600 -19.67 45.02 -10.45
CA GLY D 600 -19.50 45.84 -11.63
C GLY D 600 -18.07 46.20 -11.93
N ILE D 601 -17.88 46.75 -13.13
CA ILE D 601 -16.62 47.28 -13.56
C ILE D 601 -16.81 48.67 -14.17
N HIS D 602 -15.75 49.45 -14.12
CA HIS D 602 -15.59 50.66 -14.90
C HIS D 602 -14.76 50.25 -16.10
N HIS D 603 -15.30 50.50 -17.28
CA HIS D 603 -14.64 50.13 -18.52
C HIS D 603 -14.00 51.33 -19.20
N VAL D 604 -12.68 51.36 -19.14
CA VAL D 604 -11.85 52.29 -19.90
C VAL D 604 -11.33 51.51 -21.12
N PRO D 605 -11.95 51.68 -22.27
CA PRO D 605 -11.58 50.83 -23.42
C PRO D 605 -10.10 50.92 -23.79
N ALA D 606 -9.56 49.79 -24.21
CA ALA D 606 -8.19 49.70 -24.72
C ALA D 606 -8.22 49.07 -26.09
N GLN D 607 -7.12 49.16 -26.81
CA GLN D 607 -7.09 48.72 -28.20
C GLN D 607 -7.29 47.22 -28.33
N GLU D 608 -6.94 46.48 -27.29
CA GLU D 608 -7.15 45.04 -27.25
C GLU D 608 -8.62 44.69 -27.25
N ASP D 609 -9.48 45.63 -26.86
CA ASP D 609 -10.94 45.41 -26.90
C ASP D 609 -11.53 45.48 -28.31
N PHE D 610 -10.71 45.88 -29.28
CA PHE D 610 -11.13 46.18 -30.63
C PHE D 610 -10.52 45.18 -31.60
N PRO D 611 -11.24 44.71 -32.64
CA PRO D 611 -12.65 45.02 -32.92
C PRO D 611 -13.66 44.19 -32.15
N ILE D 612 -13.16 43.22 -31.38
CA ILE D 612 -13.99 42.37 -30.53
C ILE D 612 -13.11 42.07 -29.32
N MET D 613 -13.72 41.94 -28.15
CA MET D 613 -12.96 41.97 -26.90
C MET D 613 -12.74 40.63 -26.21
N PRO D 614 -11.51 40.36 -25.81
CA PRO D 614 -11.21 39.16 -25.04
C PRO D 614 -11.97 39.22 -23.74
N LEU D 615 -12.34 38.03 -23.25
CA LEU D 615 -13.15 37.87 -22.07
C LEU D 615 -12.54 38.56 -20.85
N LEU D 616 -13.36 39.31 -20.11
CA LEU D 616 -12.97 39.84 -18.85
C LEU D 616 -13.86 39.16 -17.82
N SER D 617 -13.25 38.37 -16.95
CA SER D 617 -14.00 37.54 -15.99
C SER D 617 -14.06 38.17 -14.61
N THR D 618 -15.26 38.16 -14.02
CA THR D 618 -15.46 38.57 -12.65
C THR D 618 -16.25 37.51 -11.89
N SER D 619 -16.08 37.50 -10.57
CA SER D 619 -16.62 36.44 -9.72
C SER D 619 -16.75 36.91 -8.31
N PHE D 620 -17.67 36.30 -7.59
CA PHE D 620 -17.60 36.30 -6.14
C PHE D 620 -17.91 34.91 -5.59
N GLU D 621 -17.61 34.70 -4.32
CA GLU D 621 -17.75 33.40 -3.68
C GLU D 621 -18.70 33.48 -2.50
N LEU D 622 -19.60 32.51 -2.40
CA LEU D 622 -20.44 32.33 -1.24
C LEU D 622 -19.91 31.10 -0.51
N ARG D 623 -19.25 31.32 0.60
CA ARG D 623 -18.46 30.29 1.25
C ARG D 623 -19.07 29.91 2.60
N PRO D 624 -19.23 28.61 2.89
CA PRO D 624 -19.81 28.19 4.16
C PRO D 624 -18.89 28.61 5.31
N THR D 625 -19.49 29.13 6.37
CA THR D 625 -18.77 29.76 7.46
C THR D 625 -19.43 29.32 8.77
N ASN D 626 -18.82 28.32 9.40
CA ASN D 626 -19.42 27.59 10.51
C ASN D 626 -20.77 26.94 10.17
N PHE D 627 -21.02 26.74 8.89
CA PHE D 627 -22.22 26.05 8.45
C PHE D 627 -22.11 24.55 8.79
N PHE D 628 -20.93 23.96 8.57
CA PHE D 628 -20.67 22.58 8.93
C PHE D 628 -19.86 22.48 10.20
N GLU D 629 -19.93 21.33 10.86
CA GLU D 629 -19.17 21.12 12.09
C GLU D 629 -17.67 21.14 11.80
N ARG D 630 -17.31 20.67 10.60
CA ARG D 630 -15.93 20.63 10.13
C ARG D 630 -15.88 20.61 8.61
N ASN D 631 -14.69 20.69 8.05
CA ASN D 631 -14.44 20.59 6.61
C ASN D 631 -15.38 19.53 5.97
N PRO D 632 -16.37 19.97 5.19
CA PRO D 632 -17.38 19.02 4.68
C PRO D 632 -16.81 18.05 3.65
N VAL D 633 -15.65 18.38 3.07
CA VAL D 633 -15.02 17.47 2.12
C VAL D 633 -13.79 16.73 2.71
N LEU D 634 -13.76 16.64 4.04
CA LEU D 634 -12.72 15.89 4.74
C LEU D 634 -12.69 14.43 4.30
N LYS D 635 -13.87 13.90 4.02
CA LYS D 635 -14.03 12.50 3.63
C LYS D 635 -14.48 12.36 2.15
N THR D 636 -14.09 13.30 1.31
CA THR D 636 -14.37 13.27 -0.10
C THR D 636 -13.13 12.78 -0.84
N LEU D 637 -13.30 11.73 -1.65
CA LEU D 637 -12.21 11.12 -2.36
C LEU D 637 -12.09 11.77 -3.74
N SER D 638 -10.86 11.93 -4.18
CA SER D 638 -10.57 12.43 -5.50
C SER D 638 -11.17 11.49 -6.55
N PRO D 639 -11.46 11.99 -7.74
CA PRO D 639 -11.88 11.13 -8.84
C PRO D 639 -10.78 10.14 -9.15
N ARG D 640 -11.16 8.90 -9.43
CA ARG D 640 -10.19 7.86 -9.73
C ARG D 640 -9.49 8.19 -11.03
N ASP D 641 -8.20 7.94 -11.11
CA ASP D 641 -7.49 8.22 -12.34
C ASP D 641 -7.49 7.00 -13.27
N VAL D 642 -7.83 7.24 -14.54
CA VAL D 642 -7.88 6.21 -15.57
C VAL D 642 -6.90 6.60 -16.68
N ALA D 643 -6.06 5.67 -17.10
CA ALA D 643 -5.16 5.94 -18.23
C ALA D 643 -5.94 6.01 -19.54
N TRP D 644 -5.52 6.91 -20.43
CA TRP D 644 -5.92 6.93 -21.85
C TRP D 644 -5.89 5.48 -22.36
N PRO D 645 -6.99 5.00 -22.95
CA PRO D 645 -7.05 3.61 -23.44
C PRO D 645 -6.12 3.27 -24.63
N GLY D 646 -5.60 4.27 -25.34
CA GLY D 646 -4.77 4.03 -26.52
C GLY D 646 -5.63 3.93 -27.76
N CYS D 647 -5.09 3.28 -28.79
CA CYS D 647 -5.83 3.01 -30.01
C CYS D 647 -5.70 1.54 -30.41
#